data_2D59
# 
_entry.id   2D59 
# 
_audit_conform.dict_name       mmcif_pdbx.dic 
_audit_conform.dict_version    5.388 
_audit_conform.dict_location   http://mmcif.pdb.org/dictionaries/ascii/mmcif_pdbx.dic 
# 
loop_
_database_2.database_id 
_database_2.database_code 
_database_2.pdbx_database_accession 
_database_2.pdbx_DOI 
PDB   2D59         pdb_00002d59 10.2210/pdb2d59/pdb 
RCSB  RCSB025002   ?            ?                   
WWPDB D_1000025002 ?            ?                   
# 
loop_
_pdbx_audit_revision_history.ordinal 
_pdbx_audit_revision_history.data_content_type 
_pdbx_audit_revision_history.major_revision 
_pdbx_audit_revision_history.minor_revision 
_pdbx_audit_revision_history.revision_date 
1 'Structure model' 1 0 2006-10-31 
2 'Structure model' 1 1 2008-04-30 
3 'Structure model' 1 2 2011-07-13 
4 'Structure model' 1 3 2024-03-13 
# 
_pdbx_audit_revision_details.ordinal             1 
_pdbx_audit_revision_details.revision_ordinal    1 
_pdbx_audit_revision_details.data_content_type   'Structure model' 
_pdbx_audit_revision_details.provider            repository 
_pdbx_audit_revision_details.type                'Initial release' 
_pdbx_audit_revision_details.description         ? 
_pdbx_audit_revision_details.details             ? 
# 
loop_
_pdbx_audit_revision_group.ordinal 
_pdbx_audit_revision_group.revision_ordinal 
_pdbx_audit_revision_group.data_content_type 
_pdbx_audit_revision_group.group 
1 2 'Structure model' 'Version format compliance' 
2 3 'Structure model' 'Source and taxonomy'       
3 3 'Structure model' 'Version format compliance' 
4 4 'Structure model' 'Data collection'           
5 4 'Structure model' 'Database references'       
# 
loop_
_pdbx_audit_revision_category.ordinal 
_pdbx_audit_revision_category.revision_ordinal 
_pdbx_audit_revision_category.data_content_type 
_pdbx_audit_revision_category.category 
1 4 'Structure model' chem_comp_atom 
2 4 'Structure model' chem_comp_bond 
3 4 'Structure model' database_2     
# 
loop_
_pdbx_audit_revision_item.ordinal 
_pdbx_audit_revision_item.revision_ordinal 
_pdbx_audit_revision_item.data_content_type 
_pdbx_audit_revision_item.item 
1 4 'Structure model' '_database_2.pdbx_DOI'                
2 4 'Structure model' '_database_2.pdbx_database_accession' 
# 
_pdbx_database_status.status_code                     REL 
_pdbx_database_status.entry_id                        2D59 
_pdbx_database_status.recvd_initial_deposition_date   2005-10-31 
_pdbx_database_status.deposit_site                    PDBJ 
_pdbx_database_status.process_site                    PDBJ 
_pdbx_database_status.status_code_sf                  REL 
_pdbx_database_status.status_code_mr                  ? 
_pdbx_database_status.SG_entry                        Y 
_pdbx_database_status.pdb_format_compatible           Y 
_pdbx_database_status.status_code_cs                  ? 
_pdbx_database_status.status_code_nmr_data            ? 
_pdbx_database_status.methods_development_category    ? 
# 
loop_
_pdbx_database_related.db_name 
_pdbx_database_related.db_id 
_pdbx_database_related.details 
_pdbx_database_related.content_type 
PDB      2D5A           'PH1109 complexed with COENZYME A' unspecified 
TargetDB pho001001109.1 .                                  unspecified 
# 
loop_
_audit_author.name 
_audit_author.pdbx_ordinal 
'Hiyama, T.B.'                                           1 
'Sekine, S.'                                             2 
'Yokoyama, S.'                                           3 
'RIKEN Structural Genomics/Proteomics Initiative (RSGI)' 4 
# 
_citation.id                        primary 
_citation.title                     'Structural basis of CoA recognition by the Pyrococcus single-domain CoA-binding proteins.' 
_citation.journal_abbrev            J.STRUCT.FUNCT.GENOM. 
_citation.journal_volume            7 
_citation.page_first                119 
_citation.page_last                 129 
_citation.year                      2006 
_citation.journal_id_ASTM           ? 
_citation.country                   NE 
_citation.journal_id_ISSN           1345-711X 
_citation.journal_id_CSD            ? 
_citation.book_publisher            ? 
_citation.pdbx_database_id_PubMed   17342453 
_citation.pdbx_database_id_DOI      10.1007/s10969-007-9015-6 
# 
loop_
_citation_author.citation_id 
_citation_author.name 
_citation_author.ordinal 
_citation_author.identifier_ORCID 
primary 'Hiyama, T.B.'  1  ? 
primary 'Zhao, M.'      2  ? 
primary 'Kitago, Y.'    3  ? 
primary 'Yao, M.'       4  ? 
primary 'Sekine, S.'    5  ? 
primary 'Terada, T.'    6  ? 
primary 'Kuroishi, C.'  7  ? 
primary 'Liu, Z.J.'     8  ? 
primary 'Rose, J.P.'    9  ? 
primary 'Kuramitsu, S.' 10 ? 
primary 'Shirouzu, M.'  11 ? 
primary 'Watanabe, N.'  12 ? 
primary 'Yokoyama, S.'  13 ? 
primary 'Tanaka, I.'    14 ? 
primary 'Wang, B.C.'    15 ? 
# 
loop_
_entity.id 
_entity.type 
_entity.src_method 
_entity.pdbx_description 
_entity.formula_weight 
_entity.pdbx_number_of_molecules 
_entity.pdbx_ec 
_entity.pdbx_mutation 
_entity.pdbx_fragment 
_entity.details 
1 polymer man 'hypothetical protein PH1109' 16747.432 1   ? ? ? ? 
2 water   nat water                         18.015    123 ? ? ? ? 
# 
_entity_poly.entity_id                      1 
_entity_poly.type                           'polypeptide(L)' 
_entity_poly.nstd_linkage                   no 
_entity_poly.nstd_monomer                   no 
_entity_poly.pdbx_seq_one_letter_code       
;MEETRPIDGLTDEDIREILTRYKKIALVGASPKPERDANIVMKYLLEHGYDVYPVNPKYEEVLGRKCYPSVLDIPDKIEV
VDLFVKPKLTMEYVEQAIKKGAKVVWFQYNTYNREASKKADEAGLIIVANRCMMREHERLLGEK
;
_entity_poly.pdbx_seq_one_letter_code_can   
;MEETRPIDGLTDEDIREILTRYKKIALVGASPKPERDANIVMKYLLEHGYDVYPVNPKYEEVLGRKCYPSVLDIPDKIEV
VDLFVKPKLTMEYVEQAIKKGAKVVWFQYNTYNREASKKADEAGLIIVANRCMMREHERLLGEK
;
_entity_poly.pdbx_strand_id                 A 
_entity_poly.pdbx_target_identifier         pho001001109.1 
# 
_pdbx_entity_nonpoly.entity_id   2 
_pdbx_entity_nonpoly.name        water 
_pdbx_entity_nonpoly.comp_id     HOH 
# 
loop_
_entity_poly_seq.entity_id 
_entity_poly_seq.num 
_entity_poly_seq.mon_id 
_entity_poly_seq.hetero 
1 1   MET n 
1 2   GLU n 
1 3   GLU n 
1 4   THR n 
1 5   ARG n 
1 6   PRO n 
1 7   ILE n 
1 8   ASP n 
1 9   GLY n 
1 10  LEU n 
1 11  THR n 
1 12  ASP n 
1 13  GLU n 
1 14  ASP n 
1 15  ILE n 
1 16  ARG n 
1 17  GLU n 
1 18  ILE n 
1 19  LEU n 
1 20  THR n 
1 21  ARG n 
1 22  TYR n 
1 23  LYS n 
1 24  LYS n 
1 25  ILE n 
1 26  ALA n 
1 27  LEU n 
1 28  VAL n 
1 29  GLY n 
1 30  ALA n 
1 31  SER n 
1 32  PRO n 
1 33  LYS n 
1 34  PRO n 
1 35  GLU n 
1 36  ARG n 
1 37  ASP n 
1 38  ALA n 
1 39  ASN n 
1 40  ILE n 
1 41  VAL n 
1 42  MET n 
1 43  LYS n 
1 44  TYR n 
1 45  LEU n 
1 46  LEU n 
1 47  GLU n 
1 48  HIS n 
1 49  GLY n 
1 50  TYR n 
1 51  ASP n 
1 52  VAL n 
1 53  TYR n 
1 54  PRO n 
1 55  VAL n 
1 56  ASN n 
1 57  PRO n 
1 58  LYS n 
1 59  TYR n 
1 60  GLU n 
1 61  GLU n 
1 62  VAL n 
1 63  LEU n 
1 64  GLY n 
1 65  ARG n 
1 66  LYS n 
1 67  CYS n 
1 68  TYR n 
1 69  PRO n 
1 70  SER n 
1 71  VAL n 
1 72  LEU n 
1 73  ASP n 
1 74  ILE n 
1 75  PRO n 
1 76  ASP n 
1 77  LYS n 
1 78  ILE n 
1 79  GLU n 
1 80  VAL n 
1 81  VAL n 
1 82  ASP n 
1 83  LEU n 
1 84  PHE n 
1 85  VAL n 
1 86  LYS n 
1 87  PRO n 
1 88  LYS n 
1 89  LEU n 
1 90  THR n 
1 91  MET n 
1 92  GLU n 
1 93  TYR n 
1 94  VAL n 
1 95  GLU n 
1 96  GLN n 
1 97  ALA n 
1 98  ILE n 
1 99  LYS n 
1 100 LYS n 
1 101 GLY n 
1 102 ALA n 
1 103 LYS n 
1 104 VAL n 
1 105 VAL n 
1 106 TRP n 
1 107 PHE n 
1 108 GLN n 
1 109 TYR n 
1 110 ASN n 
1 111 THR n 
1 112 TYR n 
1 113 ASN n 
1 114 ARG n 
1 115 GLU n 
1 116 ALA n 
1 117 SER n 
1 118 LYS n 
1 119 LYS n 
1 120 ALA n 
1 121 ASP n 
1 122 GLU n 
1 123 ALA n 
1 124 GLY n 
1 125 LEU n 
1 126 ILE n 
1 127 ILE n 
1 128 VAL n 
1 129 ALA n 
1 130 ASN n 
1 131 ARG n 
1 132 CYS n 
1 133 MET n 
1 134 MET n 
1 135 ARG n 
1 136 GLU n 
1 137 HIS n 
1 138 GLU n 
1 139 ARG n 
1 140 LEU n 
1 141 LEU n 
1 142 GLY n 
1 143 GLU n 
1 144 LYS n 
# 
_entity_src_gen.entity_id                          1 
_entity_src_gen.pdbx_src_id                        1 
_entity_src_gen.pdbx_alt_source_flag               sample 
_entity_src_gen.pdbx_seq_type                      ? 
_entity_src_gen.pdbx_beg_seq_num                   ? 
_entity_src_gen.pdbx_end_seq_num                   ? 
_entity_src_gen.gene_src_common_name               ? 
_entity_src_gen.gene_src_genus                     ? 
_entity_src_gen.pdbx_gene_src_gene                 ph1109 
_entity_src_gen.gene_src_species                   ? 
_entity_src_gen.gene_src_strain                    OT3 
_entity_src_gen.gene_src_tissue                    ? 
_entity_src_gen.gene_src_tissue_fraction           ? 
_entity_src_gen.gene_src_details                   ? 
_entity_src_gen.pdbx_gene_src_fragment             ? 
_entity_src_gen.pdbx_gene_src_scientific_name      'Pyrococcus horikoshii' 
_entity_src_gen.pdbx_gene_src_ncbi_taxonomy_id     70601 
_entity_src_gen.pdbx_gene_src_variant              ? 
_entity_src_gen.pdbx_gene_src_cell_line            ? 
_entity_src_gen.pdbx_gene_src_atcc                 ? 
_entity_src_gen.pdbx_gene_src_organ                ? 
_entity_src_gen.pdbx_gene_src_organelle            ? 
_entity_src_gen.pdbx_gene_src_cell                 ? 
_entity_src_gen.pdbx_gene_src_cellular_location    ? 
_entity_src_gen.host_org_common_name               ? 
_entity_src_gen.pdbx_host_org_scientific_name      'Escherichia coli BL21(DE3)' 
_entity_src_gen.pdbx_host_org_ncbi_taxonomy_id     469008 
_entity_src_gen.host_org_genus                     Escherichia 
_entity_src_gen.pdbx_host_org_gene                 ? 
_entity_src_gen.pdbx_host_org_organ                ? 
_entity_src_gen.host_org_species                   'Escherichia coli' 
_entity_src_gen.pdbx_host_org_tissue               ? 
_entity_src_gen.pdbx_host_org_tissue_fraction      ? 
_entity_src_gen.pdbx_host_org_strain               'BL21(DE3)' 
_entity_src_gen.pdbx_host_org_variant              ? 
_entity_src_gen.pdbx_host_org_cell_line            ? 
_entity_src_gen.pdbx_host_org_atcc                 ? 
_entity_src_gen.pdbx_host_org_culture_collection   ? 
_entity_src_gen.pdbx_host_org_cell                 ? 
_entity_src_gen.pdbx_host_org_organelle            ? 
_entity_src_gen.pdbx_host_org_cellular_location    ? 
_entity_src_gen.pdbx_host_org_vector_type          plasmid 
_entity_src_gen.pdbx_host_org_vector               ? 
_entity_src_gen.host_org_details                   ? 
_entity_src_gen.expression_system_id               ? 
_entity_src_gen.plasmid_name                       ? 
_entity_src_gen.plasmid_details                    ? 
_entity_src_gen.pdbx_description                   ? 
# 
loop_
_chem_comp.id 
_chem_comp.type 
_chem_comp.mon_nstd_flag 
_chem_comp.name 
_chem_comp.pdbx_synonyms 
_chem_comp.formula 
_chem_comp.formula_weight 
ALA 'L-peptide linking' y ALANINE         ? 'C3 H7 N O2'     89.093  
ARG 'L-peptide linking' y ARGININE        ? 'C6 H15 N4 O2 1' 175.209 
ASN 'L-peptide linking' y ASPARAGINE      ? 'C4 H8 N2 O3'    132.118 
ASP 'L-peptide linking' y 'ASPARTIC ACID' ? 'C4 H7 N O4'     133.103 
CYS 'L-peptide linking' y CYSTEINE        ? 'C3 H7 N O2 S'   121.158 
GLN 'L-peptide linking' y GLUTAMINE       ? 'C5 H10 N2 O3'   146.144 
GLU 'L-peptide linking' y 'GLUTAMIC ACID' ? 'C5 H9 N O4'     147.129 
GLY 'peptide linking'   y GLYCINE         ? 'C2 H5 N O2'     75.067  
HIS 'L-peptide linking' y HISTIDINE       ? 'C6 H10 N3 O2 1' 156.162 
HOH non-polymer         . WATER           ? 'H2 O'           18.015  
ILE 'L-peptide linking' y ISOLEUCINE      ? 'C6 H13 N O2'    131.173 
LEU 'L-peptide linking' y LEUCINE         ? 'C6 H13 N O2'    131.173 
LYS 'L-peptide linking' y LYSINE          ? 'C6 H15 N2 O2 1' 147.195 
MET 'L-peptide linking' y METHIONINE      ? 'C5 H11 N O2 S'  149.211 
PHE 'L-peptide linking' y PHENYLALANINE   ? 'C9 H11 N O2'    165.189 
PRO 'L-peptide linking' y PROLINE         ? 'C5 H9 N O2'     115.130 
SER 'L-peptide linking' y SERINE          ? 'C3 H7 N O3'     105.093 
THR 'L-peptide linking' y THREONINE       ? 'C4 H9 N O3'     119.119 
TRP 'L-peptide linking' y TRYPTOPHAN      ? 'C11 H12 N2 O2'  204.225 
TYR 'L-peptide linking' y TYROSINE        ? 'C9 H11 N O3'    181.189 
VAL 'L-peptide linking' y VALINE          ? 'C5 H11 N O2'    117.146 
# 
loop_
_pdbx_poly_seq_scheme.asym_id 
_pdbx_poly_seq_scheme.entity_id 
_pdbx_poly_seq_scheme.seq_id 
_pdbx_poly_seq_scheme.mon_id 
_pdbx_poly_seq_scheme.ndb_seq_num 
_pdbx_poly_seq_scheme.pdb_seq_num 
_pdbx_poly_seq_scheme.auth_seq_num 
_pdbx_poly_seq_scheme.pdb_mon_id 
_pdbx_poly_seq_scheme.auth_mon_id 
_pdbx_poly_seq_scheme.pdb_strand_id 
_pdbx_poly_seq_scheme.pdb_ins_code 
_pdbx_poly_seq_scheme.hetero 
A 1 1   MET 1   1   ?   ?   ?   A . n 
A 1 2   GLU 2   2   ?   ?   ?   A . n 
A 1 3   GLU 3   3   ?   ?   ?   A . n 
A 1 4   THR 4   4   4   THR THR A . n 
A 1 5   ARG 5   5   5   ARG ARG A . n 
A 1 6   PRO 6   6   6   PRO PRO A . n 
A 1 7   ILE 7   7   7   ILE ILE A . n 
A 1 8   ASP 8   8   8   ASP ASP A . n 
A 1 9   GLY 9   9   9   GLY GLY A . n 
A 1 10  LEU 10  10  10  LEU LEU A . n 
A 1 11  THR 11  11  11  THR THR A . n 
A 1 12  ASP 12  12  12  ASP ASP A . n 
A 1 13  GLU 13  13  13  GLU GLU A . n 
A 1 14  ASP 14  14  14  ASP ASP A . n 
A 1 15  ILE 15  15  15  ILE ILE A . n 
A 1 16  ARG 16  16  16  ARG ARG A . n 
A 1 17  GLU 17  17  17  GLU GLU A . n 
A 1 18  ILE 18  18  18  ILE ILE A . n 
A 1 19  LEU 19  19  19  LEU LEU A . n 
A 1 20  THR 20  20  20  THR THR A . n 
A 1 21  ARG 21  21  21  ARG ARG A . n 
A 1 22  TYR 22  22  22  TYR TYR A . n 
A 1 23  LYS 23  23  23  LYS LYS A . n 
A 1 24  LYS 24  24  24  LYS LYS A . n 
A 1 25  ILE 25  25  25  ILE ILE A . n 
A 1 26  ALA 26  26  26  ALA ALA A . n 
A 1 27  LEU 27  27  27  LEU LEU A . n 
A 1 28  VAL 28  28  28  VAL VAL A . n 
A 1 29  GLY 29  29  29  GLY GLY A . n 
A 1 30  ALA 30  30  30  ALA ALA A . n 
A 1 31  SER 31  31  31  SER SER A . n 
A 1 32  PRO 32  32  32  PRO PRO A . n 
A 1 33  LYS 33  33  33  LYS LYS A . n 
A 1 34  PRO 34  34  34  PRO PRO A . n 
A 1 35  GLU 35  35  35  GLU GLU A . n 
A 1 36  ARG 36  36  36  ARG ARG A . n 
A 1 37  ASP 37  37  37  ASP ASP A . n 
A 1 38  ALA 38  38  38  ALA ALA A . n 
A 1 39  ASN 39  39  39  ASN ASN A . n 
A 1 40  ILE 40  40  40  ILE ILE A . n 
A 1 41  VAL 41  41  41  VAL VAL A . n 
A 1 42  MET 42  42  42  MET MET A . n 
A 1 43  LYS 43  43  43  LYS LYS A . n 
A 1 44  TYR 44  44  44  TYR TYR A . n 
A 1 45  LEU 45  45  45  LEU LEU A . n 
A 1 46  LEU 46  46  46  LEU LEU A . n 
A 1 47  GLU 47  47  47  GLU GLU A . n 
A 1 48  HIS 48  48  48  HIS HIS A . n 
A 1 49  GLY 49  49  49  GLY GLY A . n 
A 1 50  TYR 50  50  50  TYR TYR A . n 
A 1 51  ASP 51  51  51  ASP ASP A . n 
A 1 52  VAL 52  52  52  VAL VAL A . n 
A 1 53  TYR 53  53  53  TYR TYR A . n 
A 1 54  PRO 54  54  54  PRO PRO A . n 
A 1 55  VAL 55  55  55  VAL VAL A . n 
A 1 56  ASN 56  56  56  ASN ASN A . n 
A 1 57  PRO 57  57  57  PRO PRO A . n 
A 1 58  LYS 58  58  58  LYS LYS A . n 
A 1 59  TYR 59  59  59  TYR TYR A . n 
A 1 60  GLU 60  60  60  GLU GLU A . n 
A 1 61  GLU 61  61  61  GLU GLU A . n 
A 1 62  VAL 62  62  62  VAL VAL A . n 
A 1 63  LEU 63  63  63  LEU LEU A . n 
A 1 64  GLY 64  64  64  GLY GLY A . n 
A 1 65  ARG 65  65  65  ARG ARG A . n 
A 1 66  LYS 66  66  66  LYS LYS A . n 
A 1 67  CYS 67  67  67  CYS CYS A . n 
A 1 68  TYR 68  68  68  TYR TYR A . n 
A 1 69  PRO 69  69  69  PRO PRO A . n 
A 1 70  SER 70  70  70  SER SER A . n 
A 1 71  VAL 71  71  71  VAL VAL A . n 
A 1 72  LEU 72  72  72  LEU LEU A . n 
A 1 73  ASP 73  73  73  ASP ASP A . n 
A 1 74  ILE 74  74  74  ILE ILE A . n 
A 1 75  PRO 75  75  75  PRO PRO A . n 
A 1 76  ASP 76  76  76  ASP ASP A . n 
A 1 77  LYS 77  77  77  LYS LYS A . n 
A 1 78  ILE 78  78  78  ILE ILE A . n 
A 1 79  GLU 79  79  79  GLU GLU A . n 
A 1 80  VAL 80  80  80  VAL VAL A . n 
A 1 81  VAL 81  81  81  VAL VAL A . n 
A 1 82  ASP 82  82  82  ASP ASP A . n 
A 1 83  LEU 83  83  83  LEU LEU A . n 
A 1 84  PHE 84  84  84  PHE PHE A . n 
A 1 85  VAL 85  85  85  VAL VAL A . n 
A 1 86  LYS 86  86  86  LYS LYS A . n 
A 1 87  PRO 87  87  87  PRO PRO A . n 
A 1 88  LYS 88  88  88  LYS LYS A . n 
A 1 89  LEU 89  89  89  LEU LEU A . n 
A 1 90  THR 90  90  90  THR THR A . n 
A 1 91  MET 91  91  91  MET MET A . n 
A 1 92  GLU 92  92  92  GLU GLU A . n 
A 1 93  TYR 93  93  93  TYR TYR A . n 
A 1 94  VAL 94  94  94  VAL VAL A . n 
A 1 95  GLU 95  95  95  GLU GLU A . n 
A 1 96  GLN 96  96  96  GLN GLN A . n 
A 1 97  ALA 97  97  97  ALA ALA A . n 
A 1 98  ILE 98  98  98  ILE ILE A . n 
A 1 99  LYS 99  99  99  LYS LYS A . n 
A 1 100 LYS 100 100 100 LYS LYS A . n 
A 1 101 GLY 101 101 101 GLY GLY A . n 
A 1 102 ALA 102 102 102 ALA ALA A . n 
A 1 103 LYS 103 103 103 LYS LYS A . n 
A 1 104 VAL 104 104 104 VAL VAL A . n 
A 1 105 VAL 105 105 105 VAL VAL A . n 
A 1 106 TRP 106 106 106 TRP TRP A . n 
A 1 107 PHE 107 107 107 PHE PHE A . n 
A 1 108 GLN 108 108 108 GLN GLN A . n 
A 1 109 TYR 109 109 109 TYR TYR A . n 
A 1 110 ASN 110 110 110 ASN ASN A . n 
A 1 111 THR 111 111 111 THR THR A . n 
A 1 112 TYR 112 112 112 TYR TYR A . n 
A 1 113 ASN 113 113 113 ASN ASN A . n 
A 1 114 ARG 114 114 114 ARG ARG A . n 
A 1 115 GLU 115 115 115 GLU GLU A . n 
A 1 116 ALA 116 116 116 ALA ALA A . n 
A 1 117 SER 117 117 117 SER SER A . n 
A 1 118 LYS 118 118 118 LYS LYS A . n 
A 1 119 LYS 119 119 119 LYS LYS A . n 
A 1 120 ALA 120 120 120 ALA ALA A . n 
A 1 121 ASP 121 121 121 ASP ASP A . n 
A 1 122 GLU 122 122 122 GLU GLU A . n 
A 1 123 ALA 123 123 123 ALA ALA A . n 
A 1 124 GLY 124 124 124 GLY GLY A . n 
A 1 125 LEU 125 125 125 LEU LEU A . n 
A 1 126 ILE 126 126 126 ILE ILE A . n 
A 1 127 ILE 127 127 127 ILE ILE A . n 
A 1 128 VAL 128 128 128 VAL VAL A . n 
A 1 129 ALA 129 129 129 ALA ALA A . n 
A 1 130 ASN 130 130 130 ASN ASN A . n 
A 1 131 ARG 131 131 131 ARG ARG A . n 
A 1 132 CYS 132 132 132 CYS CYS A . n 
A 1 133 MET 133 133 133 MET MET A . n 
A 1 134 MET 134 134 134 MET MET A . n 
A 1 135 ARG 135 135 135 ARG ARG A . n 
A 1 136 GLU 136 136 136 GLU GLU A . n 
A 1 137 HIS 137 137 137 HIS HIS A . n 
A 1 138 GLU 138 138 138 GLU GLU A . n 
A 1 139 ARG 139 139 139 ARG ARG A . n 
A 1 140 LEU 140 140 140 LEU LEU A . n 
A 1 141 LEU 141 141 141 LEU LEU A . n 
A 1 142 GLY 142 142 142 GLY GLY A . n 
A 1 143 GLU 143 143 143 GLU GLU A . n 
A 1 144 LYS 144 144 144 LYS LYS A . n 
# 
loop_
_pdbx_nonpoly_scheme.asym_id 
_pdbx_nonpoly_scheme.entity_id 
_pdbx_nonpoly_scheme.mon_id 
_pdbx_nonpoly_scheme.ndb_seq_num 
_pdbx_nonpoly_scheme.pdb_seq_num 
_pdbx_nonpoly_scheme.auth_seq_num 
_pdbx_nonpoly_scheme.pdb_mon_id 
_pdbx_nonpoly_scheme.auth_mon_id 
_pdbx_nonpoly_scheme.pdb_strand_id 
_pdbx_nonpoly_scheme.pdb_ins_code 
B 2 HOH 1   1001 1001 HOH TIP A . 
B 2 HOH 2   1002 1002 HOH TIP A . 
B 2 HOH 3   1003 1003 HOH TIP A . 
B 2 HOH 4   1004 1004 HOH TIP A . 
B 2 HOH 5   1005 1005 HOH TIP A . 
B 2 HOH 6   1006 1006 HOH TIP A . 
B 2 HOH 7   1007 1007 HOH TIP A . 
B 2 HOH 8   1008 1008 HOH TIP A . 
B 2 HOH 9   1009 1009 HOH TIP A . 
B 2 HOH 10  1010 1010 HOH TIP A . 
B 2 HOH 11  1011 1011 HOH TIP A . 
B 2 HOH 12  1012 1012 HOH TIP A . 
B 2 HOH 13  1013 1013 HOH TIP A . 
B 2 HOH 14  1014 1014 HOH TIP A . 
B 2 HOH 15  1015 1015 HOH TIP A . 
B 2 HOH 16  1016 1016 HOH TIP A . 
B 2 HOH 17  1017 1017 HOH TIP A . 
B 2 HOH 18  1018 1018 HOH TIP A . 
B 2 HOH 19  1019 1019 HOH TIP A . 
B 2 HOH 20  1020 1020 HOH TIP A . 
B 2 HOH 21  1021 1021 HOH TIP A . 
B 2 HOH 22  1022 1022 HOH TIP A . 
B 2 HOH 23  1023 1023 HOH TIP A . 
B 2 HOH 24  1024 1024 HOH TIP A . 
B 2 HOH 25  1025 1025 HOH TIP A . 
B 2 HOH 26  1026 1026 HOH TIP A . 
B 2 HOH 27  1027 1027 HOH TIP A . 
B 2 HOH 28  1028 1028 HOH TIP A . 
B 2 HOH 29  1029 1029 HOH TIP A . 
B 2 HOH 30  1030 1030 HOH TIP A . 
B 2 HOH 31  1031 1031 HOH TIP A . 
B 2 HOH 32  1032 1032 HOH TIP A . 
B 2 HOH 33  1033 1033 HOH TIP A . 
B 2 HOH 34  1034 1034 HOH TIP A . 
B 2 HOH 35  1035 1035 HOH TIP A . 
B 2 HOH 36  1036 1036 HOH TIP A . 
B 2 HOH 37  1037 1037 HOH TIP A . 
B 2 HOH 38  1038 1038 HOH TIP A . 
B 2 HOH 39  1039 1039 HOH TIP A . 
B 2 HOH 40  1040 1040 HOH TIP A . 
B 2 HOH 41  1041 1041 HOH TIP A . 
B 2 HOH 42  1042 1042 HOH TIP A . 
B 2 HOH 43  1043 1043 HOH TIP A . 
B 2 HOH 44  1044 1044 HOH TIP A . 
B 2 HOH 45  1045 1045 HOH TIP A . 
B 2 HOH 46  1046 1046 HOH TIP A . 
B 2 HOH 47  1047 1047 HOH TIP A . 
B 2 HOH 48  1048 1048 HOH TIP A . 
B 2 HOH 49  1049 1049 HOH TIP A . 
B 2 HOH 50  1050 1050 HOH TIP A . 
B 2 HOH 51  1051 1051 HOH TIP A . 
B 2 HOH 52  1052 1052 HOH TIP A . 
B 2 HOH 53  1053 1053 HOH TIP A . 
B 2 HOH 54  1054 1054 HOH TIP A . 
B 2 HOH 55  1055 1055 HOH TIP A . 
B 2 HOH 56  1056 1056 HOH TIP A . 
B 2 HOH 57  1057 1057 HOH TIP A . 
B 2 HOH 58  1058 1058 HOH TIP A . 
B 2 HOH 59  1059 1059 HOH TIP A . 
B 2 HOH 60  1060 1060 HOH TIP A . 
B 2 HOH 61  1061 1061 HOH TIP A . 
B 2 HOH 62  1062 1062 HOH TIP A . 
B 2 HOH 63  1063 1063 HOH TIP A . 
B 2 HOH 64  1064 1064 HOH TIP A . 
B 2 HOH 65  1065 1065 HOH TIP A . 
B 2 HOH 66  1066 1066 HOH TIP A . 
B 2 HOH 67  1067 1067 HOH TIP A . 
B 2 HOH 68  1068 1068 HOH TIP A . 
B 2 HOH 69  1069 1069 HOH TIP A . 
B 2 HOH 70  1070 1070 HOH TIP A . 
B 2 HOH 71  1071 1071 HOH TIP A . 
B 2 HOH 72  1072 1072 HOH TIP A . 
B 2 HOH 73  1073 1073 HOH TIP A . 
B 2 HOH 74  1074 1074 HOH TIP A . 
B 2 HOH 75  1075 1075 HOH TIP A . 
B 2 HOH 76  1076 1076 HOH TIP A . 
B 2 HOH 77  1077 1077 HOH TIP A . 
B 2 HOH 78  1078 1078 HOH TIP A . 
B 2 HOH 79  1079 1079 HOH TIP A . 
B 2 HOH 80  1080 1080 HOH TIP A . 
B 2 HOH 81  1081 1081 HOH TIP A . 
B 2 HOH 82  1082 1082 HOH TIP A . 
B 2 HOH 83  1083 1083 HOH TIP A . 
B 2 HOH 84  1084 1084 HOH TIP A . 
B 2 HOH 85  1085 1085 HOH TIP A . 
B 2 HOH 86  1086 1086 HOH TIP A . 
B 2 HOH 87  1087 1087 HOH TIP A . 
B 2 HOH 88  1088 1088 HOH TIP A . 
B 2 HOH 89  1089 1089 HOH TIP A . 
B 2 HOH 90  1090 1090 HOH TIP A . 
B 2 HOH 91  1091 1091 HOH TIP A . 
B 2 HOH 92  1092 1092 HOH TIP A . 
B 2 HOH 93  1093 1093 HOH TIP A . 
B 2 HOH 94  1094 1094 HOH TIP A . 
B 2 HOH 95  1095 1095 HOH TIP A . 
B 2 HOH 96  1096 1096 HOH TIP A . 
B 2 HOH 97  1097 1097 HOH TIP A . 
B 2 HOH 98  1098 1098 HOH TIP A . 
B 2 HOH 99  1099 1099 HOH TIP A . 
B 2 HOH 100 1100 1100 HOH TIP A . 
B 2 HOH 101 1101 1101 HOH TIP A . 
B 2 HOH 102 1102 1102 HOH TIP A . 
B 2 HOH 103 1103 1103 HOH TIP A . 
B 2 HOH 104 1104 1104 HOH TIP A . 
B 2 HOH 105 1105 1105 HOH TIP A . 
B 2 HOH 106 1106 1106 HOH TIP A . 
B 2 HOH 107 1107 1107 HOH TIP A . 
B 2 HOH 108 1108 1108 HOH TIP A . 
B 2 HOH 109 1109 1109 HOH TIP A . 
B 2 HOH 110 1110 1110 HOH TIP A . 
B 2 HOH 111 1111 1111 HOH TIP A . 
B 2 HOH 112 1112 1112 HOH TIP A . 
B 2 HOH 113 1113 1113 HOH TIP A . 
B 2 HOH 114 1114 1114 HOH TIP A . 
B 2 HOH 115 1115 1115 HOH TIP A . 
B 2 HOH 116 1116 1116 HOH TIP A . 
B 2 HOH 117 1117 1117 HOH TIP A . 
B 2 HOH 118 1118 1118 HOH TIP A . 
B 2 HOH 119 1119 1119 HOH TIP A . 
B 2 HOH 120 1120 1120 HOH TIP A . 
B 2 HOH 121 1121 1121 HOH TIP A . 
B 2 HOH 122 1122 1122 HOH TIP A . 
B 2 HOH 123 1123 1123 HOH TIP A . 
# 
loop_
_software.name 
_software.classification 
_software.version 
_software.citation_id 
_software.pdbx_ordinal 
CNS       refinement       1.1 ? 1 
HKL-2000  'data reduction' .   ? 2 
SCALEPACK 'data scaling'   .   ? 3 
MOLREP    phasing          .   ? 4 
# 
_cell.entry_id           2D59 
_cell.length_a           61.758 
_cell.length_b           61.758 
_cell.length_c           61.389 
_cell.angle_alpha        90.00 
_cell.angle_beta         90.00 
_cell.angle_gamma        120.00 
_cell.Z_PDB              6 
_cell.pdbx_unique_axis   ? 
_cell.length_a_esd       ? 
_cell.length_b_esd       ? 
_cell.length_c_esd       ? 
_cell.angle_alpha_esd    ? 
_cell.angle_beta_esd     ? 
_cell.angle_gamma_esd    ? 
# 
_symmetry.entry_id                         2D59 
_symmetry.space_group_name_H-M             'P 31 2 1' 
_symmetry.pdbx_full_space_group_name_H-M   ? 
_symmetry.cell_setting                     ? 
_symmetry.Int_Tables_number                152 
_symmetry.space_group_name_Hall            ? 
# 
_exptl.entry_id          2D59 
_exptl.method            'X-RAY DIFFRACTION' 
_exptl.crystals_number   1 
# 
_exptl_crystal.id                    1 
_exptl_crystal.density_meas          ? 
_exptl_crystal.density_Matthews      2.02 
_exptl_crystal.density_percent_sol   39.02 
_exptl_crystal.description           ? 
_exptl_crystal.F_000                 ? 
_exptl_crystal.preparation           ? 
# 
_exptl_crystal_grow.crystal_id      1 
_exptl_crystal_grow.method          'VAPOR DIFFUSION, SITTING DROP' 
_exptl_crystal_grow.temp            293 
_exptl_crystal_grow.temp_details    ? 
_exptl_crystal_grow.pH              7.5 
_exptl_crystal_grow.pdbx_details    
'30% PEG 4000, 0.1M Tris-HCl,  1M di-ammonium hydrogen citrate, pH 7.5, VAPOR DIFFUSION, SITTING DROP, temperature 293K' 
_exptl_crystal_grow.pdbx_pH_range   . 
# 
_diffrn.id                     1 
_diffrn.ambient_temp           100 
_diffrn.ambient_temp_details   ? 
_diffrn.crystal_id             1 
# 
_diffrn_detector.diffrn_id              1 
_diffrn_detector.detector               CCD 
_diffrn_detector.type                   'ADSC QUANTUM 315' 
_diffrn_detector.pdbx_collection_date   2005-07-25 
_diffrn_detector.details                ? 
# 
_diffrn_radiation.diffrn_id                        1 
_diffrn_radiation.wavelength_id                    1 
_diffrn_radiation.pdbx_monochromatic_or_laue_m_l   M 
_diffrn_radiation.monochromator                    silicon 
_diffrn_radiation.pdbx_diffrn_protocol             'SINGLE WAVELENGTH' 
_diffrn_radiation.pdbx_scattering_type             x-ray 
# 
_diffrn_radiation_wavelength.id           1 
_diffrn_radiation_wavelength.wavelength   1.0 
_diffrn_radiation_wavelength.wt           1.0 
# 
_diffrn_source.diffrn_id                   1 
_diffrn_source.source                      SYNCHROTRON 
_diffrn_source.type                        'SPRING-8 BEAMLINE BL41XU' 
_diffrn_source.pdbx_synchrotron_site       SPring-8 
_diffrn_source.pdbx_synchrotron_beamline   BL41XU 
_diffrn_source.pdbx_wavelength             ? 
_diffrn_source.pdbx_wavelength_list        1.0 
# 
_reflns.entry_id                     2D59 
_reflns.observed_criterion_sigma_I   -3 
_reflns.observed_criterion_sigma_F   ? 
_reflns.d_resolution_low             50.0 
_reflns.d_resolution_high            1.65 
_reflns.number_obs                   16631 
_reflns.number_all                   ? 
_reflns.percent_possible_obs         99.2 
_reflns.pdbx_Rmerge_I_obs            0.057 
_reflns.pdbx_Rsym_value              0.057 
_reflns.pdbx_netI_over_sigmaI        40.861 
_reflns.B_iso_Wilson_estimate        24.8 
_reflns.pdbx_redundancy              4.9 
_reflns.R_free_details               ? 
_reflns.limit_h_max                  ? 
_reflns.limit_h_min                  ? 
_reflns.limit_k_max                  ? 
_reflns.limit_k_min                  ? 
_reflns.limit_l_max                  ? 
_reflns.limit_l_min                  ? 
_reflns.observed_criterion_F_max     ? 
_reflns.observed_criterion_F_min     ? 
_reflns.pdbx_chi_squared             ? 
_reflns.pdbx_scaling_rejects         ? 
_reflns.pdbx_ordinal                 1 
_reflns.pdbx_diffrn_id               1 
# 
_reflns_shell.d_res_high             1.65 
_reflns_shell.d_res_low              1.71 
_reflns_shell.percent_possible_all   96.5 
_reflns_shell.Rmerge_I_obs           0.614 
_reflns_shell.pdbx_Rsym_value        0.614 
_reflns_shell.meanI_over_sigI_obs    3.6 
_reflns_shell.pdbx_redundancy        5.9 
_reflns_shell.percent_possible_obs   ? 
_reflns_shell.number_unique_all      1564 
_reflns_shell.number_measured_all    ? 
_reflns_shell.number_measured_obs    ? 
_reflns_shell.number_unique_obs      ? 
_reflns_shell.pdbx_chi_squared       ? 
_reflns_shell.pdbx_ordinal           1 
_reflns_shell.pdbx_diffrn_id         1 
# 
_refine.entry_id                                 2D59 
_refine.ls_number_reflns_obs                     16264 
_refine.ls_number_reflns_all                     ? 
_refine.pdbx_ls_sigma_I                          ? 
_refine.pdbx_ls_sigma_F                          0.0 
_refine.pdbx_data_cutoff_high_absF               915614.16 
_refine.pdbx_data_cutoff_low_absF                0.000000 
_refine.pdbx_data_cutoff_high_rms_absF           ? 
_refine.ls_d_res_low                             40.33 
_refine.ls_d_res_high                            1.65 
_refine.ls_percent_reflns_obs                    99.5 
_refine.ls_R_factor_obs                          0.212 
_refine.ls_R_factor_all                          ? 
_refine.ls_R_factor_R_work                       0.212 
_refine.ls_R_factor_R_free                       0.239 
_refine.ls_R_factor_R_free_error                 0.008 
_refine.ls_R_factor_R_free_error_details         ? 
_refine.ls_percent_reflns_R_free                 4.9 
_refine.ls_number_reflns_R_free                  817 
_refine.ls_number_parameters                     ? 
_refine.ls_number_restraints                     ? 
_refine.occupancy_min                            ? 
_refine.occupancy_max                            ? 
_refine.correlation_coeff_Fo_to_Fc               ? 
_refine.correlation_coeff_Fo_to_Fc_free          ? 
_refine.B_iso_mean                               28.6 
_refine.aniso_B[1][1]                            2.33 
_refine.aniso_B[2][2]                            2.33 
_refine.aniso_B[3][3]                            -4.67 
_refine.aniso_B[1][2]                            2.01 
_refine.aniso_B[1][3]                            0.00 
_refine.aniso_B[2][3]                            0.00 
_refine.solvent_model_details                    'FLAT MODEL' 
_refine.solvent_model_param_ksol                 0.396119 
_refine.solvent_model_param_bsol                 54.4352 
_refine.pdbx_solvent_vdw_probe_radii             ? 
_refine.pdbx_solvent_ion_probe_radii             ? 
_refine.pdbx_solvent_shrinkage_radii             ? 
_refine.pdbx_ls_cross_valid_method               THROUGHOUT 
_refine.details                                  ? 
_refine.pdbx_starting_model                      ? 
_refine.pdbx_method_to_determine_struct          'MOLECULAR REPLACEMENT' 
_refine.pdbx_isotropic_thermal_model             RESTRAINED 
_refine.pdbx_stereochemistry_target_values       ? 
_refine.pdbx_stereochem_target_val_spec_case     ? 
_refine.pdbx_R_Free_selection_details            RANDOM 
_refine.pdbx_overall_ESU_R                       ? 
_refine.pdbx_overall_ESU_R_Free                  ? 
_refine.overall_SU_ML                            ? 
_refine.overall_SU_B                             ? 
_refine.ls_redundancy_reflns_obs                 ? 
_refine.B_iso_min                                ? 
_refine.B_iso_max                                ? 
_refine.overall_SU_R_Cruickshank_DPI             ? 
_refine.overall_SU_R_free                        ? 
_refine.ls_wR_factor_R_free                      ? 
_refine.ls_wR_factor_R_work                      ? 
_refine.overall_FOM_free_R_set                   ? 
_refine.overall_FOM_work_R_set                   ? 
_refine.pdbx_refine_id                           'X-RAY DIFFRACTION' 
_refine.pdbx_overall_phase_error                 ? 
_refine.pdbx_diffrn_id                           1 
_refine.pdbx_TLS_residual_ADP_flag               ? 
_refine.pdbx_overall_SU_R_free_Cruickshank_DPI   ? 
_refine.pdbx_overall_SU_R_Blow_DPI               ? 
_refine.pdbx_overall_SU_R_free_Blow_DPI          ? 
# 
_refine_analyze.entry_id                        2D59 
_refine_analyze.Luzzati_coordinate_error_obs    0.21 
_refine_analyze.Luzzati_sigma_a_obs             0.14 
_refine_analyze.Luzzati_d_res_low_obs           5.00 
_refine_analyze.Luzzati_coordinate_error_free   0.24 
_refine_analyze.Luzzati_sigma_a_free            0.20 
_refine_analyze.Luzzati_d_res_low_free          ? 
_refine_analyze.number_disordered_residues      ? 
_refine_analyze.occupancy_sum_hydrogen          ? 
_refine_analyze.occupancy_sum_non_hydrogen      ? 
_refine_analyze.pdbx_Luzzati_d_res_high_obs     ? 
_refine_analyze.pdbx_refine_id                  'X-RAY DIFFRACTION' 
# 
_refine_hist.pdbx_refine_id                   'X-RAY DIFFRACTION' 
_refine_hist.cycle_id                         LAST 
_refine_hist.pdbx_number_atoms_protein        1148 
_refine_hist.pdbx_number_atoms_nucleic_acid   0 
_refine_hist.pdbx_number_atoms_ligand         0 
_refine_hist.number_atoms_solvent             123 
_refine_hist.number_atoms_total               1271 
_refine_hist.d_res_high                       1.65 
_refine_hist.d_res_low                        40.33 
# 
loop_
_refine_ls_restr.type 
_refine_ls_restr.dev_ideal 
_refine_ls_restr.dev_ideal_target 
_refine_ls_restr.weight 
_refine_ls_restr.number 
_refine_ls_restr.pdbx_refine_id 
_refine_ls_restr.pdbx_restraint_function 
c_bond_d           0.004 ?    ? ? 'X-RAY DIFFRACTION' ? 
c_angle_deg        1.1   ?    ? ? 'X-RAY DIFFRACTION' ? 
c_dihedral_angle_d 22.5  ?    ? ? 'X-RAY DIFFRACTION' ? 
c_improper_angle_d 0.68  ?    ? ? 'X-RAY DIFFRACTION' ? 
c_mcbond_it        2.31  1.50 ? ? 'X-RAY DIFFRACTION' ? 
c_mcangle_it       3.11  2.00 ? ? 'X-RAY DIFFRACTION' ? 
c_scbond_it        4.03  2.00 ? ? 'X-RAY DIFFRACTION' ? 
c_scangle_it       5.62  2.50 ? ? 'X-RAY DIFFRACTION' ? 
# 
_refine_ls_shell.pdbx_total_number_of_bins_used   6 
_refine_ls_shell.d_res_high                       1.65 
_refine_ls_shell.d_res_low                        1.75 
_refine_ls_shell.number_reflns_R_work             2584 
_refine_ls_shell.R_factor_R_work                  0.261 
_refine_ls_shell.percent_reflns_obs               99.2 
_refine_ls_shell.R_factor_R_free                  0.298 
_refine_ls_shell.R_factor_R_free_error            0.027 
_refine_ls_shell.percent_reflns_R_free            4.5 
_refine_ls_shell.number_reflns_R_free             123 
_refine_ls_shell.number_reflns_all                ? 
_refine_ls_shell.R_factor_all                     ? 
_refine_ls_shell.number_reflns_obs                ? 
_refine_ls_shell.redundancy_reflns_obs            ? 
_refine_ls_shell.pdbx_refine_id                   'X-RAY DIFFRACTION' 
# 
loop_
_pdbx_xplor_file.serial_no 
_pdbx_xplor_file.param_file 
_pdbx_xplor_file.topol_file 
_pdbx_xplor_file.pdbx_refine_id 
1 protein_rep.param protein.top 'X-RAY DIFFRACTION' 
3 water_rep.param   water.top   'X-RAY DIFFRACTION' 
# 
_struct.entry_id                  2D59 
_struct.title                     'hypothetical protein from Pyrococcus horikoshii OT3' 
_struct.pdbx_model_details        ? 
_struct.pdbx_CASP_flag            ? 
_struct.pdbx_model_type_details   ? 
# 
_struct_keywords.entry_id        2D59 
_struct_keywords.pdbx_keywords   'STRUCTURAL GENOMICS, UNKNOWN FUNCTION' 
_struct_keywords.text            
;coa binding, hypothetical protein, Structural Genomics, NPPSFA, National Project on Protein Structural and Functional Analyses, RIKEN Structural Genomics/Proteomics Initiative, RSGI, UNKNOWN FUNCTION
;
# 
loop_
_struct_asym.id 
_struct_asym.pdbx_blank_PDB_chainid_flag 
_struct_asym.pdbx_modified 
_struct_asym.entity_id 
_struct_asym.details 
A N N 1 ? 
B N N 2 ? 
# 
_struct_ref.id                         1 
_struct_ref.db_name                    UNP 
_struct_ref.db_code                    O58836_PYRHO 
_struct_ref.pdbx_db_accession          O58836 
_struct_ref.entity_id                  1 
_struct_ref.pdbx_align_begin           1 
_struct_ref.pdbx_seq_one_letter_code   ? 
_struct_ref.pdbx_db_isoform            ? 
# 
_struct_ref_seq.align_id                      1 
_struct_ref_seq.ref_id                        1 
_struct_ref_seq.pdbx_PDB_id_code              2D59 
_struct_ref_seq.pdbx_strand_id                A 
_struct_ref_seq.seq_align_beg                 1 
_struct_ref_seq.pdbx_seq_align_beg_ins_code   ? 
_struct_ref_seq.seq_align_end                 144 
_struct_ref_seq.pdbx_seq_align_end_ins_code   ? 
_struct_ref_seq.pdbx_db_accession             O58836 
_struct_ref_seq.db_align_beg                  1 
_struct_ref_seq.pdbx_db_align_beg_ins_code    ? 
_struct_ref_seq.db_align_end                  144 
_struct_ref_seq.pdbx_db_align_end_ins_code    ? 
_struct_ref_seq.pdbx_auth_seq_align_beg       1 
_struct_ref_seq.pdbx_auth_seq_align_end       144 
# 
_pdbx_struct_assembly.id                   1 
_pdbx_struct_assembly.details              author_and_software_defined_assembly 
_pdbx_struct_assembly.method_details       PISA 
_pdbx_struct_assembly.oligomeric_details   monomeric 
_pdbx_struct_assembly.oligomeric_count     1 
# 
_pdbx_struct_assembly_gen.assembly_id       1 
_pdbx_struct_assembly_gen.oper_expression   1 
_pdbx_struct_assembly_gen.asym_id_list      A,B 
# 
_pdbx_struct_oper_list.id                   1 
_pdbx_struct_oper_list.type                 'identity operation' 
_pdbx_struct_oper_list.name                 1_555 
_pdbx_struct_oper_list.symmetry_operation   x,y,z 
_pdbx_struct_oper_list.matrix[1][1]         1.0000000000 
_pdbx_struct_oper_list.matrix[1][2]         0.0000000000 
_pdbx_struct_oper_list.matrix[1][3]         0.0000000000 
_pdbx_struct_oper_list.vector[1]            0.0000000000 
_pdbx_struct_oper_list.matrix[2][1]         0.0000000000 
_pdbx_struct_oper_list.matrix[2][2]         1.0000000000 
_pdbx_struct_oper_list.matrix[2][3]         0.0000000000 
_pdbx_struct_oper_list.vector[2]            0.0000000000 
_pdbx_struct_oper_list.matrix[3][1]         0.0000000000 
_pdbx_struct_oper_list.matrix[3][2]         0.0000000000 
_pdbx_struct_oper_list.matrix[3][3]         1.0000000000 
_pdbx_struct_oper_list.vector[3]            0.0000000000 
# 
_struct_biol.id        1 
_struct_biol.details   ? 
# 
loop_
_struct_conf.conf_type_id 
_struct_conf.id 
_struct_conf.pdbx_PDB_helix_id 
_struct_conf.beg_label_comp_id 
_struct_conf.beg_label_asym_id 
_struct_conf.beg_label_seq_id 
_struct_conf.pdbx_beg_PDB_ins_code 
_struct_conf.end_label_comp_id 
_struct_conf.end_label_asym_id 
_struct_conf.end_label_seq_id 
_struct_conf.pdbx_end_PDB_ins_code 
_struct_conf.beg_auth_comp_id 
_struct_conf.beg_auth_asym_id 
_struct_conf.beg_auth_seq_id 
_struct_conf.end_auth_comp_id 
_struct_conf.end_auth_asym_id 
_struct_conf.end_auth_seq_id 
_struct_conf.pdbx_PDB_helix_class 
_struct_conf.details 
_struct_conf.pdbx_PDB_helix_length 
HELX_P HELX_P1 1 THR A 11  ? TYR A 22  ? THR A 11  TYR A 22  1 ? 12 
HELX_P HELX_P2 2 ARG A 36  ? HIS A 48  ? ARG A 36  HIS A 48  1 ? 13 
HELX_P HELX_P3 3 SER A 70  ? ILE A 74  ? SER A 70  ILE A 74  5 ? 5  
HELX_P HELX_P4 4 LYS A 86  ? GLY A 101 ? LYS A 86  GLY A 101 1 ? 16 
HELX_P HELX_P5 5 ASN A 113 ? ALA A 123 ? ASN A 113 ALA A 123 1 ? 11 
HELX_P HELX_P6 6 CYS A 132 ? GLY A 142 ? CYS A 132 GLY A 142 1 ? 11 
# 
_struct_conf_type.id          HELX_P 
_struct_conf_type.criteria    ? 
_struct_conf_type.reference   ? 
# 
loop_
_struct_sheet.id 
_struct_sheet.type 
_struct_sheet.number_strands 
_struct_sheet.details 
A ? 5 ? 
B ? 2 ? 
# 
loop_
_struct_sheet_order.sheet_id 
_struct_sheet_order.range_id_1 
_struct_sheet_order.range_id_2 
_struct_sheet_order.offset 
_struct_sheet_order.sense 
A 1 2 ? parallel      
A 2 3 ? parallel      
A 3 4 ? parallel      
A 4 5 ? parallel      
B 1 2 ? anti-parallel 
# 
loop_
_struct_sheet_range.sheet_id 
_struct_sheet_range.id 
_struct_sheet_range.beg_label_comp_id 
_struct_sheet_range.beg_label_asym_id 
_struct_sheet_range.beg_label_seq_id 
_struct_sheet_range.pdbx_beg_PDB_ins_code 
_struct_sheet_range.end_label_comp_id 
_struct_sheet_range.end_label_asym_id 
_struct_sheet_range.end_label_seq_id 
_struct_sheet_range.pdbx_end_PDB_ins_code 
_struct_sheet_range.beg_auth_comp_id 
_struct_sheet_range.beg_auth_asym_id 
_struct_sheet_range.beg_auth_seq_id 
_struct_sheet_range.end_auth_comp_id 
_struct_sheet_range.end_auth_asym_id 
_struct_sheet_range.end_auth_seq_id 
A 1 ASP A 51  ? VAL A 55  ? ASP A 51  VAL A 55  
A 2 LYS A 24  ? VAL A 28  ? LYS A 24  VAL A 28  
A 3 VAL A 80  ? LEU A 83  ? VAL A 80  LEU A 83  
A 4 VAL A 104 ? PHE A 107 ? VAL A 104 PHE A 107 
A 5 ILE A 126 ? ALA A 129 ? ILE A 126 ALA A 129 
B 1 GLU A 61  ? VAL A 62  ? GLU A 61  VAL A 62  
B 2 ARG A 65  ? LYS A 66  ? ARG A 65  LYS A 66  
# 
loop_
_pdbx_struct_sheet_hbond.sheet_id 
_pdbx_struct_sheet_hbond.range_id_1 
_pdbx_struct_sheet_hbond.range_id_2 
_pdbx_struct_sheet_hbond.range_1_label_atom_id 
_pdbx_struct_sheet_hbond.range_1_label_comp_id 
_pdbx_struct_sheet_hbond.range_1_label_asym_id 
_pdbx_struct_sheet_hbond.range_1_label_seq_id 
_pdbx_struct_sheet_hbond.range_1_PDB_ins_code 
_pdbx_struct_sheet_hbond.range_1_auth_atom_id 
_pdbx_struct_sheet_hbond.range_1_auth_comp_id 
_pdbx_struct_sheet_hbond.range_1_auth_asym_id 
_pdbx_struct_sheet_hbond.range_1_auth_seq_id 
_pdbx_struct_sheet_hbond.range_2_label_atom_id 
_pdbx_struct_sheet_hbond.range_2_label_comp_id 
_pdbx_struct_sheet_hbond.range_2_label_asym_id 
_pdbx_struct_sheet_hbond.range_2_label_seq_id 
_pdbx_struct_sheet_hbond.range_2_PDB_ins_code 
_pdbx_struct_sheet_hbond.range_2_auth_atom_id 
_pdbx_struct_sheet_hbond.range_2_auth_comp_id 
_pdbx_struct_sheet_hbond.range_2_auth_asym_id 
_pdbx_struct_sheet_hbond.range_2_auth_seq_id 
A 1 2 O TYR A 53  ? O TYR A 53  N ILE A 25  ? N ILE A 25  
A 2 3 N ALA A 26  ? N ALA A 26  O VAL A 80  ? O VAL A 80  
A 3 4 N VAL A 81  ? N VAL A 81  O TRP A 106 ? O TRP A 106 
A 4 5 N PHE A 107 ? N PHE A 107 O VAL A 128 ? O VAL A 128 
B 1 2 N VAL A 62  ? N VAL A 62  O ARG A 65  ? O ARG A 65  
# 
loop_
_pdbx_validate_symm_contact.id 
_pdbx_validate_symm_contact.PDB_model_num 
_pdbx_validate_symm_contact.auth_atom_id_1 
_pdbx_validate_symm_contact.auth_asym_id_1 
_pdbx_validate_symm_contact.auth_comp_id_1 
_pdbx_validate_symm_contact.auth_seq_id_1 
_pdbx_validate_symm_contact.PDB_ins_code_1 
_pdbx_validate_symm_contact.label_alt_id_1 
_pdbx_validate_symm_contact.site_symmetry_1 
_pdbx_validate_symm_contact.auth_atom_id_2 
_pdbx_validate_symm_contact.auth_asym_id_2 
_pdbx_validate_symm_contact.auth_comp_id_2 
_pdbx_validate_symm_contact.auth_seq_id_2 
_pdbx_validate_symm_contact.PDB_ins_code_2 
_pdbx_validate_symm_contact.label_alt_id_2 
_pdbx_validate_symm_contact.site_symmetry_2 
_pdbx_validate_symm_contact.dist 
1 1 O A HOH 1080 ? ? 1_555 O A HOH 1080 ? ? 6_765 1.24 
2 1 O A HOH 1110 ? ? 1_555 O A HOH 1110 ? ? 6_766 1.73 
# 
_pdbx_validate_torsion.id              1 
_pdbx_validate_torsion.PDB_model_num   1 
_pdbx_validate_torsion.auth_comp_id    ASN 
_pdbx_validate_torsion.auth_asym_id    A 
_pdbx_validate_torsion.auth_seq_id     56 
_pdbx_validate_torsion.PDB_ins_code    ? 
_pdbx_validate_torsion.label_alt_id    ? 
_pdbx_validate_torsion.phi             -176.05 
_pdbx_validate_torsion.psi             111.56 
# 
_pdbx_SG_project.id                    1 
_pdbx_SG_project.project_name          'NPPSFA, National Project on Protein Structural and Functional Analyses' 
_pdbx_SG_project.full_name_of_center   'RIKEN Structural Genomics/Proteomics Initiative' 
_pdbx_SG_project.initial_of_center     RSGI 
# 
loop_
_pdbx_struct_special_symmetry.id 
_pdbx_struct_special_symmetry.PDB_model_num 
_pdbx_struct_special_symmetry.auth_asym_id 
_pdbx_struct_special_symmetry.auth_comp_id 
_pdbx_struct_special_symmetry.auth_seq_id 
_pdbx_struct_special_symmetry.PDB_ins_code 
_pdbx_struct_special_symmetry.label_asym_id 
_pdbx_struct_special_symmetry.label_comp_id 
_pdbx_struct_special_symmetry.label_seq_id 
1 1 A HOH 1007 ? B HOH . 
2 1 A HOH 1073 ? B HOH . 
3 1 A HOH 1120 ? B HOH . 
# 
loop_
_pdbx_unobs_or_zero_occ_residues.id 
_pdbx_unobs_or_zero_occ_residues.PDB_model_num 
_pdbx_unobs_or_zero_occ_residues.polymer_flag 
_pdbx_unobs_or_zero_occ_residues.occupancy_flag 
_pdbx_unobs_or_zero_occ_residues.auth_asym_id 
_pdbx_unobs_or_zero_occ_residues.auth_comp_id 
_pdbx_unobs_or_zero_occ_residues.auth_seq_id 
_pdbx_unobs_or_zero_occ_residues.PDB_ins_code 
_pdbx_unobs_or_zero_occ_residues.label_asym_id 
_pdbx_unobs_or_zero_occ_residues.label_comp_id 
_pdbx_unobs_or_zero_occ_residues.label_seq_id 
1 1 Y 1 A MET 1 ? A MET 1 
2 1 Y 1 A GLU 2 ? A GLU 2 
3 1 Y 1 A GLU 3 ? A GLU 3 
# 
loop_
_chem_comp_atom.comp_id 
_chem_comp_atom.atom_id 
_chem_comp_atom.type_symbol 
_chem_comp_atom.pdbx_aromatic_flag 
_chem_comp_atom.pdbx_stereo_config 
_chem_comp_atom.pdbx_ordinal 
ALA N    N N N 1   
ALA CA   C N S 2   
ALA C    C N N 3   
ALA O    O N N 4   
ALA CB   C N N 5   
ALA OXT  O N N 6   
ALA H    H N N 7   
ALA H2   H N N 8   
ALA HA   H N N 9   
ALA HB1  H N N 10  
ALA HB2  H N N 11  
ALA HB3  H N N 12  
ALA HXT  H N N 13  
ARG N    N N N 14  
ARG CA   C N S 15  
ARG C    C N N 16  
ARG O    O N N 17  
ARG CB   C N N 18  
ARG CG   C N N 19  
ARG CD   C N N 20  
ARG NE   N N N 21  
ARG CZ   C N N 22  
ARG NH1  N N N 23  
ARG NH2  N N N 24  
ARG OXT  O N N 25  
ARG H    H N N 26  
ARG H2   H N N 27  
ARG HA   H N N 28  
ARG HB2  H N N 29  
ARG HB3  H N N 30  
ARG HG2  H N N 31  
ARG HG3  H N N 32  
ARG HD2  H N N 33  
ARG HD3  H N N 34  
ARG HE   H N N 35  
ARG HH11 H N N 36  
ARG HH12 H N N 37  
ARG HH21 H N N 38  
ARG HH22 H N N 39  
ARG HXT  H N N 40  
ASN N    N N N 41  
ASN CA   C N S 42  
ASN C    C N N 43  
ASN O    O N N 44  
ASN CB   C N N 45  
ASN CG   C N N 46  
ASN OD1  O N N 47  
ASN ND2  N N N 48  
ASN OXT  O N N 49  
ASN H    H N N 50  
ASN H2   H N N 51  
ASN HA   H N N 52  
ASN HB2  H N N 53  
ASN HB3  H N N 54  
ASN HD21 H N N 55  
ASN HD22 H N N 56  
ASN HXT  H N N 57  
ASP N    N N N 58  
ASP CA   C N S 59  
ASP C    C N N 60  
ASP O    O N N 61  
ASP CB   C N N 62  
ASP CG   C N N 63  
ASP OD1  O N N 64  
ASP OD2  O N N 65  
ASP OXT  O N N 66  
ASP H    H N N 67  
ASP H2   H N N 68  
ASP HA   H N N 69  
ASP HB2  H N N 70  
ASP HB3  H N N 71  
ASP HD2  H N N 72  
ASP HXT  H N N 73  
CYS N    N N N 74  
CYS CA   C N R 75  
CYS C    C N N 76  
CYS O    O N N 77  
CYS CB   C N N 78  
CYS SG   S N N 79  
CYS OXT  O N N 80  
CYS H    H N N 81  
CYS H2   H N N 82  
CYS HA   H N N 83  
CYS HB2  H N N 84  
CYS HB3  H N N 85  
CYS HG   H N N 86  
CYS HXT  H N N 87  
GLN N    N N N 88  
GLN CA   C N S 89  
GLN C    C N N 90  
GLN O    O N N 91  
GLN CB   C N N 92  
GLN CG   C N N 93  
GLN CD   C N N 94  
GLN OE1  O N N 95  
GLN NE2  N N N 96  
GLN OXT  O N N 97  
GLN H    H N N 98  
GLN H2   H N N 99  
GLN HA   H N N 100 
GLN HB2  H N N 101 
GLN HB3  H N N 102 
GLN HG2  H N N 103 
GLN HG3  H N N 104 
GLN HE21 H N N 105 
GLN HE22 H N N 106 
GLN HXT  H N N 107 
GLU N    N N N 108 
GLU CA   C N S 109 
GLU C    C N N 110 
GLU O    O N N 111 
GLU CB   C N N 112 
GLU CG   C N N 113 
GLU CD   C N N 114 
GLU OE1  O N N 115 
GLU OE2  O N N 116 
GLU OXT  O N N 117 
GLU H    H N N 118 
GLU H2   H N N 119 
GLU HA   H N N 120 
GLU HB2  H N N 121 
GLU HB3  H N N 122 
GLU HG2  H N N 123 
GLU HG3  H N N 124 
GLU HE2  H N N 125 
GLU HXT  H N N 126 
GLY N    N N N 127 
GLY CA   C N N 128 
GLY C    C N N 129 
GLY O    O N N 130 
GLY OXT  O N N 131 
GLY H    H N N 132 
GLY H2   H N N 133 
GLY HA2  H N N 134 
GLY HA3  H N N 135 
GLY HXT  H N N 136 
HIS N    N N N 137 
HIS CA   C N S 138 
HIS C    C N N 139 
HIS O    O N N 140 
HIS CB   C N N 141 
HIS CG   C Y N 142 
HIS ND1  N Y N 143 
HIS CD2  C Y N 144 
HIS CE1  C Y N 145 
HIS NE2  N Y N 146 
HIS OXT  O N N 147 
HIS H    H N N 148 
HIS H2   H N N 149 
HIS HA   H N N 150 
HIS HB2  H N N 151 
HIS HB3  H N N 152 
HIS HD1  H N N 153 
HIS HD2  H N N 154 
HIS HE1  H N N 155 
HIS HE2  H N N 156 
HIS HXT  H N N 157 
HOH O    O N N 158 
HOH H1   H N N 159 
HOH H2   H N N 160 
ILE N    N N N 161 
ILE CA   C N S 162 
ILE C    C N N 163 
ILE O    O N N 164 
ILE CB   C N S 165 
ILE CG1  C N N 166 
ILE CG2  C N N 167 
ILE CD1  C N N 168 
ILE OXT  O N N 169 
ILE H    H N N 170 
ILE H2   H N N 171 
ILE HA   H N N 172 
ILE HB   H N N 173 
ILE HG12 H N N 174 
ILE HG13 H N N 175 
ILE HG21 H N N 176 
ILE HG22 H N N 177 
ILE HG23 H N N 178 
ILE HD11 H N N 179 
ILE HD12 H N N 180 
ILE HD13 H N N 181 
ILE HXT  H N N 182 
LEU N    N N N 183 
LEU CA   C N S 184 
LEU C    C N N 185 
LEU O    O N N 186 
LEU CB   C N N 187 
LEU CG   C N N 188 
LEU CD1  C N N 189 
LEU CD2  C N N 190 
LEU OXT  O N N 191 
LEU H    H N N 192 
LEU H2   H N N 193 
LEU HA   H N N 194 
LEU HB2  H N N 195 
LEU HB3  H N N 196 
LEU HG   H N N 197 
LEU HD11 H N N 198 
LEU HD12 H N N 199 
LEU HD13 H N N 200 
LEU HD21 H N N 201 
LEU HD22 H N N 202 
LEU HD23 H N N 203 
LEU HXT  H N N 204 
LYS N    N N N 205 
LYS CA   C N S 206 
LYS C    C N N 207 
LYS O    O N N 208 
LYS CB   C N N 209 
LYS CG   C N N 210 
LYS CD   C N N 211 
LYS CE   C N N 212 
LYS NZ   N N N 213 
LYS OXT  O N N 214 
LYS H    H N N 215 
LYS H2   H N N 216 
LYS HA   H N N 217 
LYS HB2  H N N 218 
LYS HB3  H N N 219 
LYS HG2  H N N 220 
LYS HG3  H N N 221 
LYS HD2  H N N 222 
LYS HD3  H N N 223 
LYS HE2  H N N 224 
LYS HE3  H N N 225 
LYS HZ1  H N N 226 
LYS HZ2  H N N 227 
LYS HZ3  H N N 228 
LYS HXT  H N N 229 
MET N    N N N 230 
MET CA   C N S 231 
MET C    C N N 232 
MET O    O N N 233 
MET CB   C N N 234 
MET CG   C N N 235 
MET SD   S N N 236 
MET CE   C N N 237 
MET OXT  O N N 238 
MET H    H N N 239 
MET H2   H N N 240 
MET HA   H N N 241 
MET HB2  H N N 242 
MET HB3  H N N 243 
MET HG2  H N N 244 
MET HG3  H N N 245 
MET HE1  H N N 246 
MET HE2  H N N 247 
MET HE3  H N N 248 
MET HXT  H N N 249 
PHE N    N N N 250 
PHE CA   C N S 251 
PHE C    C N N 252 
PHE O    O N N 253 
PHE CB   C N N 254 
PHE CG   C Y N 255 
PHE CD1  C Y N 256 
PHE CD2  C Y N 257 
PHE CE1  C Y N 258 
PHE CE2  C Y N 259 
PHE CZ   C Y N 260 
PHE OXT  O N N 261 
PHE H    H N N 262 
PHE H2   H N N 263 
PHE HA   H N N 264 
PHE HB2  H N N 265 
PHE HB3  H N N 266 
PHE HD1  H N N 267 
PHE HD2  H N N 268 
PHE HE1  H N N 269 
PHE HE2  H N N 270 
PHE HZ   H N N 271 
PHE HXT  H N N 272 
PRO N    N N N 273 
PRO CA   C N S 274 
PRO C    C N N 275 
PRO O    O N N 276 
PRO CB   C N N 277 
PRO CG   C N N 278 
PRO CD   C N N 279 
PRO OXT  O N N 280 
PRO H    H N N 281 
PRO HA   H N N 282 
PRO HB2  H N N 283 
PRO HB3  H N N 284 
PRO HG2  H N N 285 
PRO HG3  H N N 286 
PRO HD2  H N N 287 
PRO HD3  H N N 288 
PRO HXT  H N N 289 
SER N    N N N 290 
SER CA   C N S 291 
SER C    C N N 292 
SER O    O N N 293 
SER CB   C N N 294 
SER OG   O N N 295 
SER OXT  O N N 296 
SER H    H N N 297 
SER H2   H N N 298 
SER HA   H N N 299 
SER HB2  H N N 300 
SER HB3  H N N 301 
SER HG   H N N 302 
SER HXT  H N N 303 
THR N    N N N 304 
THR CA   C N S 305 
THR C    C N N 306 
THR O    O N N 307 
THR CB   C N R 308 
THR OG1  O N N 309 
THR CG2  C N N 310 
THR OXT  O N N 311 
THR H    H N N 312 
THR H2   H N N 313 
THR HA   H N N 314 
THR HB   H N N 315 
THR HG1  H N N 316 
THR HG21 H N N 317 
THR HG22 H N N 318 
THR HG23 H N N 319 
THR HXT  H N N 320 
TRP N    N N N 321 
TRP CA   C N S 322 
TRP C    C N N 323 
TRP O    O N N 324 
TRP CB   C N N 325 
TRP CG   C Y N 326 
TRP CD1  C Y N 327 
TRP CD2  C Y N 328 
TRP NE1  N Y N 329 
TRP CE2  C Y N 330 
TRP CE3  C Y N 331 
TRP CZ2  C Y N 332 
TRP CZ3  C Y N 333 
TRP CH2  C Y N 334 
TRP OXT  O N N 335 
TRP H    H N N 336 
TRP H2   H N N 337 
TRP HA   H N N 338 
TRP HB2  H N N 339 
TRP HB3  H N N 340 
TRP HD1  H N N 341 
TRP HE1  H N N 342 
TRP HE3  H N N 343 
TRP HZ2  H N N 344 
TRP HZ3  H N N 345 
TRP HH2  H N N 346 
TRP HXT  H N N 347 
TYR N    N N N 348 
TYR CA   C N S 349 
TYR C    C N N 350 
TYR O    O N N 351 
TYR CB   C N N 352 
TYR CG   C Y N 353 
TYR CD1  C Y N 354 
TYR CD2  C Y N 355 
TYR CE1  C Y N 356 
TYR CE2  C Y N 357 
TYR CZ   C Y N 358 
TYR OH   O N N 359 
TYR OXT  O N N 360 
TYR H    H N N 361 
TYR H2   H N N 362 
TYR HA   H N N 363 
TYR HB2  H N N 364 
TYR HB3  H N N 365 
TYR HD1  H N N 366 
TYR HD2  H N N 367 
TYR HE1  H N N 368 
TYR HE2  H N N 369 
TYR HH   H N N 370 
TYR HXT  H N N 371 
VAL N    N N N 372 
VAL CA   C N S 373 
VAL C    C N N 374 
VAL O    O N N 375 
VAL CB   C N N 376 
VAL CG1  C N N 377 
VAL CG2  C N N 378 
VAL OXT  O N N 379 
VAL H    H N N 380 
VAL H2   H N N 381 
VAL HA   H N N 382 
VAL HB   H N N 383 
VAL HG11 H N N 384 
VAL HG12 H N N 385 
VAL HG13 H N N 386 
VAL HG21 H N N 387 
VAL HG22 H N N 388 
VAL HG23 H N N 389 
VAL HXT  H N N 390 
# 
loop_
_chem_comp_bond.comp_id 
_chem_comp_bond.atom_id_1 
_chem_comp_bond.atom_id_2 
_chem_comp_bond.value_order 
_chem_comp_bond.pdbx_aromatic_flag 
_chem_comp_bond.pdbx_stereo_config 
_chem_comp_bond.pdbx_ordinal 
ALA N   CA   sing N N 1   
ALA N   H    sing N N 2   
ALA N   H2   sing N N 3   
ALA CA  C    sing N N 4   
ALA CA  CB   sing N N 5   
ALA CA  HA   sing N N 6   
ALA C   O    doub N N 7   
ALA C   OXT  sing N N 8   
ALA CB  HB1  sing N N 9   
ALA CB  HB2  sing N N 10  
ALA CB  HB3  sing N N 11  
ALA OXT HXT  sing N N 12  
ARG N   CA   sing N N 13  
ARG N   H    sing N N 14  
ARG N   H2   sing N N 15  
ARG CA  C    sing N N 16  
ARG CA  CB   sing N N 17  
ARG CA  HA   sing N N 18  
ARG C   O    doub N N 19  
ARG C   OXT  sing N N 20  
ARG CB  CG   sing N N 21  
ARG CB  HB2  sing N N 22  
ARG CB  HB3  sing N N 23  
ARG CG  CD   sing N N 24  
ARG CG  HG2  sing N N 25  
ARG CG  HG3  sing N N 26  
ARG CD  NE   sing N N 27  
ARG CD  HD2  sing N N 28  
ARG CD  HD3  sing N N 29  
ARG NE  CZ   sing N N 30  
ARG NE  HE   sing N N 31  
ARG CZ  NH1  sing N N 32  
ARG CZ  NH2  doub N N 33  
ARG NH1 HH11 sing N N 34  
ARG NH1 HH12 sing N N 35  
ARG NH2 HH21 sing N N 36  
ARG NH2 HH22 sing N N 37  
ARG OXT HXT  sing N N 38  
ASN N   CA   sing N N 39  
ASN N   H    sing N N 40  
ASN N   H2   sing N N 41  
ASN CA  C    sing N N 42  
ASN CA  CB   sing N N 43  
ASN CA  HA   sing N N 44  
ASN C   O    doub N N 45  
ASN C   OXT  sing N N 46  
ASN CB  CG   sing N N 47  
ASN CB  HB2  sing N N 48  
ASN CB  HB3  sing N N 49  
ASN CG  OD1  doub N N 50  
ASN CG  ND2  sing N N 51  
ASN ND2 HD21 sing N N 52  
ASN ND2 HD22 sing N N 53  
ASN OXT HXT  sing N N 54  
ASP N   CA   sing N N 55  
ASP N   H    sing N N 56  
ASP N   H2   sing N N 57  
ASP CA  C    sing N N 58  
ASP CA  CB   sing N N 59  
ASP CA  HA   sing N N 60  
ASP C   O    doub N N 61  
ASP C   OXT  sing N N 62  
ASP CB  CG   sing N N 63  
ASP CB  HB2  sing N N 64  
ASP CB  HB3  sing N N 65  
ASP CG  OD1  doub N N 66  
ASP CG  OD2  sing N N 67  
ASP OD2 HD2  sing N N 68  
ASP OXT HXT  sing N N 69  
CYS N   CA   sing N N 70  
CYS N   H    sing N N 71  
CYS N   H2   sing N N 72  
CYS CA  C    sing N N 73  
CYS CA  CB   sing N N 74  
CYS CA  HA   sing N N 75  
CYS C   O    doub N N 76  
CYS C   OXT  sing N N 77  
CYS CB  SG   sing N N 78  
CYS CB  HB2  sing N N 79  
CYS CB  HB3  sing N N 80  
CYS SG  HG   sing N N 81  
CYS OXT HXT  sing N N 82  
GLN N   CA   sing N N 83  
GLN N   H    sing N N 84  
GLN N   H2   sing N N 85  
GLN CA  C    sing N N 86  
GLN CA  CB   sing N N 87  
GLN CA  HA   sing N N 88  
GLN C   O    doub N N 89  
GLN C   OXT  sing N N 90  
GLN CB  CG   sing N N 91  
GLN CB  HB2  sing N N 92  
GLN CB  HB3  sing N N 93  
GLN CG  CD   sing N N 94  
GLN CG  HG2  sing N N 95  
GLN CG  HG3  sing N N 96  
GLN CD  OE1  doub N N 97  
GLN CD  NE2  sing N N 98  
GLN NE2 HE21 sing N N 99  
GLN NE2 HE22 sing N N 100 
GLN OXT HXT  sing N N 101 
GLU N   CA   sing N N 102 
GLU N   H    sing N N 103 
GLU N   H2   sing N N 104 
GLU CA  C    sing N N 105 
GLU CA  CB   sing N N 106 
GLU CA  HA   sing N N 107 
GLU C   O    doub N N 108 
GLU C   OXT  sing N N 109 
GLU CB  CG   sing N N 110 
GLU CB  HB2  sing N N 111 
GLU CB  HB3  sing N N 112 
GLU CG  CD   sing N N 113 
GLU CG  HG2  sing N N 114 
GLU CG  HG3  sing N N 115 
GLU CD  OE1  doub N N 116 
GLU CD  OE2  sing N N 117 
GLU OE2 HE2  sing N N 118 
GLU OXT HXT  sing N N 119 
GLY N   CA   sing N N 120 
GLY N   H    sing N N 121 
GLY N   H2   sing N N 122 
GLY CA  C    sing N N 123 
GLY CA  HA2  sing N N 124 
GLY CA  HA3  sing N N 125 
GLY C   O    doub N N 126 
GLY C   OXT  sing N N 127 
GLY OXT HXT  sing N N 128 
HIS N   CA   sing N N 129 
HIS N   H    sing N N 130 
HIS N   H2   sing N N 131 
HIS CA  C    sing N N 132 
HIS CA  CB   sing N N 133 
HIS CA  HA   sing N N 134 
HIS C   O    doub N N 135 
HIS C   OXT  sing N N 136 
HIS CB  CG   sing N N 137 
HIS CB  HB2  sing N N 138 
HIS CB  HB3  sing N N 139 
HIS CG  ND1  sing Y N 140 
HIS CG  CD2  doub Y N 141 
HIS ND1 CE1  doub Y N 142 
HIS ND1 HD1  sing N N 143 
HIS CD2 NE2  sing Y N 144 
HIS CD2 HD2  sing N N 145 
HIS CE1 NE2  sing Y N 146 
HIS CE1 HE1  sing N N 147 
HIS NE2 HE2  sing N N 148 
HIS OXT HXT  sing N N 149 
HOH O   H1   sing N N 150 
HOH O   H2   sing N N 151 
ILE N   CA   sing N N 152 
ILE N   H    sing N N 153 
ILE N   H2   sing N N 154 
ILE CA  C    sing N N 155 
ILE CA  CB   sing N N 156 
ILE CA  HA   sing N N 157 
ILE C   O    doub N N 158 
ILE C   OXT  sing N N 159 
ILE CB  CG1  sing N N 160 
ILE CB  CG2  sing N N 161 
ILE CB  HB   sing N N 162 
ILE CG1 CD1  sing N N 163 
ILE CG1 HG12 sing N N 164 
ILE CG1 HG13 sing N N 165 
ILE CG2 HG21 sing N N 166 
ILE CG2 HG22 sing N N 167 
ILE CG2 HG23 sing N N 168 
ILE CD1 HD11 sing N N 169 
ILE CD1 HD12 sing N N 170 
ILE CD1 HD13 sing N N 171 
ILE OXT HXT  sing N N 172 
LEU N   CA   sing N N 173 
LEU N   H    sing N N 174 
LEU N   H2   sing N N 175 
LEU CA  C    sing N N 176 
LEU CA  CB   sing N N 177 
LEU CA  HA   sing N N 178 
LEU C   O    doub N N 179 
LEU C   OXT  sing N N 180 
LEU CB  CG   sing N N 181 
LEU CB  HB2  sing N N 182 
LEU CB  HB3  sing N N 183 
LEU CG  CD1  sing N N 184 
LEU CG  CD2  sing N N 185 
LEU CG  HG   sing N N 186 
LEU CD1 HD11 sing N N 187 
LEU CD1 HD12 sing N N 188 
LEU CD1 HD13 sing N N 189 
LEU CD2 HD21 sing N N 190 
LEU CD2 HD22 sing N N 191 
LEU CD2 HD23 sing N N 192 
LEU OXT HXT  sing N N 193 
LYS N   CA   sing N N 194 
LYS N   H    sing N N 195 
LYS N   H2   sing N N 196 
LYS CA  C    sing N N 197 
LYS CA  CB   sing N N 198 
LYS CA  HA   sing N N 199 
LYS C   O    doub N N 200 
LYS C   OXT  sing N N 201 
LYS CB  CG   sing N N 202 
LYS CB  HB2  sing N N 203 
LYS CB  HB3  sing N N 204 
LYS CG  CD   sing N N 205 
LYS CG  HG2  sing N N 206 
LYS CG  HG3  sing N N 207 
LYS CD  CE   sing N N 208 
LYS CD  HD2  sing N N 209 
LYS CD  HD3  sing N N 210 
LYS CE  NZ   sing N N 211 
LYS CE  HE2  sing N N 212 
LYS CE  HE3  sing N N 213 
LYS NZ  HZ1  sing N N 214 
LYS NZ  HZ2  sing N N 215 
LYS NZ  HZ3  sing N N 216 
LYS OXT HXT  sing N N 217 
MET N   CA   sing N N 218 
MET N   H    sing N N 219 
MET N   H2   sing N N 220 
MET CA  C    sing N N 221 
MET CA  CB   sing N N 222 
MET CA  HA   sing N N 223 
MET C   O    doub N N 224 
MET C   OXT  sing N N 225 
MET CB  CG   sing N N 226 
MET CB  HB2  sing N N 227 
MET CB  HB3  sing N N 228 
MET CG  SD   sing N N 229 
MET CG  HG2  sing N N 230 
MET CG  HG3  sing N N 231 
MET SD  CE   sing N N 232 
MET CE  HE1  sing N N 233 
MET CE  HE2  sing N N 234 
MET CE  HE3  sing N N 235 
MET OXT HXT  sing N N 236 
PHE N   CA   sing N N 237 
PHE N   H    sing N N 238 
PHE N   H2   sing N N 239 
PHE CA  C    sing N N 240 
PHE CA  CB   sing N N 241 
PHE CA  HA   sing N N 242 
PHE C   O    doub N N 243 
PHE C   OXT  sing N N 244 
PHE CB  CG   sing N N 245 
PHE CB  HB2  sing N N 246 
PHE CB  HB3  sing N N 247 
PHE CG  CD1  doub Y N 248 
PHE CG  CD2  sing Y N 249 
PHE CD1 CE1  sing Y N 250 
PHE CD1 HD1  sing N N 251 
PHE CD2 CE2  doub Y N 252 
PHE CD2 HD2  sing N N 253 
PHE CE1 CZ   doub Y N 254 
PHE CE1 HE1  sing N N 255 
PHE CE2 CZ   sing Y N 256 
PHE CE2 HE2  sing N N 257 
PHE CZ  HZ   sing N N 258 
PHE OXT HXT  sing N N 259 
PRO N   CA   sing N N 260 
PRO N   CD   sing N N 261 
PRO N   H    sing N N 262 
PRO CA  C    sing N N 263 
PRO CA  CB   sing N N 264 
PRO CA  HA   sing N N 265 
PRO C   O    doub N N 266 
PRO C   OXT  sing N N 267 
PRO CB  CG   sing N N 268 
PRO CB  HB2  sing N N 269 
PRO CB  HB3  sing N N 270 
PRO CG  CD   sing N N 271 
PRO CG  HG2  sing N N 272 
PRO CG  HG3  sing N N 273 
PRO CD  HD2  sing N N 274 
PRO CD  HD3  sing N N 275 
PRO OXT HXT  sing N N 276 
SER N   CA   sing N N 277 
SER N   H    sing N N 278 
SER N   H2   sing N N 279 
SER CA  C    sing N N 280 
SER CA  CB   sing N N 281 
SER CA  HA   sing N N 282 
SER C   O    doub N N 283 
SER C   OXT  sing N N 284 
SER CB  OG   sing N N 285 
SER CB  HB2  sing N N 286 
SER CB  HB3  sing N N 287 
SER OG  HG   sing N N 288 
SER OXT HXT  sing N N 289 
THR N   CA   sing N N 290 
THR N   H    sing N N 291 
THR N   H2   sing N N 292 
THR CA  C    sing N N 293 
THR CA  CB   sing N N 294 
THR CA  HA   sing N N 295 
THR C   O    doub N N 296 
THR C   OXT  sing N N 297 
THR CB  OG1  sing N N 298 
THR CB  CG2  sing N N 299 
THR CB  HB   sing N N 300 
THR OG1 HG1  sing N N 301 
THR CG2 HG21 sing N N 302 
THR CG2 HG22 sing N N 303 
THR CG2 HG23 sing N N 304 
THR OXT HXT  sing N N 305 
TRP N   CA   sing N N 306 
TRP N   H    sing N N 307 
TRP N   H2   sing N N 308 
TRP CA  C    sing N N 309 
TRP CA  CB   sing N N 310 
TRP CA  HA   sing N N 311 
TRP C   O    doub N N 312 
TRP C   OXT  sing N N 313 
TRP CB  CG   sing N N 314 
TRP CB  HB2  sing N N 315 
TRP CB  HB3  sing N N 316 
TRP CG  CD1  doub Y N 317 
TRP CG  CD2  sing Y N 318 
TRP CD1 NE1  sing Y N 319 
TRP CD1 HD1  sing N N 320 
TRP CD2 CE2  doub Y N 321 
TRP CD2 CE3  sing Y N 322 
TRP NE1 CE2  sing Y N 323 
TRP NE1 HE1  sing N N 324 
TRP CE2 CZ2  sing Y N 325 
TRP CE3 CZ3  doub Y N 326 
TRP CE3 HE3  sing N N 327 
TRP CZ2 CH2  doub Y N 328 
TRP CZ2 HZ2  sing N N 329 
TRP CZ3 CH2  sing Y N 330 
TRP CZ3 HZ3  sing N N 331 
TRP CH2 HH2  sing N N 332 
TRP OXT HXT  sing N N 333 
TYR N   CA   sing N N 334 
TYR N   H    sing N N 335 
TYR N   H2   sing N N 336 
TYR CA  C    sing N N 337 
TYR CA  CB   sing N N 338 
TYR CA  HA   sing N N 339 
TYR C   O    doub N N 340 
TYR C   OXT  sing N N 341 
TYR CB  CG   sing N N 342 
TYR CB  HB2  sing N N 343 
TYR CB  HB3  sing N N 344 
TYR CG  CD1  doub Y N 345 
TYR CG  CD2  sing Y N 346 
TYR CD1 CE1  sing Y N 347 
TYR CD1 HD1  sing N N 348 
TYR CD2 CE2  doub Y N 349 
TYR CD2 HD2  sing N N 350 
TYR CE1 CZ   doub Y N 351 
TYR CE1 HE1  sing N N 352 
TYR CE2 CZ   sing Y N 353 
TYR CE2 HE2  sing N N 354 
TYR CZ  OH   sing N N 355 
TYR OH  HH   sing N N 356 
TYR OXT HXT  sing N N 357 
VAL N   CA   sing N N 358 
VAL N   H    sing N N 359 
VAL N   H2   sing N N 360 
VAL CA  C    sing N N 361 
VAL CA  CB   sing N N 362 
VAL CA  HA   sing N N 363 
VAL C   O    doub N N 364 
VAL C   OXT  sing N N 365 
VAL CB  CG1  sing N N 366 
VAL CB  CG2  sing N N 367 
VAL CB  HB   sing N N 368 
VAL CG1 HG11 sing N N 369 
VAL CG1 HG12 sing N N 370 
VAL CG1 HG13 sing N N 371 
VAL CG2 HG21 sing N N 372 
VAL CG2 HG22 sing N N 373 
VAL CG2 HG23 sing N N 374 
VAL OXT HXT  sing N N 375 
# 
_atom_sites.entry_id                    2D59 
_atom_sites.fract_transf_matrix[1][1]   -0.00052997 
_atom_sites.fract_transf_matrix[1][2]   0.01861635 
_atom_sites.fract_transf_matrix[1][3]   0.00165387 
_atom_sites.fract_transf_matrix[2][1]   0.01228989 
_atom_sites.fract_transf_matrix[2][2]   0.01056737 
_atom_sites.fract_transf_matrix[2][3]   -0.00932025 
_atom_sites.fract_transf_matrix[3][1]   -0.01027662 
_atom_sites.fract_transf_matrix[3][2]   0.00082792 
_atom_sites.fract_transf_matrix[3][3]   -0.01261229 
_atom_sites.fract_transf_vector[1]      0.980070 
_atom_sites.fract_transf_vector[2]      0.665529 
_atom_sites.fract_transf_vector[3]      0.422089 
# 
loop_
_atom_type.symbol 
C 
N 
O 
S 
# 
loop_
_atom_site.group_PDB 
_atom_site.id 
_atom_site.type_symbol 
_atom_site.label_atom_id 
_atom_site.label_alt_id 
_atom_site.label_comp_id 
_atom_site.label_asym_id 
_atom_site.label_entity_id 
_atom_site.label_seq_id 
_atom_site.pdbx_PDB_ins_code 
_atom_site.Cartn_x 
_atom_site.Cartn_y 
_atom_site.Cartn_z 
_atom_site.occupancy 
_atom_site.B_iso_or_equiv 
_atom_site.pdbx_formal_charge 
_atom_site.auth_seq_id 
_atom_site.auth_comp_id 
_atom_site.auth_asym_id 
_atom_site.auth_atom_id 
_atom_site.pdbx_PDB_model_num 
ATOM   1    N N   . THR A 1 4   ? 1.403   5.223   17.721  1.00 52.04 ? 4    THR A N   1 
ATOM   2    C CA  . THR A 1 4   ? 1.739   4.829   16.324  1.00 48.12 ? 4    THR A CA  1 
ATOM   3    C C   . THR A 1 4   ? 2.505   5.935   15.604  1.00 42.98 ? 4    THR A C   1 
ATOM   4    O O   . THR A 1 4   ? 1.961   6.622   14.739  1.00 46.25 ? 4    THR A O   1 
ATOM   5    C CB  . THR A 1 4   ? 0.465   4.505   15.518  1.00 53.88 ? 4    THR A CB  1 
ATOM   6    O OG1 . THR A 1 4   ? -0.417  5.635   15.538  1.00 55.84 ? 4    THR A OG1 1 
ATOM   7    C CG2 . THR A 1 4   ? -0.247  3.300   16.111  1.00 56.80 ? 4    THR A CG2 1 
ATOM   8    N N   . ARG A 1 5   ? 3.773   6.098   15.966  1.00 35.68 ? 5    ARG A N   1 
ATOM   9    C CA  . ARG A 1 5   ? 4.621   7.122   15.367  1.00 32.56 ? 5    ARG A CA  1 
ATOM   10   C C   . ARG A 1 5   ? 5.184   6.669   14.023  1.00 29.04 ? 5    ARG A C   1 
ATOM   11   O O   . ARG A 1 5   ? 5.585   5.516   13.866  1.00 31.30 ? 5    ARG A O   1 
ATOM   12   C CB  . ARG A 1 5   ? 5.785   7.453   16.304  1.00 33.64 ? 5    ARG A CB  1 
ATOM   13   C CG  . ARG A 1 5   ? 5.375   7.908   17.695  1.00 36.06 ? 5    ARG A CG  1 
ATOM   14   C CD  . ARG A 1 5   ? 6.568   7.881   18.638  1.00 37.71 ? 5    ARG A CD  1 
ATOM   15   N NE  . ARG A 1 5   ? 6.226   8.319   19.989  1.00 41.96 ? 5    ARG A NE  1 
ATOM   16   C CZ  . ARG A 1 5   ? 5.899   9.566   20.311  1.00 44.73 ? 5    ARG A CZ  1 
ATOM   17   N NH1 . ARG A 1 5   ? 5.869   10.510  19.379  1.00 42.54 ? 5    ARG A NH1 1 
ATOM   18   N NH2 . ARG A 1 5   ? 5.604   9.869   21.567  1.00 43.25 ? 5    ARG A NH2 1 
ATOM   19   N N   . PRO A 1 6   ? 5.221   7.575   13.033  1.00 26.45 ? 6    PRO A N   1 
ATOM   20   C CA  . PRO A 1 6   ? 5.752   7.230   11.712  1.00 24.64 ? 6    PRO A CA  1 
ATOM   21   C C   . PRO A 1 6   ? 7.205   6.771   11.810  1.00 23.74 ? 6    PRO A C   1 
ATOM   22   O O   . PRO A 1 6   ? 7.981   7.290   12.616  1.00 24.27 ? 6    PRO A O   1 
ATOM   23   C CB  . PRO A 1 6   ? 5.620   8.538   10.935  1.00 23.65 ? 6    PRO A CB  1 
ATOM   24   C CG  . PRO A 1 6   ? 4.421   9.177   11.557  1.00 25.18 ? 6    PRO A CG  1 
ATOM   25   C CD  . PRO A 1 6   ? 4.649   8.933   13.028  1.00 26.73 ? 6    PRO A CD  1 
ATOM   26   N N   . ILE A 1 7   ? 7.563   5.795   10.986  1.00 19.40 ? 7    ILE A N   1 
ATOM   27   C CA  . ILE A 1 7   ? 8.920   5.267   10.961  1.00 18.91 ? 7    ILE A CA  1 
ATOM   28   C C   . ILE A 1 7   ? 9.744   6.019   9.919   1.00 20.68 ? 7    ILE A C   1 
ATOM   29   O O   . ILE A 1 7   ? 10.956  6.175   10.067  1.00 23.27 ? 7    ILE A O   1 
ATOM   30   C CB  . ILE A 1 7   ? 8.897   3.755   10.643  1.00 22.66 ? 7    ILE A CB  1 
ATOM   31   C CG1 . ILE A 1 7   ? 8.526   2.985   11.911  1.00 19.66 ? 7    ILE A CG1 1 
ATOM   32   C CG2 . ILE A 1 7   ? 10.233  3.291   10.092  1.00 23.69 ? 7    ILE A CG2 1 
ATOM   33   C CD1 . ILE A 1 7   ? 8.316   1.505   11.688  1.00 17.40 ? 7    ILE A CD1 1 
ATOM   34   N N   . ASP A 1 8   ? 9.080   6.493   8.869   1.00 19.94 ? 8    ASP A N   1 
ATOM   35   C CA  . ASP A 1 8   ? 9.769   7.247   7.827   1.00 21.19 ? 8    ASP A CA  1 
ATOM   36   C C   . ASP A 1 8   ? 9.992   8.675   8.320   1.00 24.25 ? 8    ASP A C   1 
ATOM   37   O O   . ASP A 1 8   ? 9.419   9.084   9.331   1.00 27.18 ? 8    ASP A O   1 
ATOM   38   C CB  . ASP A 1 8   ? 8.940   7.266   6.539   1.00 20.22 ? 8    ASP A CB  1 
ATOM   39   C CG  . ASP A 1 8   ? 7.617   7.975   6.712   1.00 23.14 ? 8    ASP A CG  1 
ATOM   40   O OD1 . ASP A 1 8   ? 6.580   7.293   6.867   1.00 19.20 ? 8    ASP A OD1 1 
ATOM   41   O OD2 . ASP A 1 8   ? 7.612   9.224   6.703   1.00 23.11 ? 8    ASP A OD2 1 
ATOM   42   N N   . GLY A 1 9   ? 10.821  9.432   7.606   1.00 26.77 ? 9    GLY A N   1 
ATOM   43   C CA  . GLY A 1 9   ? 11.094  10.801  8.007   1.00 27.33 ? 9    GLY A CA  1 
ATOM   44   C C   . GLY A 1 9   ? 10.437  11.848  7.126   1.00 26.49 ? 9    GLY A C   1 
ATOM   45   O O   . GLY A 1 9   ? 10.787  13.027  7.183   1.00 31.89 ? 9    GLY A O   1 
ATOM   46   N N   . LEU A 1 10  ? 9.476   11.424  6.311   1.00 25.76 ? 10   LEU A N   1 
ATOM   47   C CA  . LEU A 1 10  ? 8.777   12.337  5.416   1.00 21.50 ? 10   LEU A CA  1 
ATOM   48   C C   . LEU A 1 10  ? 7.883   13.316  6.185   1.00 19.87 ? 10   LEU A C   1 
ATOM   49   O O   . LEU A 1 10  ? 7.453   13.039  7.306   1.00 24.99 ? 10   LEU A O   1 
ATOM   50   C CB  . LEU A 1 10  ? 7.938   11.532  4.416   1.00 23.16 ? 10   LEU A CB  1 
ATOM   51   C CG  . LEU A 1 10  ? 8.681   10.433  3.648   1.00 25.60 ? 10   LEU A CG  1 
ATOM   52   C CD1 . LEU A 1 10  ? 7.697   9.666   2.779   1.00 25.85 ? 10   LEU A CD1 1 
ATOM   53   C CD2 . LEU A 1 10  ? 9.787   11.044  2.788   1.00 27.68 ? 10   LEU A CD2 1 
ATOM   54   N N   . THR A 1 11  ? 7.603   14.461  5.570   1.00 21.66 ? 11   THR A N   1 
ATOM   55   C CA  . THR A 1 11  ? 6.769   15.493  6.178   1.00 23.20 ? 11   THR A CA  1 
ATOM   56   C C   . THR A 1 11  ? 5.314   15.315  5.763   1.00 21.89 ? 11   THR A C   1 
ATOM   57   O O   . THR A 1 11  ? 5.013   14.533  4.860   1.00 23.53 ? 11   THR A O   1 
ATOM   58   C CB  . THR A 1 11  ? 7.208   16.895  5.726   1.00 25.32 ? 11   THR A CB  1 
ATOM   59   O OG1 . THR A 1 11  ? 6.949   17.044  4.324   1.00 26.81 ? 11   THR A OG1 1 
ATOM   60   C CG2 . THR A 1 11  ? 8.693   17.098  5.984   1.00 25.16 ? 11   THR A CG2 1 
ATOM   61   N N   . ASP A 1 12  ? 4.409   16.038  6.414   1.00 20.96 ? 12   ASP A N   1 
ATOM   62   C CA  . ASP A 1 12  ? 3.002   15.936  6.054   1.00 21.40 ? 12   ASP A CA  1 
ATOM   63   C C   . ASP A 1 12  ? 2.828   16.349  4.597   1.00 23.70 ? 12   ASP A C   1 
ATOM   64   O O   . ASP A 1 12  ? 1.953   15.841  3.899   1.00 22.25 ? 12   ASP A O   1 
ATOM   65   C CB  . ASP A 1 12  ? 2.139   16.824  6.952   1.00 20.22 ? 12   ASP A CB  1 
ATOM   66   C CG  . ASP A 1 12  ? 1.911   16.217  8.321   1.00 23.33 ? 12   ASP A CG  1 
ATOM   67   O OD1 . ASP A 1 12  ? 1.200   16.839  9.136   1.00 26.45 ? 12   ASP A OD1 1 
ATOM   68   O OD2 . ASP A 1 12  ? 2.441   15.117  8.579   1.00 24.70 ? 12   ASP A OD2 1 
ATOM   69   N N   . GLU A 1 13  ? 3.676   17.267  4.142   1.00 25.87 ? 13   GLU A N   1 
ATOM   70   C CA  . GLU A 1 13  ? 3.621   17.752  2.768   1.00 27.43 ? 13   GLU A CA  1 
ATOM   71   C C   . GLU A 1 13  ? 3.989   16.633  1.795   1.00 24.94 ? 13   GLU A C   1 
ATOM   72   O O   . GLU A 1 13  ? 3.367   16.481  0.742   1.00 23.44 ? 13   GLU A O   1 
ATOM   73   C CB  . GLU A 1 13  ? 4.590   18.925  2.586   1.00 28.73 ? 13   GLU A CB  1 
ATOM   74   C CG  . GLU A 1 13  ? 4.102   19.980  1.614   1.00 44.55 ? 13   GLU A CG  1 
ATOM   75   C CD  . GLU A 1 13  ? 3.015   20.855  2.211   1.00 51.96 ? 13   GLU A CD  1 
ATOM   76   O OE1 . GLU A 1 13  ? 2.042   20.301  2.765   1.00 55.30 ? 13   GLU A OE1 1 
ATOM   77   O OE2 . GLU A 1 13  ? 3.129   22.096  2.126   1.00 51.65 ? 13   GLU A OE2 1 
ATOM   78   N N   . ASP A 1 14  ? 5.009   15.858  2.153   1.00 21.83 ? 14   ASP A N   1 
ATOM   79   C CA  . ASP A 1 14  ? 5.456   14.748  1.317   1.00 22.13 ? 14   ASP A CA  1 
ATOM   80   C C   . ASP A 1 14  ? 4.361   13.704  1.180   1.00 22.65 ? 14   ASP A C   1 
ATOM   81   O O   . ASP A 1 14  ? 4.074   13.228  0.082   1.00 23.63 ? 14   ASP A O   1 
ATOM   82   C CB  . ASP A 1 14  ? 6.691   14.068  1.914   1.00 23.62 ? 14   ASP A CB  1 
ATOM   83   C CG  . ASP A 1 14  ? 7.904   14.980  1.962   1.00 29.57 ? 14   ASP A CG  1 
ATOM   84   O OD1 . ASP A 1 14  ? 8.140   15.718  0.984   1.00 27.54 ? 14   ASP A OD1 1 
ATOM   85   O OD2 . ASP A 1 14  ? 8.631   14.940  2.975   1.00 28.52 ? 14   ASP A OD2 1 
ATOM   86   N N   . ILE A 1 15  ? 3.751   13.345  2.306   1.00 23.41 ? 15   ILE A N   1 
ATOM   87   C CA  . ILE A 1 15  ? 2.695   12.335  2.302   1.00 22.97 ? 15   ILE A CA  1 
ATOM   88   C C   . ILE A 1 15  ? 1.511   12.817  1.489   1.00 22.44 ? 15   ILE A C   1 
ATOM   89   O O   . ILE A 1 15  ? 0.936   12.065  0.698   1.00 22.16 ? 15   ILE A O   1 
ATOM   90   C CB  . ILE A 1 15  ? 2.239   11.980  3.744   1.00 24.16 ? 15   ILE A CB  1 
ATOM   91   C CG1 . ILE A 1 15  ? 3.354   11.207  4.448   1.00 27.53 ? 15   ILE A CG1 1 
ATOM   92   C CG2 . ILE A 1 15  ? 1.003   11.095  3.723   1.00 23.17 ? 15   ILE A CG2 1 
ATOM   93   C CD1 . ILE A 1 15  ? 4.687   11.870  4.403   1.00 39.46 ? 15   ILE A CD1 1 
ATOM   94   N N   . ARG A 1 16  ? 1.145   14.076  1.685   1.00 20.02 ? 16   ARG A N   1 
ATOM   95   C CA  . ARG A 1 16  ? 0.025   14.658  0.962   1.00 20.28 ? 16   ARG A CA  1 
ATOM   96   C C   . ARG A 1 16  ? 0.288   14.602  -0.544  1.00 21.60 ? 16   ARG A C   1 
ATOM   97   O O   . ARG A 1 16  ? -0.624  14.357  -1.337  1.00 22.09 ? 16   ARG A O   1 
ATOM   98   C CB  . ARG A 1 16  ? -0.184  16.108  1.409   1.00 22.60 ? 16   ARG A CB  1 
ATOM   99   C CG  . ARG A 1 16  ? -1.401  16.770  0.804   1.00 27.86 ? 16   ARG A CG  1 
ATOM   100  C CD  . ARG A 1 16  ? -1.592  18.188  1.330   1.00 29.79 ? 16   ARG A CD  1 
ATOM   101  N NE  . ARG A 1 16  ? -2.056  18.232  2.716   1.00 28.74 ? 16   ARG A NE  1 
ATOM   102  C CZ  . ARG A 1 16  ? -1.357  18.741  3.728   1.00 32.13 ? 16   ARG A CZ  1 
ATOM   103  N NH1 . ARG A 1 16  ? -1.864  18.742  4.955   1.00 26.94 ? 16   ARG A NH1 1 
ATOM   104  N NH2 . ARG A 1 16  ? -0.146  19.245  3.518   1.00 26.85 ? 16   ARG A NH2 1 
ATOM   105  N N   . GLU A 1 17  ? 1.541   14.830  -0.929  1.00 21.90 ? 17   GLU A N   1 
ATOM   106  C CA  . GLU A 1 17  ? 1.940   14.794  -2.337  1.00 24.42 ? 17   GLU A CA  1 
ATOM   107  C C   . GLU A 1 17  ? 1.834   13.368  -2.882  1.00 24.80 ? 17   GLU A C   1 
ATOM   108  O O   . GLU A 1 17  ? 1.354   13.149  -3.994  1.00 19.46 ? 17   GLU A O   1 
ATOM   109  C CB  . GLU A 1 17  ? 3.379   15.302  -2.487  1.00 25.87 ? 17   GLU A CB  1 
ATOM   110  C CG  . GLU A 1 17  ? 3.977   15.100  -3.870  1.00 27.45 ? 17   GLU A CG  1 
ATOM   111  C CD  . GLU A 1 17  ? 3.309   15.943  -4.940  1.00 36.35 ? 17   GLU A CD  1 
ATOM   112  O OE1 . GLU A 1 17  ? 3.698   15.816  -6.120  1.00 41.34 ? 17   GLU A OE1 1 
ATOM   113  O OE2 . GLU A 1 17  ? 2.400   16.735  -4.608  1.00 33.94 ? 17   GLU A OE2 1 
ATOM   114  N N   . ILE A 1 18  ? 2.284   12.401  -2.089  1.00 21.02 ? 18   ILE A N   1 
ATOM   115  C CA  . ILE A 1 18  ? 2.226   10.999  -2.485  1.00 22.34 ? 18   ILE A CA  1 
ATOM   116  C C   . ILE A 1 18  ? 0.783   10.571  -2.720  1.00 22.38 ? 18   ILE A C   1 
ATOM   117  O O   . ILE A 1 18  ? 0.481   9.866   -3.685  1.00 21.11 ? 18   ILE A O   1 
ATOM   118  C CB  . ILE A 1 18  ? 2.841   10.092  -1.398  1.00 19.68 ? 18   ILE A CB  1 
ATOM   119  C CG1 . ILE A 1 18  ? 4.355   10.296  -1.360  1.00 27.03 ? 18   ILE A CG1 1 
ATOM   120  C CG2 . ILE A 1 18  ? 2.536   8.638   -1.682  1.00 19.02 ? 18   ILE A CG2 1 
ATOM   121  C CD1 . ILE A 1 18  ? 5.045   9.954   -2.669  1.00 36.35 ? 18   ILE A CD1 1 
ATOM   122  N N   . LEU A 1 19  ? -0.103  10.986  -1.821  1.00 18.86 ? 19   LEU A N   1 
ATOM   123  C CA  . LEU A 1 19  ? -1.518  10.644  -1.913  1.00 16.73 ? 19   LEU A CA  1 
ATOM   124  C C   . LEU A 1 19  ? -2.199  11.373  -3.065  1.00 21.17 ? 19   LEU A C   1 
ATOM   125  O O   . LEU A 1 19  ? -3.248  10.957  -3.552  1.00 18.99 ? 19   LEU A O   1 
ATOM   126  C CB  . LEU A 1 19  ? -2.228  11.004  -0.600  1.00 17.18 ? 19   LEU A CB  1 
ATOM   127  C CG  . LEU A 1 19  ? -1.875  10.188  0.644   1.00 18.88 ? 19   LEU A CG  1 
ATOM   128  C CD1 . LEU A 1 19  ? -2.513  10.824  1.874   1.00 19.38 ? 19   LEU A CD1 1 
ATOM   129  C CD2 . LEU A 1 19  ? -2.369  8.760   0.474   1.00 18.39 ? 19   LEU A CD2 1 
ATOM   130  N N   . THR A 1 20  ? -1.593  12.467  -3.505  1.00 18.64 ? 20   THR A N   1 
ATOM   131  C CA  . THR A 1 20  ? -2.170  13.253  -4.579  1.00 20.96 ? 20   THR A CA  1 
ATOM   132  C C   . THR A 1 20  ? -1.695  12.820  -5.961  1.00 23.94 ? 20   THR A C   1 
ATOM   133  O O   . THR A 1 20  ? -2.494  12.702  -6.890  1.00 23.59 ? 20   THR A O   1 
ATOM   134  C CB  . THR A 1 20  ? -1.852  14.748  -4.382  1.00 23.39 ? 20   THR A CB  1 
ATOM   135  O OG1 . THR A 1 20  ? -2.399  15.188  -3.132  1.00 24.64 ? 20   THR A OG1 1 
ATOM   136  C CG2 . THR A 1 20  ? -2.450  15.576  -5.506  1.00 23.76 ? 20   THR A CG2 1 
ATOM   137  N N   . ARG A 1 21  ? -0.399  12.566  -6.090  1.00 24.30 ? 21   ARG A N   1 
ATOM   138  C CA  . ARG A 1 21  ? 0.165   12.181  -7.379  1.00 24.96 ? 21   ARG A CA  1 
ATOM   139  C C   . ARG A 1 21  ? 0.011   10.720  -7.783  1.00 26.40 ? 21   ARG A C   1 
ATOM   140  O O   . ARG A 1 21  ? -0.106  10.417  -8.969  1.00 26.64 ? 21   ARG A O   1 
ATOM   141  C CB  . ARG A 1 21  ? 1.640   12.573  -7.425  1.00 35.12 ? 21   ARG A CB  1 
ATOM   142  C CG  . ARG A 1 21  ? 1.868   14.069  -7.274  1.00 43.51 ? 21   ARG A CG  1 
ATOM   143  C CD  . ARG A 1 21  ? 1.144   14.860  -8.360  1.00 52.15 ? 21   ARG A CD  1 
ATOM   144  N NE  . ARG A 1 21  ? 1.366   16.301  -8.250  1.00 54.47 ? 21   ARG A NE  1 
ATOM   145  C CZ  . ARG A 1 21  ? 0.978   17.047  -7.219  1.00 59.27 ? 21   ARG A CZ  1 
ATOM   146  N NH1 . ARG A 1 21  ? 0.344   16.492  -6.195  1.00 62.54 ? 21   ARG A NH1 1 
ATOM   147  N NH2 . ARG A 1 21  ? 1.223   18.351  -7.212  1.00 59.89 ? 21   ARG A NH2 1 
ATOM   148  N N   . TYR A 1 22  ? 0.000   9.815   -6.810  1.00 23.73 ? 22   TYR A N   1 
ATOM   149  C CA  . TYR A 1 22  ? -0.129  8.396   -7.116  1.00 22.00 ? 22   TYR A CA  1 
ATOM   150  C C   . TYR A 1 22  ? -1.518  7.855   -6.786  1.00 26.06 ? 22   TYR A C   1 
ATOM   151  O O   . TYR A 1 22  ? -1.919  7.796   -5.622  1.00 25.25 ? 22   TYR A O   1 
ATOM   152  C CB  . TYR A 1 22  ? 0.941   7.603   -6.361  1.00 24.22 ? 22   TYR A CB  1 
ATOM   153  C CG  . TYR A 1 22  ? 2.349   8.066   -6.664  1.00 30.55 ? 22   TYR A CG  1 
ATOM   154  C CD1 . TYR A 1 22  ? 2.854   8.021   -7.964  1.00 31.29 ? 22   TYR A CD1 1 
ATOM   155  C CD2 . TYR A 1 22  ? 3.175   8.558   -5.652  1.00 26.64 ? 22   TYR A CD2 1 
ATOM   156  C CE1 . TYR A 1 22  ? 4.147   8.457   -8.252  1.00 33.35 ? 22   TYR A CE1 1 
ATOM   157  C CE2 . TYR A 1 22  ? 4.470   8.996   -5.929  1.00 34.56 ? 22   TYR A CE2 1 
ATOM   158  C CZ  . TYR A 1 22  ? 4.948   8.943   -7.229  1.00 36.05 ? 22   TYR A CZ  1 
ATOM   159  O OH  . TYR A 1 22  ? 6.225   9.377   -7.507  1.00 35.02 ? 22   TYR A OH  1 
ATOM   160  N N   . LYS A 1 23  ? -2.246  7.461   -7.828  1.00 24.45 ? 23   LYS A N   1 
ATOM   161  C CA  . LYS A 1 23  ? -3.592  6.924   -7.674  1.00 24.16 ? 23   LYS A CA  1 
ATOM   162  C C   . LYS A 1 23  ? -3.658  5.427   -7.968  1.00 22.44 ? 23   LYS A C   1 
ATOM   163  O O   . LYS A 1 23  ? -4.688  4.801   -7.734  1.00 22.15 ? 23   LYS A O   1 
ATOM   164  C CB  . LYS A 1 23  ? -4.564  7.655   -8.607  1.00 26.94 ? 23   LYS A CB  1 
ATOM   165  C CG  . LYS A 1 23  ? -4.638  9.155   -8.380  1.00 29.08 ? 23   LYS A CG  1 
ATOM   166  C CD  . LYS A 1 23  ? -5.084  9.479   -6.963  1.00 27.76 ? 23   LYS A CD  1 
ATOM   167  C CE  . LYS A 1 23  ? -5.161  10.981  -6.743  1.00 29.76 ? 23   LYS A CE  1 
ATOM   168  N NZ  . LYS A 1 23  ? -5.561  11.326  -5.347  1.00 27.37 ? 23   LYS A NZ  1 
ATOM   169  N N   . LYS A 1 24  ? -2.567  4.864   -8.483  1.00 18.83 ? 24   LYS A N   1 
ATOM   170  C CA  . LYS A 1 24  ? -2.516  3.438   -8.814  1.00 23.07 ? 24   LYS A CA  1 
ATOM   171  C C   . LYS A 1 24  ? -1.965  2.666   -7.619  1.00 21.24 ? 24   LYS A C   1 
ATOM   172  O O   . LYS A 1 24  ? -0.751  2.627   -7.394  1.00 21.19 ? 24   LYS A O   1 
ATOM   173  C CB  . LYS A 1 24  ? -1.617  3.213   -10.035 1.00 22.85 ? 24   LYS A CB  1 
ATOM   174  C CG  . LYS A 1 24  ? -1.901  4.150   -11.198 1.00 29.86 ? 24   LYS A CG  1 
ATOM   175  C CD  . LYS A 1 24  ? -3.267  3.909   -11.813 1.00 35.66 ? 24   LYS A CD  1 
ATOM   176  C CE  . LYS A 1 24  ? -3.305  2.598   -12.580 1.00 41.35 ? 24   LYS A CE  1 
ATOM   177  N NZ  . LYS A 1 24  ? -4.609  2.416   -13.275 1.00 37.97 ? 24   LYS A NZ  1 
ATOM   178  N N   . ILE A 1 25  ? -2.862  2.044   -6.859  1.00 19.83 ? 25   ILE A N   1 
ATOM   179  C CA  . ILE A 1 25  ? -2.471  1.305   -5.665  1.00 18.44 ? 25   ILE A CA  1 
ATOM   180  C C   . ILE A 1 25  ? -2.638  -0.205  -5.738  1.00 21.21 ? 25   ILE A C   1 
ATOM   181  O O   . ILE A 1 25  ? -3.695  -0.706  -6.117  1.00 20.25 ? 25   ILE A O   1 
ATOM   182  C CB  . ILE A 1 25  ? -3.283  1.754   -4.417  1.00 18.74 ? 25   ILE A CB  1 
ATOM   183  C CG1 . ILE A 1 25  ? -3.419  3.271   -4.380  1.00 25.06 ? 25   ILE A CG1 1 
ATOM   184  C CG2 . ILE A 1 25  ? -2.605  1.253   -3.141  1.00 17.75 ? 25   ILE A CG2 1 
ATOM   185  C CD1 . ILE A 1 25  ? -4.568  3.763   -5.200  1.00 34.76 ? 25   ILE A CD1 1 
ATOM   186  N N   . ALA A 1 26  ? -1.582  -0.919  -5.365  1.00 21.12 ? 26   ALA A N   1 
ATOM   187  C CA  . ALA A 1 26  ? -1.618  -2.369  -5.296  1.00 20.07 ? 26   ALA A CA  1 
ATOM   188  C C   . ALA A 1 26  ? -1.750  -2.595  -3.792  1.00 21.90 ? 26   ALA A C   1 
ATOM   189  O O   . ALA A 1 26  ? -0.845  -2.254  -3.026  1.00 22.35 ? 26   ALA A O   1 
ATOM   190  C CB  . ALA A 1 26  ? -0.319  -2.965  -5.818  1.00 23.23 ? 26   ALA A CB  1 
ATOM   191  N N   . LEU A 1 27  ? -2.880  -3.143  -3.362  1.00 18.02 ? 27   LEU A N   1 
ATOM   192  C CA  . LEU A 1 27  ? -3.100  -3.358  -1.939  1.00 16.54 ? 27   LEU A CA  1 
ATOM   193  C C   . LEU A 1 27  ? -2.886  -4.823  -1.583  1.00 21.84 ? 27   LEU A C   1 
ATOM   194  O O   . LEU A 1 27  ? -3.742  -5.674  -1.835  1.00 21.00 ? 27   LEU A O   1 
ATOM   195  C CB  . LEU A 1 27  ? -4.512  -2.891  -1.566  1.00 18.99 ? 27   LEU A CB  1 
ATOM   196  C CG  . LEU A 1 27  ? -4.803  -2.654  -0.081  1.00 20.27 ? 27   LEU A CG  1 
ATOM   197  C CD1 . LEU A 1 27  ? -5.725  -1.444  0.084   1.00 19.94 ? 27   LEU A CD1 1 
ATOM   198  C CD2 . LEU A 1 27  ? -5.419  -3.905  0.521   1.00 21.41 ? 27   LEU A CD2 1 
ATOM   199  N N   . VAL A 1 28  ? -1.723  -5.094  -0.993  1.00 21.22 ? 28   VAL A N   1 
ATOM   200  C CA  . VAL A 1 28  ? -1.316  -6.439  -0.601  1.00 20.37 ? 28   VAL A CA  1 
ATOM   201  C C   . VAL A 1 28  ? -1.904  -6.859  0.738   1.00 23.31 ? 28   VAL A C   1 
ATOM   202  O O   . VAL A 1 28  ? -1.832  -6.123  1.725   1.00 22.38 ? 28   VAL A O   1 
ATOM   203  C CB  . VAL A 1 28  ? 0.222   -6.532  -0.528  1.00 22.91 ? 28   VAL A CB  1 
ATOM   204  C CG1 . VAL A 1 28  ? 0.647   -7.951  -0.203  1.00 25.08 ? 28   VAL A CG1 1 
ATOM   205  C CG2 . VAL A 1 28  ? 0.827   -6.073  -1.848  1.00 23.58 ? 28   VAL A CG2 1 
ATOM   206  N N   . GLY A 1 29  ? -2.471  -8.059  0.774   1.00 22.58 ? 29   GLY A N   1 
ATOM   207  C CA  . GLY A 1 29  ? -3.081  -8.542  1.994   1.00 18.16 ? 29   GLY A CA  1 
ATOM   208  C C   . GLY A 1 29  ? -4.564  -8.230  1.988   1.00 18.72 ? 29   GLY A C   1 
ATOM   209  O O   . GLY A 1 29  ? -5.220  -8.284  3.028   1.00 24.23 ? 29   GLY A O   1 
ATOM   210  N N   . ALA A 1 30  ? -5.088  -7.903  0.809   1.00 19.31 ? 30   ALA A N   1 
ATOM   211  C CA  . ALA A 1 30  ? -6.503  -7.580  0.652   1.00 20.82 ? 30   ALA A CA  1 
ATOM   212  C C   . ALA A 1 30  ? -7.371  -8.684  1.245   1.00 24.01 ? 30   ALA A C   1 
ATOM   213  O O   . ALA A 1 30  ? -7.034  -9.865  1.157   1.00 22.57 ? 30   ALA A O   1 
ATOM   214  C CB  . ALA A 1 30  ? -6.835  -7.383  -0.820  1.00 20.25 ? 30   ALA A CB  1 
ATOM   215  N N   . SER A 1 31  ? -8.495  -8.291  1.835   1.00 19.98 ? 31   SER A N   1 
ATOM   216  C CA  . SER A 1 31  ? -9.398  -9.246  2.467   1.00 22.03 ? 31   SER A CA  1 
ATOM   217  C C   . SER A 1 31  ? -10.860 -8.841  2.319   1.00 22.09 ? 31   SER A C   1 
ATOM   218  O O   . SER A 1 31  ? -11.193 -7.658  2.357   1.00 20.93 ? 31   SER A O   1 
ATOM   219  C CB  . SER A 1 31  ? -9.047  -9.365  3.953   1.00 26.63 ? 31   SER A CB  1 
ATOM   220  O OG  . SER A 1 31  ? -10.017 -10.120 4.657   1.00 25.55 ? 31   SER A OG  1 
ATOM   221  N N   . PRO A 1 32  ? -11.755 -9.827  2.139   1.00 21.58 ? 32   PRO A N   1 
ATOM   222  C CA  . PRO A 1 32  ? -13.187 -9.554  1.993   1.00 18.86 ? 32   PRO A CA  1 
ATOM   223  C C   . PRO A 1 32  ? -13.845 -9.323  3.357   1.00 18.32 ? 32   PRO A C   1 
ATOM   224  O O   . PRO A 1 32  ? -15.008 -8.931  3.439   1.00 21.57 ? 32   PRO A O   1 
ATOM   225  C CB  . PRO A 1 32  ? -13.700 -10.813 1.301   1.00 21.37 ? 32   PRO A CB  1 
ATOM   226  C CG  . PRO A 1 32  ? -12.853 -11.879 1.926   1.00 19.94 ? 32   PRO A CG  1 
ATOM   227  C CD  . PRO A 1 32  ? -11.465 -11.256 1.915   1.00 20.05 ? 32   PRO A CD  1 
ATOM   228  N N   . LYS A 1 33  ? -13.086 -9.565  4.424   1.00 19.73 ? 33   LYS A N   1 
ATOM   229  C CA  . LYS A 1 33  ? -13.582 -9.396  5.787   1.00 23.05 ? 33   LYS A CA  1 
ATOM   230  C C   . LYS A 1 33  ? -13.666 -7.918  6.157   1.00 25.14 ? 33   LYS A C   1 
ATOM   231  O O   . LYS A 1 33  ? -12.645 -7.245  6.297   1.00 25.08 ? 33   LYS A O   1 
ATOM   232  C CB  . LYS A 1 33  ? -12.663 -10.123 6.769   1.00 28.14 ? 33   LYS A CB  1 
ATOM   233  C CG  . LYS A 1 33  ? -12.545 -11.617 6.513   1.00 32.54 ? 33   LYS A CG  1 
ATOM   234  C CD  . LYS A 1 33  ? -11.546 -12.256 7.467   1.00 38.27 ? 33   LYS A CD  1 
ATOM   235  C CE  . LYS A 1 33  ? -11.376 -13.738 7.186   1.00 38.81 ? 33   LYS A CE  1 
ATOM   236  N NZ  . LYS A 1 33  ? -10.339 -14.345 8.069   1.00 45.11 ? 33   LYS A NZ  1 
ATOM   237  N N   . PRO A 1 34  ? -14.890 -7.402  6.340   1.00 23.92 ? 34   PRO A N   1 
ATOM   238  C CA  . PRO A 1 34  ? -15.143 -5.999  6.691   1.00 24.66 ? 34   PRO A CA  1 
ATOM   239  C C   . PRO A 1 34  ? -14.413 -5.460  7.919   1.00 25.32 ? 34   PRO A C   1 
ATOM   240  O O   . PRO A 1 34  ? -14.098 -4.268  7.978   1.00 28.18 ? 34   PRO A O   1 
ATOM   241  C CB  . PRO A 1 34  ? -16.658 -5.958  6.878   1.00 25.27 ? 34   PRO A CB  1 
ATOM   242  C CG  . PRO A 1 34  ? -17.144 -7.020  5.950   1.00 25.12 ? 34   PRO A CG  1 
ATOM   243  C CD  . PRO A 1 34  ? -16.162 -8.136  6.206   1.00 21.88 ? 34   PRO A CD  1 
ATOM   244  N N   . GLU A 1 35  ? -14.144 -6.323  8.894   1.00 23.14 ? 35   GLU A N   1 
ATOM   245  C CA  . GLU A 1 35  ? -13.490 -5.877  10.118  1.00 25.76 ? 35   GLU A CA  1 
ATOM   246  C C   . GLU A 1 35  ? -11.971 -5.774  10.048  1.00 22.82 ? 35   GLU A C   1 
ATOM   247  O O   . GLU A 1 35  ? -11.344 -5.250  10.968  1.00 25.99 ? 35   GLU A O   1 
ATOM   248  C CB  . GLU A 1 35  ? -13.896 -6.780  11.293  1.00 27.35 ? 35   GLU A CB  1 
ATOM   249  C CG  . GLU A 1 35  ? -13.215 -8.144  11.365  1.00 29.59 ? 35   GLU A CG  1 
ATOM   250  C CD  . GLU A 1 35  ? -13.456 -9.013  10.146  1.00 33.54 ? 35   GLU A CD  1 
ATOM   251  O OE1 . GLU A 1 35  ? -14.552 -8.938  9.552   1.00 23.41 ? 35   GLU A OE1 1 
ATOM   252  O OE2 . GLU A 1 35  ? -12.547 -9.792  9.790   1.00 44.09 ? 35   GLU A OE2 1 
ATOM   253  N N   . ARG A 1 36  ? -11.380 -6.267  8.963   1.00 23.44 ? 36   ARG A N   1 
ATOM   254  C CA  . ARG A 1 36  ? -9.930  -6.216  8.797   1.00 25.73 ? 36   ARG A CA  1 
ATOM   255  C C   . ARG A 1 36  ? -9.506  -4.865  8.230   1.00 21.18 ? 36   ARG A C   1 
ATOM   256  O O   . ARG A 1 36  ? -10.184 -4.307  7.370   1.00 20.98 ? 36   ARG A O   1 
ATOM   257  C CB  . ARG A 1 36  ? -9.471  -7.339  7.864   1.00 29.25 ? 36   ARG A CB  1 
ATOM   258  C CG  . ARG A 1 36  ? -9.816  -8.731  8.373   1.00 33.15 ? 36   ARG A CG  1 
ATOM   259  C CD  . ARG A 1 36  ? -8.753  -9.288  9.304   1.00 44.02 ? 36   ARG A CD  1 
ATOM   260  N NE  . ARG A 1 36  ? -7.863  -10.209 8.602   1.00 49.48 ? 36   ARG A NE  1 
ATOM   261  C CZ  . ARG A 1 36  ? -6.907  -10.921 9.188   1.00 56.21 ? 36   ARG A CZ  1 
ATOM   262  N NH1 . ARG A 1 36  ? -6.147  -11.736 8.469   1.00 62.26 ? 36   ARG A NH1 1 
ATOM   263  N NH2 . ARG A 1 36  ? -6.706  -10.816 10.495  1.00 55.72 ? 36   ARG A NH2 1 
ATOM   264  N N   . ASP A 1 37  ? -8.380  -4.348  8.714   1.00 22.01 ? 37   ASP A N   1 
ATOM   265  C CA  . ASP A 1 37  ? -7.873  -3.057  8.251   1.00 20.71 ? 37   ASP A CA  1 
ATOM   266  C C   . ASP A 1 37  ? -7.712  -2.996  6.733   1.00 19.52 ? 37   ASP A C   1 
ATOM   267  O O   . ASP A 1 37  ? -8.026  -1.981  6.113   1.00 18.44 ? 37   ASP A O   1 
ATOM   268  C CB  . ASP A 1 37  ? -6.536  -2.731  8.926   1.00 21.00 ? 37   ASP A CB  1 
ATOM   269  C CG  . ASP A 1 37  ? -6.666  -2.562  10.427  1.00 29.39 ? 37   ASP A CG  1 
ATOM   270  O OD1 . ASP A 1 37  ? -7.701  -2.028  10.877  1.00 27.69 ? 37   ASP A OD1 1 
ATOM   271  O OD2 . ASP A 1 37  ? -5.731  -2.948  11.157  1.00 36.17 ? 37   ASP A OD2 1 
ATOM   272  N N   . ALA A 1 38  ? -7.231  -4.077  6.130   1.00 18.76 ? 38   ALA A N   1 
ATOM   273  C CA  . ALA A 1 38  ? -7.043  -4.109  4.683   1.00 19.24 ? 38   ALA A CA  1 
ATOM   274  C C   . ALA A 1 38  ? -8.338  -3.797  3.937   1.00 18.95 ? 38   ALA A C   1 
ATOM   275  O O   . ALA A 1 38  ? -8.325  -3.125  2.907   1.00 17.68 ? 38   ALA A O   1 
ATOM   276  C CB  . ALA A 1 38  ? -6.511  -5.470  4.253   1.00 19.39 ? 38   ALA A CB  1 
ATOM   277  N N   . ASN A 1 39  ? -9.457  -4.290  4.457   1.00 16.21 ? 39   ASN A N   1 
ATOM   278  C CA  . ASN A 1 39  ? -10.748 -4.054  3.821   1.00 18.85 ? 39   ASN A CA  1 
ATOM   279  C C   . ASN A 1 39  ? -11.217 -2.623  4.088   1.00 17.34 ? 39   ASN A C   1 
ATOM   280  O O   . ASN A 1 39  ? -11.648 -1.917  3.173   1.00 18.13 ? 39   ASN A O   1 
ATOM   281  C CB  . ASN A 1 39  ? -11.783 -5.064  4.336   1.00 20.11 ? 39   ASN A CB  1 
ATOM   282  C CG  . ASN A 1 39  ? -13.113 -4.962  3.612   1.00 15.50 ? 39   ASN A CG  1 
ATOM   283  O OD1 . ASN A 1 39  ? -13.942 -4.104  3.915   1.00 17.23 ? 39   ASN A OD1 1 
ATOM   284  N ND2 . ASN A 1 39  ? -13.318 -5.839  2.640   1.00 17.07 ? 39   ASN A ND2 1 
ATOM   285  N N   . ILE A 1 40  ? -11.119 -2.201  5.343   1.00 18.22 ? 40   ILE A N   1 
ATOM   286  C CA  . ILE A 1 40  ? -11.519 -0.855  5.735   1.00 16.20 ? 40   ILE A CA  1 
ATOM   287  C C   . ILE A 1 40  ? -10.811 0.203   4.883   1.00 18.51 ? 40   ILE A C   1 
ATOM   288  O O   . ILE A 1 40  ? -11.450 1.106   4.331   1.00 17.98 ? 40   ILE A O   1 
ATOM   289  C CB  . ILE A 1 40  ? -11.180 -0.612  7.213   1.00 18.92 ? 40   ILE A CB  1 
ATOM   290  C CG1 . ILE A 1 40  ? -11.984 -1.580  8.087   1.00 22.15 ? 40   ILE A CG1 1 
ATOM   291  C CG2 . ILE A 1 40  ? -11.481 0.840   7.592   1.00 17.64 ? 40   ILE A CG2 1 
ATOM   292  C CD1 . ILE A 1 40  ? -11.572 -1.578  9.539   1.00 23.41 ? 40   ILE A CD1 1 
ATOM   293  N N   . VAL A 1 41  ? -9.492  0.081   4.774   1.00 17.37 ? 41   VAL A N   1 
ATOM   294  C CA  . VAL A 1 41  ? -8.703  1.037   4.001   1.00 15.26 ? 41   VAL A CA  1 
ATOM   295  C C   . VAL A 1 41  ? -8.998  0.953   2.503   1.00 17.25 ? 41   VAL A C   1 
ATOM   296  O O   . VAL A 1 41  ? -9.148  1.975   1.832   1.00 16.22 ? 41   VAL A O   1 
ATOM   297  C CB  . VAL A 1 41  ? -7.191  0.826   4.245   1.00 17.16 ? 41   VAL A CB  1 
ATOM   298  C CG1 . VAL A 1 41  ? -6.383  1.795   3.395   1.00 16.54 ? 41   VAL A CG1 1 
ATOM   299  C CG2 . VAL A 1 41  ? -6.872  1.033   5.722   1.00 18.58 ? 41   VAL A CG2 1 
ATOM   300  N N   . MET A 1 42  ? -9.095  -0.257  1.964   1.00 17.35 ? 42   MET A N   1 
ATOM   301  C CA  . MET A 1 42  ? -9.384  -0.375  0.540   1.00 16.67 ? 42   MET A CA  1 
ATOM   302  C C   . MET A 1 42  ? -10.731 0.256   0.205   1.00 17.44 ? 42   MET A C   1 
ATOM   303  O O   . MET A 1 42  ? -10.868 0.969   -0.789  1.00 16.41 ? 42   MET A O   1 
ATOM   304  C CB  . MET A 1 42  ? -9.390  -1.840  0.103   1.00 18.46 ? 42   MET A CB  1 
ATOM   305  C CG  . MET A 1 42  ? -9.602  -2.008  -1.392  1.00 16.97 ? 42   MET A CG  1 
ATOM   306  S SD  . MET A 1 42  ? -9.323  -3.711  -1.925  1.00 18.49 ? 42   MET A SD  1 
ATOM   307  C CE  . MET A 1 42  ? -10.000 -3.653  -3.591  1.00 19.27 ? 42   MET A CE  1 
ATOM   308  N N   . LYS A 1 43  ? -11.734 -0.007  1.038   1.00 14.31 ? 43   LYS A N   1 
ATOM   309  C CA  . LYS A 1 43  ? -13.062 0.542   0.804   1.00 17.35 ? 43   LYS A CA  1 
ATOM   310  C C   . LYS A 1 43  ? -12.988 2.067   0.749   1.00 18.58 ? 43   LYS A C   1 
ATOM   311  O O   . LYS A 1 43  ? -13.572 2.696   -0.132  1.00 18.93 ? 43   LYS A O   1 
ATOM   312  C CB  . LYS A 1 43  ? -14.012 0.096   1.918   1.00 18.67 ? 43   LYS A CB  1 
ATOM   313  C CG  . LYS A 1 43  ? -15.450 0.554   1.735   1.00 30.40 ? 43   LYS A CG  1 
ATOM   314  C CD  . LYS A 1 43  ? -16.333 0.028   2.857   1.00 35.00 ? 43   LYS A CD  1 
ATOM   315  C CE  . LYS A 1 43  ? -17.761 0.527   2.730   1.00 35.15 ? 43   LYS A CE  1 
ATOM   316  N NZ  . LYS A 1 43  ? -18.611 0.025   3.845   1.00 45.46 ? 43   LYS A NZ  1 
ATOM   317  N N   . TYR A 1 44  ? -12.253 2.646   1.691   1.00 18.08 ? 44   TYR A N   1 
ATOM   318  C CA  . TYR A 1 44  ? -12.090 4.094   1.767   1.00 15.10 ? 44   TYR A CA  1 
ATOM   319  C C   . TYR A 1 44  ? -11.397 4.632   0.515   1.00 16.98 ? 44   TYR A C   1 
ATOM   320  O O   . TYR A 1 44  ? -11.821 5.641   -0.056  1.00 18.23 ? 44   TYR A O   1 
ATOM   321  C CB  . TYR A 1 44  ? -11.283 4.454   3.022   1.00 16.07 ? 44   TYR A CB  1 
ATOM   322  C CG  . TYR A 1 44  ? -11.004 5.932   3.183   1.00 18.78 ? 44   TYR A CG  1 
ATOM   323  C CD1 . TYR A 1 44  ? -9.925  6.533   2.537   1.00 15.65 ? 44   TYR A CD1 1 
ATOM   324  C CD2 . TYR A 1 44  ? -11.834 6.732   3.970   1.00 15.52 ? 44   TYR A CD2 1 
ATOM   325  C CE1 . TYR A 1 44  ? -9.677  7.900   2.669   1.00 17.94 ? 44   TYR A CE1 1 
ATOM   326  C CE2 . TYR A 1 44  ? -11.596 8.097   4.107   1.00 18.80 ? 44   TYR A CE2 1 
ATOM   327  C CZ  . TYR A 1 44  ? -10.520 8.673   3.454   1.00 18.04 ? 44   TYR A CZ  1 
ATOM   328  O OH  . TYR A 1 44  ? -10.295 10.028  3.574   1.00 21.32 ? 44   TYR A OH  1 
ATOM   329  N N   . LEU A 1 45  ? -10.334 3.956   0.088   1.00 17.57 ? 45   LEU A N   1 
ATOM   330  C CA  . LEU A 1 45  ? -9.598  4.388   -1.097  1.00 16.96 ? 45   LEU A CA  1 
ATOM   331  C C   . LEU A 1 45  ? -10.471 4.343   -2.347  1.00 16.85 ? 45   LEU A C   1 
ATOM   332  O O   . LEU A 1 45  ? -10.437 5.255   -3.169  1.00 18.79 ? 45   LEU A O   1 
ATOM   333  C CB  . LEU A 1 45  ? -8.347  3.525   -1.294  1.00 17.44 ? 45   LEU A CB  1 
ATOM   334  C CG  . LEU A 1 45  ? -7.279  3.652   -0.203  1.00 17.19 ? 45   LEU A CG  1 
ATOM   335  C CD1 . LEU A 1 45  ? -6.174  2.642   -0.442  1.00 20.00 ? 45   LEU A CD1 1 
ATOM   336  C CD2 . LEU A 1 45  ? -6.719  5.072   -0.198  1.00 19.84 ? 45   LEU A CD2 1 
ATOM   337  N N   . LEU A 1 46  ? -11.262 3.283   -2.495  1.00 17.38 ? 46   LEU A N   1 
ATOM   338  C CA  . LEU A 1 46  ? -12.133 3.176   -3.653  1.00 14.32 ? 46   LEU A CA  1 
ATOM   339  C C   . LEU A 1 46  ? -13.140 4.319   -3.640  1.00 15.75 ? 46   LEU A C   1 
ATOM   340  O O   . LEU A 1 46  ? -13.439 4.905   -4.679  1.00 16.95 ? 46   LEU A O   1 
ATOM   341  C CB  . LEU A 1 46  ? -12.874 1.833   -3.643  1.00 17.18 ? 46   LEU A CB  1 
ATOM   342  C CG  . LEU A 1 46  ? -12.030 0.597   -3.954  1.00 16.99 ? 46   LEU A CG  1 
ATOM   343  C CD1 . LEU A 1 46  ? -12.862 -0.662  -3.747  1.00 18.52 ? 46   LEU A CD1 1 
ATOM   344  C CD2 . LEU A 1 46  ? -11.525 0.669   -5.387  1.00 19.11 ? 46   LEU A CD2 1 
ATOM   345  N N   . GLU A 1 47  ? -13.652 4.632   -2.454  1.00 17.06 ? 47   GLU A N   1 
ATOM   346  C CA  . GLU A 1 47  ? -14.631 5.699   -2.310  1.00 18.42 ? 47   GLU A CA  1 
ATOM   347  C C   . GLU A 1 47  ? -14.015 7.075   -2.537  1.00 18.61 ? 47   GLU A C   1 
ATOM   348  O O   . GLU A 1 47  ? -14.733 8.055   -2.725  1.00 23.37 ? 47   GLU A O   1 
ATOM   349  C CB  . GLU A 1 47  ? -15.284 5.631   -0.926  1.00 23.26 ? 47   GLU A CB  1 
ATOM   350  C CG  . GLU A 1 47  ? -16.171 4.403   -0.743  1.00 25.85 ? 47   GLU A CG  1 
ATOM   351  C CD  . GLU A 1 47  ? -16.612 4.190   0.692   1.00 31.47 ? 47   GLU A CD  1 
ATOM   352  O OE1 . GLU A 1 47  ? -17.392 3.246   0.938   1.00 36.69 ? 47   GLU A OE1 1 
ATOM   353  O OE2 . GLU A 1 47  ? -16.178 4.960   1.574   1.00 40.48 ? 47   GLU A OE2 1 
ATOM   354  N N   . HIS A 1 48  ? -12.688 7.145   -2.545  1.00 16.57 ? 48   HIS A N   1 
ATOM   355  C CA  . HIS A 1 48  ? -12.019 8.418   -2.763  1.00 19.64 ? 48   HIS A CA  1 
ATOM   356  C C   . HIS A 1 48  ? -11.247 8.529   -4.076  1.00 20.39 ? 48   HIS A C   1 
ATOM   357  O O   . HIS A 1 48  ? -10.234 9.230   -4.171  1.00 22.60 ? 48   HIS A O   1 
ATOM   358  C CB  . HIS A 1 48  ? -11.139 8.757   -1.560  1.00 18.57 ? 48   HIS A CB  1 
ATOM   359  C CG  . HIS A 1 48  ? -11.924 9.239   -0.379  1.00 20.21 ? 48   HIS A CG  1 
ATOM   360  N ND1 . HIS A 1 48  ? -12.586 8.388   0.478   1.00 24.00 ? 48   HIS A ND1 1 
ATOM   361  C CD2 . HIS A 1 48  ? -12.220 10.496  0.032   1.00 24.22 ? 48   HIS A CD2 1 
ATOM   362  C CE1 . HIS A 1 48  ? -13.260 9.100   1.367   1.00 25.86 ? 48   HIS A CE1 1 
ATOM   363  N NE2 . HIS A 1 48  ? -13.056 10.378  1.117   1.00 23.39 ? 48   HIS A NE2 1 
ATOM   364  N N   . GLY A 1 49  ? -11.742 7.818   -5.087  1.00 22.13 ? 49   GLY A N   1 
ATOM   365  C CA  . GLY A 1 49  ? -11.164 7.880   -6.419  1.00 20.79 ? 49   GLY A CA  1 
ATOM   366  C C   . GLY A 1 49  ? -9.899  7.137   -6.788  1.00 16.70 ? 49   GLY A C   1 
ATOM   367  O O   . GLY A 1 49  ? -9.414  7.280   -7.912  1.00 20.10 ? 49   GLY A O   1 
ATOM   368  N N   . TYR A 1 50  ? -9.350  6.351   -5.871  1.00 18.69 ? 50   TYR A N   1 
ATOM   369  C CA  . TYR A 1 50  ? -8.135  5.612   -6.175  1.00 17.65 ? 50   TYR A CA  1 
ATOM   370  C C   . TYR A 1 50  ? -8.392  4.370   -7.026  1.00 20.28 ? 50   TYR A C   1 
ATOM   371  O O   . TYR A 1 50  ? -9.469  3.772   -6.964  1.00 17.69 ? 50   TYR A O   1 
ATOM   372  C CB  . TYR A 1 50  ? -7.430  5.204   -4.879  1.00 19.40 ? 50   TYR A CB  1 
ATOM   373  C CG  . TYR A 1 50  ? -6.806  6.368   -4.142  1.00 16.65 ? 50   TYR A CG  1 
ATOM   374  C CD1 . TYR A 1 50  ? -7.568  7.179   -3.301  1.00 18.01 ? 50   TYR A CD1 1 
ATOM   375  C CD2 . TYR A 1 50  ? -5.458  6.678   -4.313  1.00 22.14 ? 50   TYR A CD2 1 
ATOM   376  C CE1 . TYR A 1 50  ? -6.998  8.273   -2.650  1.00 18.12 ? 50   TYR A CE1 1 
ATOM   377  C CE2 . TYR A 1 50  ? -4.880  7.767   -3.668  1.00 18.38 ? 50   TYR A CE2 1 
ATOM   378  C CZ  . TYR A 1 50  ? -5.653  8.558   -2.841  1.00 18.66 ? 50   TYR A CZ  1 
ATOM   379  O OH  . TYR A 1 50  ? -5.079  9.640   -2.212  1.00 19.71 ? 50   TYR A OH  1 
ATOM   380  N N   . ASP A 1 51  ? -7.408  4.016   -7.849  1.00 19.73 ? 51   ASP A N   1 
ATOM   381  C CA  . ASP A 1 51  ? -7.481  2.811   -8.680  1.00 19.33 ? 51   ASP A CA  1 
ATOM   382  C C   . ASP A 1 51  ? -6.804  1.766   -7.803  1.00 17.96 ? 51   ASP A C   1 
ATOM   383  O O   . ASP A 1 51  ? -5.579  1.755   -7.677  1.00 20.31 ? 51   ASP A O   1 
ATOM   384  C CB  . ASP A 1 51  ? -6.689  2.988   -9.979  1.00 19.92 ? 51   ASP A CB  1 
ATOM   385  C CG  . ASP A 1 51  ? -7.435  3.807   -11.020 1.00 25.51 ? 51   ASP A CG  1 
ATOM   386  O OD1 . ASP A 1 51  ? -6.811  4.192   -12.035 1.00 26.42 ? 51   ASP A OD1 1 
ATOM   387  O OD2 . ASP A 1 51  ? -8.641  4.056   -10.839 1.00 21.02 ? 51   ASP A OD2 1 
ATOM   388  N N   . VAL A 1 52  ? -7.599  0.898   -7.186  1.00 17.80 ? 52   VAL A N   1 
ATOM   389  C CA  . VAL A 1 52  ? -7.057  -0.107  -6.283  1.00 18.93 ? 52   VAL A CA  1 
ATOM   390  C C   . VAL A 1 52  ? -7.103  -1.520  -6.847  1.00 20.20 ? 52   VAL A C   1 
ATOM   391  O O   . VAL A 1 52  ? -8.165  -2.025  -7.210  1.00 19.44 ? 52   VAL A O   1 
ATOM   392  C CB  . VAL A 1 52  ? -7.810  -0.087  -4.930  1.00 17.90 ? 52   VAL A CB  1 
ATOM   393  C CG1 . VAL A 1 52  ? -7.103  -0.980  -3.920  1.00 19.20 ? 52   VAL A CG1 1 
ATOM   394  C CG2 . VAL A 1 52  ? -7.896  1.343   -4.403  1.00 20.20 ? 52   VAL A CG2 1 
ATOM   395  N N   . TYR A 1 53  ? -5.931  -2.142  -6.909  1.00 17.28 ? 53   TYR A N   1 
ATOM   396  C CA  . TYR A 1 53  ? -5.772  -3.499  -7.411  1.00 20.07 ? 53   TYR A CA  1 
ATOM   397  C C   . TYR A 1 53  ? -5.349  -4.372  -6.235  1.00 19.69 ? 53   TYR A C   1 
ATOM   398  O O   . TYR A 1 53  ? -4.178  -4.392  -5.850  1.00 20.17 ? 53   TYR A O   1 
ATOM   399  C CB  . TYR A 1 53  ? -4.710  -3.499  -8.513  1.00 21.36 ? 53   TYR A CB  1 
ATOM   400  C CG  . TYR A 1 53  ? -5.036  -2.524  -9.623  1.00 20.00 ? 53   TYR A CG  1 
ATOM   401  C CD1 . TYR A 1 53  ? -5.919  -2.869  -10.646 1.00 22.59 ? 53   TYR A CD1 1 
ATOM   402  C CD2 . TYR A 1 53  ? -4.520  -1.228  -9.611  1.00 22.64 ? 53   TYR A CD2 1 
ATOM   403  C CE1 . TYR A 1 53  ? -6.283  -1.948  -11.621 1.00 24.42 ? 53   TYR A CE1 1 
ATOM   404  C CE2 . TYR A 1 53  ? -4.874  -0.298  -10.581 1.00 21.57 ? 53   TYR A CE2 1 
ATOM   405  C CZ  . TYR A 1 53  ? -5.757  -0.661  -11.584 1.00 25.65 ? 53   TYR A CZ  1 
ATOM   406  O OH  . TYR A 1 53  ? -6.113  0.261   -12.538 1.00 26.21 ? 53   TYR A OH  1 
ATOM   407  N N   . PRO A 1 54  ? -6.306  -5.094  -5.632  1.00 20.25 ? 54   PRO A N   1 
ATOM   408  C CA  . PRO A 1 54  ? -5.994  -5.955  -4.491  1.00 21.02 ? 54   PRO A CA  1 
ATOM   409  C C   . PRO A 1 54  ? -5.105  -7.143  -4.827  1.00 20.57 ? 54   PRO A C   1 
ATOM   410  O O   . PRO A 1 54  ? -5.190  -7.708  -5.918  1.00 20.27 ? 54   PRO A O   1 
ATOM   411  C CB  . PRO A 1 54  ? -7.373  -6.375  -3.988  1.00 16.12 ? 54   PRO A CB  1 
ATOM   412  C CG  . PRO A 1 54  ? -8.189  -6.401  -5.242  1.00 19.12 ? 54   PRO A CG  1 
ATOM   413  C CD  . PRO A 1 54  ? -7.741  -5.153  -5.965  1.00 21.41 ? 54   PRO A CD  1 
ATOM   414  N N   . VAL A 1 55  ? -4.251  -7.501  -3.874  1.00 19.33 ? 55   VAL A N   1 
ATOM   415  C CA  . VAL A 1 55  ? -3.336  -8.623  -4.028  1.00 22.00 ? 55   VAL A CA  1 
ATOM   416  C C   . VAL A 1 55  ? -3.418  -9.558  -2.827  1.00 24.57 ? 55   VAL A C   1 
ATOM   417  O O   . VAL A 1 55  ? -3.202  -9.147  -1.689  1.00 23.28 ? 55   VAL A O   1 
ATOM   418  C CB  . VAL A 1 55  ? -1.871  -8.155  -4.161  1.00 20.37 ? 55   VAL A CB  1 
ATOM   419  C CG1 . VAL A 1 55  ? -0.945  -9.368  -4.195  1.00 21.31 ? 55   VAL A CG1 1 
ATOM   420  C CG2 . VAL A 1 55  ? -1.699  -7.316  -5.413  1.00 22.84 ? 55   VAL A CG2 1 
ATOM   421  N N   . ASN A 1 56  ? -3.737  -10.821 -3.095  1.00 24.93 ? 56   ASN A N   1 
ATOM   422  C CA  . ASN A 1 56  ? -3.827  -11.844 -2.060  1.00 26.46 ? 56   ASN A CA  1 
ATOM   423  C C   . ASN A 1 56  ? -4.115  -13.183 -2.730  1.00 29.73 ? 56   ASN A C   1 
ATOM   424  O O   . ASN A 1 56  ? -5.194  -13.388 -3.281  1.00 25.73 ? 56   ASN A O   1 
ATOM   425  C CB  . ASN A 1 56  ? -4.945  -11.532 -1.061  1.00 24.40 ? 56   ASN A CB  1 
ATOM   426  C CG  . ASN A 1 56  ? -4.844  -12.373 0.202   1.00 29.91 ? 56   ASN A CG  1 
ATOM   427  O OD1 . ASN A 1 56  ? -4.535  -13.565 0.146   1.00 30.64 ? 56   ASN A OD1 1 
ATOM   428  N ND2 . ASN A 1 56  ? -5.109  -11.756 1.349   1.00 26.47 ? 56   ASN A ND2 1 
ATOM   429  N N   . PRO A 1 57  ? -3.145  -14.107 -2.702  1.00 31.06 ? 57   PRO A N   1 
ATOM   430  C CA  . PRO A 1 57  ? -3.305  -15.430 -3.314  1.00 35.05 ? 57   PRO A CA  1 
ATOM   431  C C   . PRO A 1 57  ? -4.528  -16.201 -2.813  1.00 34.96 ? 57   PRO A C   1 
ATOM   432  O O   . PRO A 1 57  ? -4.992  -17.131 -3.473  1.00 33.65 ? 57   PRO A O   1 
ATOM   433  C CB  . PRO A 1 57  ? -2.000  -16.132 -2.948  1.00 35.25 ? 57   PRO A CB  1 
ATOM   434  C CG  . PRO A 1 57  ? -1.017  -15.008 -2.942  1.00 38.74 ? 57   PRO A CG  1 
ATOM   435  C CD  . PRO A 1 57  ? -1.774  -13.933 -2.191  1.00 34.67 ? 57   PRO A CD  1 
ATOM   436  N N   . LYS A 1 58  ? -5.047  -15.811 -1.653  1.00 33.51 ? 58   LYS A N   1 
ATOM   437  C CA  . LYS A 1 58  ? -6.201  -16.485 -1.064  1.00 33.28 ? 58   LYS A CA  1 
ATOM   438  C C   . LYS A 1 58  ? -7.556  -16.026 -1.593  1.00 35.15 ? 58   LYS A C   1 
ATOM   439  O O   . LYS A 1 58  ? -8.573  -16.670 -1.333  1.00 34.47 ? 58   LYS A O   1 
ATOM   440  C CB  . LYS A 1 58  ? -6.181  -16.320 0.458   1.00 39.62 ? 58   LYS A CB  1 
ATOM   441  C CG  . LYS A 1 58  ? -5.009  -17.005 1.144   1.00 46.55 ? 58   LYS A CG  1 
ATOM   442  C CD  . LYS A 1 58  ? -5.029  -16.762 2.646   1.00 50.25 ? 58   LYS A CD  1 
ATOM   443  C CE  . LYS A 1 58  ? -3.930  -17.546 3.350   1.00 54.31 ? 58   LYS A CE  1 
ATOM   444  N NZ  . LYS A 1 58  ? -2.572  -17.207 2.840   1.00 53.62 ? 58   LYS A NZ  1 
ATOM   445  N N   . TYR A 1 59  ? -7.582  -14.920 -2.330  1.00 28.42 ? 59   TYR A N   1 
ATOM   446  C CA  . TYR A 1 59  ? -8.842  -14.409 -2.857  1.00 28.62 ? 59   TYR A CA  1 
ATOM   447  C C   . TYR A 1 59  ? -8.778  -14.081 -4.341  1.00 24.54 ? 59   TYR A C   1 
ATOM   448  O O   . TYR A 1 59  ? -7.726  -13.718 -4.867  1.00 29.53 ? 59   TYR A O   1 
ATOM   449  C CB  . TYR A 1 59  ? -9.272  -13.166 -2.069  1.00 22.49 ? 59   TYR A CB  1 
ATOM   450  C CG  . TYR A 1 59  ? -9.311  -13.396 -0.576  1.00 30.07 ? 59   TYR A CG  1 
ATOM   451  C CD1 . TYR A 1 59  ? -8.370  -12.807 0.266   1.00 27.50 ? 59   TYR A CD1 1 
ATOM   452  C CD2 . TYR A 1 59  ? -10.264 -14.242 -0.008  1.00 26.12 ? 59   TYR A CD2 1 
ATOM   453  C CE1 . TYR A 1 59  ? -8.374  -13.055 1.636   1.00 28.28 ? 59   TYR A CE1 1 
ATOM   454  C CE2 . TYR A 1 59  ? -10.277 -14.498 1.358   1.00 24.69 ? 59   TYR A CE2 1 
ATOM   455  C CZ  . TYR A 1 59  ? -9.329  -13.902 2.175   1.00 29.49 ? 59   TYR A CZ  1 
ATOM   456  O OH  . TYR A 1 59  ? -9.332  -14.162 3.523   1.00 30.40 ? 59   TYR A OH  1 
ATOM   457  N N   . GLU A 1 60  ? -9.916  -14.210 -5.015  1.00 27.64 ? 60   GLU A N   1 
ATOM   458  C CA  . GLU A 1 60  ? -9.989  -13.936 -6.442  1.00 27.61 ? 60   GLU A CA  1 
ATOM   459  C C   . GLU A 1 60  ? -10.688 -12.600 -6.695  1.00 26.11 ? 60   GLU A C   1 
ATOM   460  O O   . GLU A 1 60  ? -10.557 -12.014 -7.770  1.00 28.44 ? 60   GLU A O   1 
ATOM   461  C CB  . GLU A 1 60  ? -10.743 -15.070 -7.148  1.00 36.60 ? 60   GLU A CB  1 
ATOM   462  C CG  . GLU A 1 60  ? -10.580 -15.080 -8.655  1.00 43.37 ? 60   GLU A CG  1 
ATOM   463  C CD  . GLU A 1 60  ? -11.186 -16.313 -9.299  1.00 50.61 ? 60   GLU A CD  1 
ATOM   464  O OE1 . GLU A 1 60  ? -11.018 -16.480 -10.525 1.00 54.68 ? 60   GLU A OE1 1 
ATOM   465  O OE2 . GLU A 1 60  ? -11.828 -17.113 -8.583  1.00 47.88 ? 60   GLU A OE2 1 
ATOM   466  N N   . GLU A 1 61  ? -11.423 -12.127 -5.695  1.00 26.24 ? 61   GLU A N   1 
ATOM   467  C CA  . GLU A 1 61  ? -12.138 -10.860 -5.804  1.00 26.06 ? 61   GLU A CA  1 
ATOM   468  C C   . GLU A 1 61  ? -12.379 -10.236 -4.434  1.00 23.97 ? 61   GLU A C   1 
ATOM   469  O O   . GLU A 1 61  ? -12.800 -10.909 -3.497  1.00 24.83 ? 61   GLU A O   1 
ATOM   470  C CB  . GLU A 1 61  ? -13.476 -11.082 -6.512  1.00 24.49 ? 61   GLU A CB  1 
ATOM   471  C CG  . GLU A 1 61  ? -14.305 -9.825  -6.707  1.00 32.46 ? 61   GLU A CG  1 
ATOM   472  C CD  . GLU A 1 61  ? -15.585 -10.093 -7.479  1.00 35.06 ? 61   GLU A CD  1 
ATOM   473  O OE1 . GLU A 1 61  ? -16.359 -9.140  -7.701  1.00 41.73 ? 61   GLU A OE1 1 
ATOM   474  O OE2 . GLU A 1 61  ? -15.814 -11.259 -7.867  1.00 42.35 ? 61   GLU A OE2 1 
ATOM   475  N N   . VAL A 1 62  ? -12.101 -8.940  -4.320  1.00 21.90 ? 62   VAL A N   1 
ATOM   476  C CA  . VAL A 1 62  ? -12.306 -8.228  -3.067  1.00 17.94 ? 62   VAL A CA  1 
ATOM   477  C C   . VAL A 1 62  ? -12.948 -6.880  -3.377  1.00 18.26 ? 62   VAL A C   1 
ATOM   478  O O   . VAL A 1 62  ? -12.459 -6.135  -4.223  1.00 19.00 ? 62   VAL A O   1 
ATOM   479  C CB  . VAL A 1 62  ? -10.968 -8.005  -2.320  1.00 21.19 ? 62   VAL A CB  1 
ATOM   480  C CG1 . VAL A 1 62  ? -11.199 -7.190  -1.060  1.00 19.16 ? 62   VAL A CG1 1 
ATOM   481  C CG2 . VAL A 1 62  ? -10.345 -9.355  -1.962  1.00 20.22 ? 62   VAL A CG2 1 
ATOM   482  N N   . LEU A 1 63  ? -14.058 -6.594  -2.706  1.00 21.22 ? 63   LEU A N   1 
ATOM   483  C CA  . LEU A 1 63  ? -14.781 -5.342  -2.888  1.00 19.34 ? 63   LEU A CA  1 
ATOM   484  C C   . LEU A 1 63  ? -15.060 -5.011  -4.355  1.00 21.42 ? 63   LEU A C   1 
ATOM   485  O O   . LEU A 1 63  ? -14.903 -3.869  -4.787  1.00 20.74 ? 63   LEU A O   1 
ATOM   486  C CB  . LEU A 1 63  ? -14.007 -4.200  -2.213  1.00 20.03 ? 63   LEU A CB  1 
ATOM   487  C CG  . LEU A 1 63  ? -13.952 -4.341  -0.686  1.00 17.93 ? 63   LEU A CG  1 
ATOM   488  C CD1 . LEU A 1 63  ? -12.941 -3.369  -0.080  1.00 20.23 ? 63   LEU A CD1 1 
ATOM   489  C CD2 . LEU A 1 63  ? -15.344 -4.099  -0.124  1.00 19.20 ? 63   LEU A CD2 1 
ATOM   490  N N   . GLY A 1 64  ? -15.479 -6.020  -5.116  1.00 20.24 ? 64   GLY A N   1 
ATOM   491  C CA  . GLY A 1 64  ? -15.792 -5.822  -6.522  1.00 20.79 ? 64   GLY A CA  1 
ATOM   492  C C   . GLY A 1 64  ? -14.592 -5.649  -7.432  1.00 18.94 ? 64   GLY A C   1 
ATOM   493  O O   . GLY A 1 64  ? -14.746 -5.320  -8.608  1.00 21.92 ? 64   GLY A O   1 
ATOM   494  N N   . ARG A 1 65  ? -13.398 -5.879  -6.899  1.00 17.67 ? 65   ARG A N   1 
ATOM   495  C CA  . ARG A 1 65  ? -12.173 -5.734  -7.679  1.00 18.92 ? 65   ARG A CA  1 
ATOM   496  C C   . ARG A 1 65  ? -11.482 -7.084  -7.860  1.00 18.29 ? 65   ARG A C   1 
ATOM   497  O O   . ARG A 1 65  ? -11.422 -7.885  -6.926  1.00 22.90 ? 65   ARG A O   1 
ATOM   498  C CB  . ARG A 1 65  ? -11.221 -4.769  -6.969  1.00 19.96 ? 65   ARG A CB  1 
ATOM   499  C CG  . ARG A 1 65  ? -11.798 -3.374  -6.747  1.00 19.40 ? 65   ARG A CG  1 
ATOM   500  C CD  . ARG A 1 65  ? -11.891 -2.592  -8.049  1.00 15.78 ? 65   ARG A CD  1 
ATOM   501  N NE  . ARG A 1 65  ? -10.569 -2.331  -8.617  1.00 17.27 ? 65   ARG A NE  1 
ATOM   502  C CZ  . ARG A 1 65  ? -10.360 -1.855  -9.840  1.00 16.90 ? 65   ARG A CZ  1 
ATOM   503  N NH1 . ARG A 1 65  ? -11.386 -1.582  -10.637 1.00 16.87 ? 65   ARG A NH1 1 
ATOM   504  N NH2 . ARG A 1 65  ? -9.119  -1.659  -10.270 1.00 17.68 ? 65   ARG A NH2 1 
ATOM   505  N N   . LYS A 1 66  ? -10.961 -7.334  -9.059  1.00 20.96 ? 66   LYS A N   1 
ATOM   506  C CA  . LYS A 1 66  ? -10.265 -8.591  -9.306  1.00 21.33 ? 66   LYS A CA  1 
ATOM   507  C C   . LYS A 1 66  ? -9.026  -8.621  -8.419  1.00 22.32 ? 66   LYS A C   1 
ATOM   508  O O   . LYS A 1 66  ? -8.242  -7.672  -8.406  1.00 22.98 ? 66   LYS A O   1 
ATOM   509  C CB  . LYS A 1 66  ? -9.847  -8.711  -10.772 1.00 21.70 ? 66   LYS A CB  1 
ATOM   510  C CG  . LYS A 1 66  ? -9.103  -10.005 -11.074 1.00 28.94 ? 66   LYS A CG  1 
ATOM   511  C CD  . LYS A 1 66  ? -8.759  -10.129 -12.544 1.00 30.56 ? 66   LYS A CD  1 
ATOM   512  C CE  . LYS A 1 66  ? -8.024  -11.431 -12.820 1.00 35.46 ? 66   LYS A CE  1 
ATOM   513  N NZ  . LYS A 1 66  ? -7.711  -11.585 -14.266 1.00 41.89 ? 66   LYS A NZ  1 
ATOM   514  N N   . CYS A 1 67  ? -8.851  -9.713  -7.683  1.00 22.85 ? 67   CYS A N   1 
ATOM   515  C CA  . CYS A 1 67  ? -7.713  -9.848  -6.781  1.00 24.26 ? 67   CYS A CA  1 
ATOM   516  C C   . CYS A 1 67  ? -6.636  -10.761 -7.364  1.00 26.42 ? 67   CYS A C   1 
ATOM   517  O O   . CYS A 1 67  ? -6.922  -11.889 -7.766  1.00 28.65 ? 67   CYS A O   1 
ATOM   518  C CB  . CYS A 1 67  ? -8.193  -10.389 -5.437  1.00 20.94 ? 67   CYS A CB  1 
ATOM   519  S SG  . CYS A 1 67  ? -6.973  -10.306 -4.115  1.00 24.06 ? 67   CYS A SG  1 
ATOM   520  N N   . TYR A 1 68  ? -5.400  -10.269 -7.405  1.00 26.54 ? 68   TYR A N   1 
ATOM   521  C CA  . TYR A 1 68  ? -4.283  -11.032 -7.957  1.00 28.25 ? 68   TYR A CA  1 
ATOM   522  C C   . TYR A 1 68  ? -3.422  -11.703 -6.884  1.00 31.18 ? 68   TYR A C   1 
ATOM   523  O O   . TYR A 1 68  ? -3.302  -11.206 -5.765  1.00 29.09 ? 68   TYR A O   1 
ATOM   524  C CB  . TYR A 1 68  ? -3.410  -10.118 -8.826  1.00 26.12 ? 68   TYR A CB  1 
ATOM   525  C CG  . TYR A 1 68  ? -4.170  -9.425  -9.936  1.00 30.54 ? 68   TYR A CG  1 
ATOM   526  C CD1 . TYR A 1 68  ? -4.993  -8.328  -9.670  1.00 27.12 ? 68   TYR A CD1 1 
ATOM   527  C CD2 . TYR A 1 68  ? -4.090  -9.884  -11.249 1.00 26.50 ? 68   TYR A CD2 1 
ATOM   528  C CE1 . TYR A 1 68  ? -5.719  -7.707  -10.686 1.00 29.41 ? 68   TYR A CE1 1 
ATOM   529  C CE2 . TYR A 1 68  ? -4.811  -9.274  -12.272 1.00 31.20 ? 68   TYR A CE2 1 
ATOM   530  C CZ  . TYR A 1 68  ? -5.622  -8.189  -11.986 1.00 32.72 ? 68   TYR A CZ  1 
ATOM   531  O OH  . TYR A 1 68  ? -6.332  -7.588  -13.002 1.00 34.92 ? 68   TYR A OH  1 
ATOM   532  N N   . PRO A 1 69  ? -2.818  -12.857 -7.215  1.00 30.91 ? 69   PRO A N   1 
ATOM   533  C CA  . PRO A 1 69  ? -1.973  -13.573 -6.254  1.00 32.31 ? 69   PRO A CA  1 
ATOM   534  C C   . PRO A 1 69  ? -0.610  -12.912 -6.054  1.00 32.43 ? 69   PRO A C   1 
ATOM   535  O O   . PRO A 1 69  ? 0.075   -13.171 -5.067  1.00 36.03 ? 69   PRO A O   1 
ATOM   536  C CB  . PRO A 1 69  ? -1.863  -14.965 -6.871  1.00 32.64 ? 69   PRO A CB  1 
ATOM   537  C CG  . PRO A 1 69  ? -1.870  -14.668 -8.331  1.00 32.34 ? 69   PRO A CG  1 
ATOM   538  C CD  . PRO A 1 69  ? -2.970  -13.633 -8.459  1.00 32.64 ? 69   PRO A CD  1 
ATOM   539  N N   . SER A 1 70  ? -0.228  -12.055 -6.997  1.00 32.29 ? 70   SER A N   1 
ATOM   540  C CA  . SER A 1 70  ? 1.048   -11.349 -6.939  1.00 33.43 ? 70   SER A CA  1 
ATOM   541  C C   . SER A 1 70  ? 0.945   -9.960  -7.558  1.00 33.05 ? 70   SER A C   1 
ATOM   542  O O   . SER A 1 70  ? 0.112   -9.718  -8.431  1.00 36.28 ? 70   SER A O   1 
ATOM   543  C CB  . SER A 1 70  ? 2.127   -12.148 -7.674  1.00 33.68 ? 70   SER A CB  1 
ATOM   544  O OG  . SER A 1 70  ? 3.264   -11.343 -7.933  1.00 34.90 ? 70   SER A OG  1 
ATOM   545  N N   . VAL A 1 71  ? 1.801   -9.049  -7.104  1.00 31.40 ? 71   VAL A N   1 
ATOM   546  C CA  . VAL A 1 71  ? 1.808   -7.686  -7.621  1.00 28.99 ? 71   VAL A CA  1 
ATOM   547  C C   . VAL A 1 71  ? 2.156   -7.654  -9.108  1.00 34.01 ? 71   VAL A C   1 
ATOM   548  O O   . VAL A 1 71  ? 1.614   -6.848  -9.866  1.00 34.25 ? 71   VAL A O   1 
ATOM   549  C CB  . VAL A 1 71  ? 2.822   -6.801  -6.859  1.00 31.59 ? 71   VAL A CB  1 
ATOM   550  C CG1 . VAL A 1 71  ? 2.913   -5.433  -7.513  1.00 27.81 ? 71   VAL A CG1 1 
ATOM   551  C CG2 . VAL A 1 71  ? 2.402   -6.660  -5.405  1.00 32.40 ? 71   VAL A CG2 1 
ATOM   552  N N   . LEU A 1 72  ? 3.062   -8.535  -9.518  1.00 34.33 ? 72   LEU A N   1 
ATOM   553  C CA  . LEU A 1 72  ? 3.488   -8.600  -10.911 1.00 36.39 ? 72   LEU A CA  1 
ATOM   554  C C   . LEU A 1 72  ? 2.392   -9.088  -11.857 1.00 37.76 ? 72   LEU A C   1 
ATOM   555  O O   . LEU A 1 72  ? 2.463   -8.851  -13.063 1.00 36.50 ? 72   LEU A O   1 
ATOM   556  C CB  . LEU A 1 72  ? 4.720   -9.501  -11.043 1.00 35.32 ? 72   LEU A CB  1 
ATOM   557  C CG  . LEU A 1 72  ? 6.016   -8.959  -10.431 1.00 43.56 ? 72   LEU A CG  1 
ATOM   558  C CD1 . LEU A 1 72  ? 7.133   -9.976  -10.604 1.00 39.67 ? 72   LEU A CD1 1 
ATOM   559  C CD2 . LEU A 1 72  ? 6.385   -7.644  -11.102 1.00 45.04 ? 72   LEU A CD2 1 
ATOM   560  N N   . ASP A 1 73  ? 1.383   -9.764  -11.314 1.00 36.74 ? 73   ASP A N   1 
ATOM   561  C CA  . ASP A 1 73  ? 0.286   -10.274 -12.133 1.00 36.47 ? 73   ASP A CA  1 
ATOM   562  C C   . ASP A 1 73  ? -0.674  -9.172  -12.563 1.00 38.87 ? 73   ASP A C   1 
ATOM   563  O O   . ASP A 1 73  ? -1.453  -9.347  -13.500 1.00 40.83 ? 73   ASP A O   1 
ATOM   564  C CB  . ASP A 1 73  ? -0.491  -11.357 -11.381 1.00 37.43 ? 73   ASP A CB  1 
ATOM   565  C CG  . ASP A 1 73  ? 0.341   -12.591 -11.113 1.00 42.10 ? 73   ASP A CG  1 
ATOM   566  O OD1 . ASP A 1 73  ? 1.010   -13.067 -12.052 1.00 44.82 ? 73   ASP A OD1 1 
ATOM   567  O OD2 . ASP A 1 73  ? 0.319   -13.091 -9.970  1.00 47.20 ? 73   ASP A OD2 1 
ATOM   568  N N   . ILE A 1 74  ? -0.624  -8.040  -11.871 1.00 34.37 ? 74   ILE A N   1 
ATOM   569  C CA  . ILE A 1 74  ? -1.493  -6.917  -12.196 1.00 33.27 ? 74   ILE A CA  1 
ATOM   570  C C   . ILE A 1 74  ? -1.117  -6.350  -13.560 1.00 37.40 ? 74   ILE A C   1 
ATOM   571  O O   . ILE A 1 74  ? 0.031   -5.979  -13.793 1.00 37.86 ? 74   ILE A O   1 
ATOM   572  C CB  . ILE A 1 74  ? -1.372  -5.806  -11.135 1.00 29.92 ? 74   ILE A CB  1 
ATOM   573  C CG1 . ILE A 1 74  ? -1.793  -6.359  -9.775  1.00 25.61 ? 74   ILE A CG1 1 
ATOM   574  C CG2 . ILE A 1 74  ? -2.237  -4.615  -11.519 1.00 29.51 ? 74   ILE A CG2 1 
ATOM   575  C CD1 . ILE A 1 74  ? -1.504  -5.428  -8.610  1.00 27.53 ? 74   ILE A CD1 1 
ATOM   576  N N   . PRO A 1 75  ? -2.087  -6.281  -14.485 1.00 36.68 ? 75   PRO A N   1 
ATOM   577  C CA  . PRO A 1 75  ? -1.870  -5.759  -15.839 1.00 38.56 ? 75   PRO A CA  1 
ATOM   578  C C   . PRO A 1 75  ? -1.497  -4.277  -15.876 1.00 39.10 ? 75   PRO A C   1 
ATOM   579  O O   . PRO A 1 75  ? -0.564  -3.878  -16.569 1.00 42.07 ? 75   PRO A O   1 
ATOM   580  C CB  . PRO A 1 75  ? -3.212  -6.013  -16.531 1.00 37.40 ? 75   PRO A CB  1 
ATOM   581  C CG  . PRO A 1 75  ? -3.793  -7.159  -15.768 1.00 38.71 ? 75   PRO A CG  1 
ATOM   582  C CD  . PRO A 1 75  ? -3.454  -6.809  -14.348 1.00 41.02 ? 75   PRO A CD  1 
ATOM   583  N N   . ASP A 1 76  ? -2.238  -3.469  -15.125 1.00 37.44 ? 76   ASP A N   1 
ATOM   584  C CA  . ASP A 1 76  ? -2.015  -2.026  -15.087 1.00 35.53 ? 76   ASP A CA  1 
ATOM   585  C C   . ASP A 1 76  ? -0.783  -1.610  -14.294 1.00 32.90 ? 76   ASP A C   1 
ATOM   586  O O   . ASP A 1 76  ? -0.271  -2.374  -13.475 1.00 29.93 ? 76   ASP A O   1 
ATOM   587  C CB  . ASP A 1 76  ? -3.254  -1.333  -14.518 1.00 41.95 ? 76   ASP A CB  1 
ATOM   588  C CG  . ASP A 1 76  ? -4.480  -1.548  -15.385 1.00 43.95 ? 76   ASP A CG  1 
ATOM   589  O OD1 . ASP A 1 76  ? -5.580  -1.100  -15.002 1.00 45.91 ? 76   ASP A OD1 1 
ATOM   590  O OD2 . ASP A 1 76  ? -4.339  -2.176  -16.455 1.00 56.86 ? 76   ASP A OD2 1 
ATOM   591  N N   . LYS A 1 77  ? -0.311  -0.391  -14.544 1.00 32.32 ? 77   LYS A N   1 
ATOM   592  C CA  . LYS A 1 77  ? 0.862   0.118   -13.847 1.00 34.87 ? 77   LYS A CA  1 
ATOM   593  C C   . LYS A 1 77  ? 0.511   0.376   -12.388 1.00 33.55 ? 77   LYS A C   1 
ATOM   594  O O   . LYS A 1 77  ? -0.598  0.809   -12.069 1.00 30.27 ? 77   LYS A O   1 
ATOM   595  C CB  . LYS A 1 77  ? 1.369   1.416   -14.491 1.00 41.05 ? 77   LYS A CB  1 
ATOM   596  C CG  . LYS A 1 77  ? 0.513   2.651   -14.225 1.00 47.05 ? 77   LYS A CG  1 
ATOM   597  C CD  . LYS A 1 77  ? -0.736  2.704   -15.091 1.00 58.01 ? 77   LYS A CD  1 
ATOM   598  C CE  . LYS A 1 77  ? -0.400  2.983   -16.552 1.00 60.61 ? 77   LYS A CE  1 
ATOM   599  N NZ  . LYS A 1 77  ? 0.308   1.847   -17.203 1.00 65.82 ? 77   LYS A NZ  1 
ATOM   600  N N   . ILE A 1 78  ? 1.461   0.094   -11.507 1.00 31.92 ? 78   ILE A N   1 
ATOM   601  C CA  . ILE A 1 78  ? 1.269   0.297   -10.076 1.00 27.98 ? 78   ILE A CA  1 
ATOM   602  C C   . ILE A 1 78  ? 2.284   1.311   -9.585  1.00 26.02 ? 78   ILE A C   1 
ATOM   603  O O   . ILE A 1 78  ? 3.466   1.219   -9.910  1.00 28.23 ? 78   ILE A O   1 
ATOM   604  C CB  . ILE A 1 78  ? 1.452   -1.020  -9.302  1.00 27.22 ? 78   ILE A CB  1 
ATOM   605  C CG1 . ILE A 1 78  ? 0.316   -1.973  -9.663  1.00 26.49 ? 78   ILE A CG1 1 
ATOM   606  C CG2 . ILE A 1 78  ? 1.456   -0.765  -7.805  1.00 26.83 ? 78   ILE A CG2 1 
ATOM   607  C CD1 . ILE A 1 78  ? -1.067  -1.418  -9.346  1.00 28.42 ? 78   ILE A CD1 1 
ATOM   608  N N   . GLU A 1 79  ? 1.820   2.280   -8.804  1.00 27.30 ? 79   GLU A N   1 
ATOM   609  C CA  . GLU A 1 79  ? 2.704   3.312   -8.278  1.00 21.38 ? 79   GLU A CA  1 
ATOM   610  C C   . GLU A 1 79  ? 2.980   3.105   -6.793  1.00 26.10 ? 79   GLU A C   1 
ATOM   611  O O   . GLU A 1 79  ? 4.111   3.275   -6.336  1.00 25.48 ? 79   GLU A O   1 
ATOM   612  C CB  . GLU A 1 79  ? 2.086   4.687   -8.519  1.00 23.65 ? 79   GLU A CB  1 
ATOM   613  C CG  . GLU A 1 79  ? 1.730   4.929   -9.985  1.00 25.69 ? 79   GLU A CG  1 
ATOM   614  C CD  . GLU A 1 79  ? 0.876   6.162   -10.197 1.00 27.00 ? 79   GLU A CD  1 
ATOM   615  O OE1 . GLU A 1 79  ? -0.154  6.303   -9.506  1.00 25.21 ? 79   GLU A OE1 1 
ATOM   616  O OE2 . GLU A 1 79  ? 1.225   6.986   -11.066 1.00 31.28 ? 79   GLU A OE2 1 
ATOM   617  N N   . VAL A 1 80  ? 1.946   2.727   -6.047  1.00 23.72 ? 80   VAL A N   1 
ATOM   618  C CA  . VAL A 1 80  ? 2.083   2.501   -4.612  1.00 19.21 ? 80   VAL A CA  1 
ATOM   619  C C   . VAL A 1 80  ? 1.720   1.075   -4.206  1.00 23.81 ? 80   VAL A C   1 
ATOM   620  O O   . VAL A 1 80  ? 0.663   0.557   -4.573  1.00 22.56 ? 80   VAL A O   1 
ATOM   621  C CB  . VAL A 1 80  ? 1.178   3.465   -3.793  1.00 19.76 ? 80   VAL A CB  1 
ATOM   622  C CG1 . VAL A 1 80  ? 1.376   3.221   -2.297  1.00 18.76 ? 80   VAL A CG1 1 
ATOM   623  C CG2 . VAL A 1 80  ? 1.491   4.912   -4.143  1.00 19.86 ? 80   VAL A CG2 1 
ATOM   624  N N   . VAL A 1 81  ? 2.609   0.440   -3.453  1.00 19.65 ? 81   VAL A N   1 
ATOM   625  C CA  . VAL A 1 81  ? 2.355   -0.903  -2.960  1.00 18.36 ? 81   VAL A CA  1 
ATOM   626  C C   . VAL A 1 81  ? 2.058   -0.750  -1.469  1.00 19.37 ? 81   VAL A C   1 
ATOM   627  O O   . VAL A 1 81  ? 2.956   -0.516  -0.655  1.00 21.22 ? 81   VAL A O   1 
ATOM   628  C CB  . VAL A 1 81  ? 3.566   -1.829  -3.169  1.00 21.25 ? 81   VAL A CB  1 
ATOM   629  C CG1 . VAL A 1 81  ? 3.267   -3.209  -2.597  1.00 25.52 ? 81   VAL A CG1 1 
ATOM   630  C CG2 . VAL A 1 81  ? 3.876   -1.943  -4.656  1.00 30.57 ? 81   VAL A CG2 1 
ATOM   631  N N   . ASP A 1 82  ? 0.778   -0.873  -1.136  1.00 19.70 ? 82   ASP A N   1 
ATOM   632  C CA  . ASP A 1 82  ? 0.273   -0.716  0.224   1.00 18.93 ? 82   ASP A CA  1 
ATOM   633  C C   . ASP A 1 82  ? 0.241   -2.072  0.924   1.00 19.18 ? 82   ASP A C   1 
ATOM   634  O O   . ASP A 1 82  ? -0.607  -2.912  0.622   1.00 19.34 ? 82   ASP A O   1 
ATOM   635  C CB  . ASP A 1 82  ? -1.126  -0.105  0.129   1.00 18.48 ? 82   ASP A CB  1 
ATOM   636  C CG  . ASP A 1 82  ? -1.641  0.401   1.449   1.00 16.28 ? 82   ASP A CG  1 
ATOM   637  O OD1 . ASP A 1 82  ? -0.823  0.726   2.332   1.00 18.93 ? 82   ASP A OD1 1 
ATOM   638  O OD2 . ASP A 1 82  ? -2.880  0.495   1.583   1.00 19.06 ? 82   ASP A OD2 1 
ATOM   639  N N   . LEU A 1 83  ? 1.157   -2.271  1.869   1.00 17.55 ? 83   LEU A N   1 
ATOM   640  C CA  . LEU A 1 83  ? 1.284   -3.546  2.578   1.00 17.71 ? 83   LEU A CA  1 
ATOM   641  C C   . LEU A 1 83  ? 0.514   -3.743  3.880   1.00 16.73 ? 83   LEU A C   1 
ATOM   642  O O   . LEU A 1 83  ? 0.637   -2.960  4.818   1.00 18.15 ? 83   LEU A O   1 
ATOM   643  C CB  . LEU A 1 83  ? 2.762   -3.825  2.860   1.00 18.25 ? 83   LEU A CB  1 
ATOM   644  C CG  . LEU A 1 83  ? 3.741   -3.825  1.685   1.00 21.68 ? 83   LEU A CG  1 
ATOM   645  C CD1 . LEU A 1 83  ? 5.160   -3.780  2.229   1.00 25.23 ? 83   LEU A CD1 1 
ATOM   646  C CD2 . LEU A 1 83  ? 3.526   -5.055  0.812   1.00 22.40 ? 83   LEU A CD2 1 
ATOM   647  N N   . PHE A 1 84  ? -0.247  -4.831  3.943   1.00 21.02 ? 84   PHE A N   1 
ATOM   648  C CA  . PHE A 1 84  ? -1.012  -5.173  5.135   1.00 23.62 ? 84   PHE A CA  1 
ATOM   649  C C   . PHE A 1 84  ? -0.563  -6.514  5.718   1.00 29.04 ? 84   PHE A C   1 
ATOM   650  O O   . PHE A 1 84  ? -1.159  -7.012  6.673   1.00 36.25 ? 84   PHE A O   1 
ATOM   651  C CB  . PHE A 1 84  ? -2.508  -5.221  4.806   1.00 20.91 ? 84   PHE A CB  1 
ATOM   652  C CG  . PHE A 1 84  ? -3.141  -3.864  4.676   1.00 18.93 ? 84   PHE A CG  1 
ATOM   653  C CD1 . PHE A 1 84  ? -3.630  -3.202  5.798   1.00 18.83 ? 84   PHE A CD1 1 
ATOM   654  C CD2 . PHE A 1 84  ? -3.228  -3.239  3.435   1.00 19.48 ? 84   PHE A CD2 1 
ATOM   655  C CE1 . PHE A 1 84  ? -4.199  -1.931  5.687   1.00 16.04 ? 84   PHE A CE1 1 
ATOM   656  C CE2 . PHE A 1 84  ? -3.792  -1.970  3.313   1.00 21.09 ? 84   PHE A CE2 1 
ATOM   657  C CZ  . PHE A 1 84  ? -4.279  -1.317  4.440   1.00 15.77 ? 84   PHE A CZ  1 
ATOM   658  N N   . VAL A 1 85  ? 0.500   -7.084  5.156   1.00 23.68 ? 85   VAL A N   1 
ATOM   659  C CA  . VAL A 1 85  ? 1.008   -8.376  5.622   1.00 26.63 ? 85   VAL A CA  1 
ATOM   660  C C   . VAL A 1 85  ? 2.097   -8.288  6.692   1.00 27.73 ? 85   VAL A C   1 
ATOM   661  O O   . VAL A 1 85  ? 2.703   -7.236  6.902   1.00 27.66 ? 85   VAL A O   1 
ATOM   662  C CB  . VAL A 1 85  ? 1.543   -9.218  4.441   1.00 23.77 ? 85   VAL A CB  1 
ATOM   663  C CG1 . VAL A 1 85  ? 0.418   -9.496  3.453   1.00 27.95 ? 85   VAL A CG1 1 
ATOM   664  C CG2 . VAL A 1 85  ? 2.695   -8.497  3.751   1.00 24.37 ? 85   VAL A CG2 1 
ATOM   665  N N   . LYS A 1 86  ? 2.337   -9.412  7.364   1.00 28.37 ? 86   LYS A N   1 
ATOM   666  C CA  . LYS A 1 86  ? 3.333   -9.496  8.427   1.00 30.49 ? 86   LYS A CA  1 
ATOM   667  C C   . LYS A 1 86  ? 4.717   -9.116  7.916   1.00 26.20 ? 86   LYS A C   1 
ATOM   668  O O   . LYS A 1 86  ? 5.048   -9.358  6.759   1.00 28.42 ? 86   LYS A O   1 
ATOM   669  C CB  . LYS A 1 86  ? 3.370   -10.919 9.001   1.00 32.87 ? 86   LYS A CB  1 
ATOM   670  C CG  . LYS A 1 86  ? 2.010   -11.593 9.066   1.00 41.23 ? 86   LYS A CG  1 
ATOM   671  C CD  . LYS A 1 86  ? 0.982   -10.734 9.786   1.00 46.11 ? 86   LYS A CD  1 
ATOM   672  C CE  . LYS A 1 86  ? -0.428  -11.251 9.532   1.00 51.41 ? 86   LYS A CE  1 
ATOM   673  N NZ  . LYS A 1 86  ? -0.739  -11.284 8.070   1.00 48.86 ? 86   LYS A NZ  1 
ATOM   674  N N   . PRO A 1 87  ? 5.546   -8.518  8.784   1.00 28.87 ? 87   PRO A N   1 
ATOM   675  C CA  . PRO A 1 87  ? 6.902   -8.100  8.420   1.00 26.38 ? 87   PRO A CA  1 
ATOM   676  C C   . PRO A 1 87  ? 7.698   -9.152  7.648   1.00 29.17 ? 87   PRO A C   1 
ATOM   677  O O   . PRO A 1 87  ? 8.339   -8.841  6.646   1.00 26.02 ? 87   PRO A O   1 
ATOM   678  C CB  . PRO A 1 87  ? 7.531   -7.779  9.772   1.00 28.19 ? 87   PRO A CB  1 
ATOM   679  C CG  . PRO A 1 87  ? 6.374   -7.229  10.541  1.00 28.45 ? 87   PRO A CG  1 
ATOM   680  C CD  . PRO A 1 87  ? 5.269   -8.210  10.199  1.00 29.66 ? 87   PRO A CD  1 
ATOM   681  N N   . LYS A 1 88  ? 7.647   -10.392 8.118   1.00 31.93 ? 88   LYS A N   1 
ATOM   682  C CA  . LYS A 1 88  ? 8.382   -11.486 7.493   1.00 36.14 ? 88   LYS A CA  1 
ATOM   683  C C   . LYS A 1 88  ? 7.942   -11.770 6.058   1.00 35.53 ? 88   LYS A C   1 
ATOM   684  O O   . LYS A 1 88  ? 8.674   -12.401 5.295   1.00 39.26 ? 88   LYS A O   1 
ATOM   685  C CB  . LYS A 1 88  ? 8.230   -12.757 8.333   1.00 40.40 ? 88   LYS A CB  1 
ATOM   686  C CG  . LYS A 1 88  ? 9.191   -13.876 7.962   1.00 49.01 ? 88   LYS A CG  1 
ATOM   687  C CD  . LYS A 1 88  ? 10.630  -13.497 8.284   1.00 52.50 ? 88   LYS A CD  1 
ATOM   688  C CE  . LYS A 1 88  ? 11.591  -14.627 7.948   1.00 53.41 ? 88   LYS A CE  1 
ATOM   689  N NZ  . LYS A 1 88  ? 12.996  -14.287 8.307   1.00 56.76 ? 88   LYS A NZ  1 
ATOM   690  N N   . LEU A 1 89  ? 6.754   -11.299 5.689   1.00 33.49 ? 89   LEU A N   1 
ATOM   691  C CA  . LEU A 1 89  ? 6.231   -11.534 4.348   1.00 31.05 ? 89   LEU A CA  1 
ATOM   692  C C   . LEU A 1 89  ? 6.362   -10.343 3.402   1.00 30.36 ? 89   LEU A C   1 
ATOM   693  O O   . LEU A 1 89  ? 6.104   -10.469 2.205   1.00 26.61 ? 89   LEU A O   1 
ATOM   694  C CB  . LEU A 1 89  ? 4.760   -11.946 4.433   1.00 35.89 ? 89   LEU A CB  1 
ATOM   695  C CG  . LEU A 1 89  ? 4.450   -13.178 5.285   1.00 42.03 ? 89   LEU A CG  1 
ATOM   696  C CD1 . LEU A 1 89  ? 2.945   -13.384 5.359   1.00 41.35 ? 89   LEU A CD1 1 
ATOM   697  C CD2 . LEU A 1 89  ? 5.136   -14.399 4.689   1.00 41.39 ? 89   LEU A CD2 1 
ATOM   698  N N   . THR A 1 90  ? 6.766   -9.191  3.926   1.00 27.79 ? 90   THR A N   1 
ATOM   699  C CA  . THR A 1 90  ? 6.898   -8.005  3.092   1.00 27.54 ? 90   THR A CA  1 
ATOM   700  C C   . THR A 1 90  ? 8.051   -8.073  2.098   1.00 28.94 ? 90   THR A C   1 
ATOM   701  O O   . THR A 1 90  ? 7.992   -7.455  1.036   1.00 27.94 ? 90   THR A O   1 
ATOM   702  C CB  . THR A 1 90  ? 7.062   -6.733  3.946   1.00 25.05 ? 90   THR A CB  1 
ATOM   703  O OG1 . THR A 1 90  ? 8.284   -6.804  4.691   1.00 24.54 ? 90   THR A OG1 1 
ATOM   704  C CG2 . THR A 1 90  ? 5.887   -6.591  4.905   1.00 22.80 ? 90   THR A CG2 1 
ATOM   705  N N   . MET A 1 91  ? 9.100   -8.819  2.435   1.00 27.51 ? 91   MET A N   1 
ATOM   706  C CA  . MET A 1 91  ? 10.247  -8.933  1.541   1.00 30.05 ? 91   MET A CA  1 
ATOM   707  C C   . MET A 1 91  ? 9.827   -9.430  0.161   1.00 27.10 ? 91   MET A C   1 
ATOM   708  O O   . MET A 1 91  ? 10.185  -8.841  -0.856  1.00 27.49 ? 91   MET A O   1 
ATOM   709  C CB  . MET A 1 91  ? 11.294  -9.880  2.131   1.00 33.84 ? 91   MET A CB  1 
ATOM   710  C CG  . MET A 1 91  ? 12.514  -10.079 1.243   1.00 31.76 ? 91   MET A CG  1 
ATOM   711  S SD  . MET A 1 91  ? 13.363  -8.537  0.834   1.00 37.89 ? 91   MET A SD  1 
ATOM   712  C CE  . MET A 1 91  ? 14.571  -8.456  2.161   1.00 32.19 ? 91   MET A CE  1 
ATOM   713  N N   . GLU A 1 92  ? 9.059   -10.512 0.130   1.00 30.52 ? 92   GLU A N   1 
ATOM   714  C CA  . GLU A 1 92  ? 8.604   -11.074 -1.135  1.00 32.75 ? 92   GLU A CA  1 
ATOM   715  C C   . GLU A 1 92  ? 7.852   -10.031 -1.961  1.00 33.01 ? 92   GLU A C   1 
ATOM   716  O O   . GLU A 1 92  ? 8.081   -9.898  -3.161  1.00 28.20 ? 92   GLU A O   1 
ATOM   717  C CB  . GLU A 1 92  ? 7.708   -12.292 -0.880  1.00 36.40 ? 92   GLU A CB  1 
ATOM   718  C CG  . GLU A 1 92  ? 6.390   -11.971 -0.199  1.00 50.27 ? 92   GLU A CG  1 
ATOM   719  C CD  . GLU A 1 92  ? 5.634   -13.210 0.236   1.00 54.92 ? 92   GLU A CD  1 
ATOM   720  O OE1 . GLU A 1 92  ? 5.375   -14.086 -0.620  1.00 59.06 ? 92   GLU A OE1 1 
ATOM   721  O OE2 . GLU A 1 92  ? 5.296   -13.307 1.434   1.00 53.26 ? 92   GLU A OE2 1 
ATOM   722  N N   . TYR A 1 93  ? 6.966   -9.281  -1.314  1.00 31.48 ? 93   TYR A N   1 
ATOM   723  C CA  . TYR A 1 93  ? 6.190   -8.264  -2.009  1.00 28.81 ? 93   TYR A CA  1 
ATOM   724  C C   . TYR A 1 93  ? 7.003   -7.035  -2.394  1.00 30.04 ? 93   TYR A C   1 
ATOM   725  O O   . TYR A 1 93  ? 6.671   -6.346  -3.358  1.00 29.78 ? 93   TYR A O   1 
ATOM   726  C CB  . TYR A 1 93  ? 4.974   -7.868  -1.168  1.00 27.80 ? 93   TYR A CB  1 
ATOM   727  C CG  . TYR A 1 93  ? 3.958   -8.982  -1.082  1.00 26.07 ? 93   TYR A CG  1 
ATOM   728  C CD1 . TYR A 1 93  ? 3.749   -9.673  0.109   1.00 24.26 ? 93   TYR A CD1 1 
ATOM   729  C CD2 . TYR A 1 93  ? 3.240   -9.378  -2.209  1.00 30.69 ? 93   TYR A CD2 1 
ATOM   730  C CE1 . TYR A 1 93  ? 2.848   -10.736 0.174   1.00 26.15 ? 93   TYR A CE1 1 
ATOM   731  C CE2 . TYR A 1 93  ? 2.342   -10.435 -2.156  1.00 27.32 ? 93   TYR A CE2 1 
ATOM   732  C CZ  . TYR A 1 93  ? 2.151   -11.111 -0.963  1.00 28.65 ? 93   TYR A CZ  1 
ATOM   733  O OH  . TYR A 1 93  ? 1.268   -12.164 -0.908  1.00 33.86 ? 93   TYR A OH  1 
ATOM   734  N N   . VAL A 1 94  ? 8.064   -6.752  -1.643  1.00 28.69 ? 94   VAL A N   1 
ATOM   735  C CA  . VAL A 1 94  ? 8.916   -5.615  -1.966  1.00 30.71 ? 94   VAL A CA  1 
ATOM   736  C C   . VAL A 1 94  ? 9.667   -5.953  -3.249  1.00 30.47 ? 94   VAL A C   1 
ATOM   737  O O   . VAL A 1 94  ? 9.806   -5.116  -4.137  1.00 30.56 ? 94   VAL A O   1 
ATOM   738  C CB  . VAL A 1 94  ? 9.936   -5.327  -0.843  1.00 32.59 ? 94   VAL A CB  1 
ATOM   739  C CG1 . VAL A 1 94  ? 10.975  -4.323  -1.325  1.00 33.58 ? 94   VAL A CG1 1 
ATOM   740  C CG2 . VAL A 1 94  ? 9.216   -4.780  0.375   1.00 35.77 ? 94   VAL A CG2 1 
ATOM   741  N N   . GLU A 1 95  ? 10.151  -7.188  -3.334  1.00 33.07 ? 95   GLU A N   1 
ATOM   742  C CA  . GLU A 1 95  ? 10.871  -7.647  -4.511  1.00 36.52 ? 95   GLU A CA  1 
ATOM   743  C C   . GLU A 1 95  ? 9.949   -7.548  -5.722  1.00 35.86 ? 95   GLU A C   1 
ATOM   744  O O   . GLU A 1 95  ? 10.383  -7.191  -6.819  1.00 36.29 ? 95   GLU A O   1 
ATOM   745  C CB  . GLU A 1 95  ? 11.340  -9.091  -4.306  1.00 37.39 ? 95   GLU A CB  1 
ATOM   746  C CG  . GLU A 1 95  ? 12.385  -9.231  -3.206  1.00 40.61 ? 95   GLU A CG  1 
ATOM   747  C CD  . GLU A 1 95  ? 12.762  -10.672 -2.918  1.00 43.61 ? 95   GLU A CD  1 
ATOM   748  O OE1 . GLU A 1 95  ? 13.688  -10.890 -2.109  1.00 43.89 ? 95   GLU A OE1 1 
ATOM   749  O OE2 . GLU A 1 95  ? 12.135  -11.585 -3.494  1.00 46.46 ? 95   GLU A OE2 1 
ATOM   750  N N   . GLN A 1 96  ? 8.673   -7.856  -5.511  1.00 34.06 ? 96   GLN A N   1 
ATOM   751  C CA  . GLN A 1 96  ? 7.676   -7.776  -6.571  1.00 32.61 ? 96   GLN A CA  1 
ATOM   752  C C   . GLN A 1 96  ? 7.472   -6.319  -6.963  1.00 33.49 ? 96   GLN A C   1 
ATOM   753  O O   . GLN A 1 96  ? 7.449   -5.980  -8.145  1.00 34.39 ? 96   GLN A O   1 
ATOM   754  C CB  . GLN A 1 96  ? 6.346   -8.365  -6.098  1.00 32.43 ? 96   GLN A CB  1 
ATOM   755  C CG  . GLN A 1 96  ? 6.281   -9.880  -6.111  1.00 33.48 ? 96   GLN A CG  1 
ATOM   756  C CD  . GLN A 1 96  ? 4.987   -10.400 -5.526  1.00 32.40 ? 96   GLN A CD  1 
ATOM   757  O OE1 . GLN A 1 96  ? 3.936   -9.768  -5.655  1.00 35.67 ? 96   GLN A OE1 1 
ATOM   758  N NE2 . GLN A 1 96  ? 5.048   -11.561 -4.885  1.00 35.23 ? 96   GLN A NE2 1 
ATOM   759  N N   . ALA A 1 97  ? 7.318   -5.458  -5.961  1.00 32.71 ? 97   ALA A N   1 
ATOM   760  C CA  . ALA A 1 97  ? 7.124   -4.032  -6.198  1.00 31.36 ? 97   ALA A CA  1 
ATOM   761  C C   . ALA A 1 97  ? 8.298   -3.483  -7.003  1.00 32.28 ? 97   ALA A C   1 
ATOM   762  O O   . ALA A 1 97  ? 8.121   -2.639  -7.875  1.00 29.39 ? 97   ALA A O   1 
ATOM   763  C CB  . ALA A 1 97  ? 7.010   -3.292  -4.866  1.00 31.34 ? 97   ALA A CB  1 
ATOM   764  N N   . ILE A 1 98  ? 9.496   -3.974  -6.698  1.00 33.87 ? 98   ILE A N   1 
ATOM   765  C CA  . ILE A 1 98  ? 10.702  -3.542  -7.391  1.00 35.74 ? 98   ILE A CA  1 
ATOM   766  C C   . ILE A 1 98  ? 10.606  -3.922  -8.854  1.00 33.92 ? 98   ILE A C   1 
ATOM   767  O O   . ILE A 1 98  ? 10.855  -3.103  -9.734  1.00 35.48 ? 98   ILE A O   1 
ATOM   768  C CB  . ILE A 1 98  ? 11.969  -4.207  -6.812  1.00 35.96 ? 98   ILE A CB  1 
ATOM   769  C CG1 . ILE A 1 98  ? 12.111  -3.841  -5.339  1.00 35.01 ? 98   ILE A CG1 1 
ATOM   770  C CG2 . ILE A 1 98  ? 13.204  -3.733  -7.562  1.00 35.85 ? 98   ILE A CG2 1 
ATOM   771  C CD1 . ILE A 1 98  ? 12.152  -2.353  -5.101  1.00 42.09 ? 98   ILE A CD1 1 
ATOM   772  N N   . LYS A 1 99  ? 10.268  -5.180  -9.110  1.00 34.28 ? 99   LYS A N   1 
ATOM   773  C CA  . LYS A 1 99  ? 10.145  -5.677  -10.477 1.00 39.37 ? 99   LYS A CA  1 
ATOM   774  C C   . LYS A 1 99  ? 9.026   -4.964  -11.226 1.00 40.77 ? 99   LYS A C   1 
ATOM   775  O O   . LYS A 1 99  ? 9.140   -4.696  -12.419 1.00 40.40 ? 99   LYS A O   1 
ATOM   776  C CB  . LYS A 1 99  ? 9.874   -7.186  -10.477 1.00 41.02 ? 99   LYS A CB  1 
ATOM   777  C CG  . LYS A 1 99  ? 11.052  -8.049  -10.038 1.00 46.75 ? 99   LYS A CG  1 
ATOM   778  C CD  . LYS A 1 99  ? 12.304  -7.731  -10.847 1.00 53.53 ? 99   LYS A CD  1 
ATOM   779  C CE  . LYS A 1 99  ? 13.296  -8.882  -10.827 1.00 55.81 ? 99   LYS A CE  1 
ATOM   780  N NZ  . LYS A 1 99  ? 12.775  -10.055 -11.583 1.00 55.03 ? 99   LYS A NZ  1 
ATOM   781  N N   . LYS A 1 100 ? 7.946   -4.658  -10.514 1.00 40.07 ? 100  LYS A N   1 
ATOM   782  C CA  . LYS A 1 100 ? 6.793   -3.980  -11.099 1.00 36.48 ? 100  LYS A CA  1 
ATOM   783  C C   . LYS A 1 100 ? 7.109   -2.525  -11.430 1.00 37.47 ? 100  LYS A C   1 
ATOM   784  O O   . LYS A 1 100 ? 6.410   -1.894  -12.221 1.00 38.69 ? 100  LYS A O   1 
ATOM   785  C CB  . LYS A 1 100 ? 5.607   -4.049  -10.130 1.00 37.92 ? 100  LYS A CB  1 
ATOM   786  C CG  . LYS A 1 100 ? 4.319   -3.424  -10.644 1.00 35.84 ? 100  LYS A CG  1 
ATOM   787  C CD  . LYS A 1 100 ? 3.785   -4.158  -11.864 1.00 38.28 ? 100  LYS A CD  1 
ATOM   788  C CE  . LYS A 1 100 ? 2.479   -3.542  -12.344 1.00 35.89 ? 100  LYS A CE  1 
ATOM   789  N NZ  . LYS A 1 100 ? 1.936   -4.238  -13.541 1.00 29.50 ? 100  LYS A NZ  1 
ATOM   790  N N   . GLY A 1 101 ? 8.164   -1.996  -10.817 1.00 35.30 ? 101  GLY A N   1 
ATOM   791  C CA  . GLY A 1 101 ? 8.548   -0.619  -11.066 1.00 32.30 ? 101  GLY A CA  1 
ATOM   792  C C   . GLY A 1 101 ? 7.739   0.382   -10.263 1.00 33.65 ? 101  GLY A C   1 
ATOM   793  O O   . GLY A 1 101 ? 7.543   1.523   -10.688 1.00 32.24 ? 101  GLY A O   1 
ATOM   794  N N   . ALA A 1 102 ? 7.265   -0.042  -9.096  1.00 31.23 ? 102  ALA A N   1 
ATOM   795  C CA  . ALA A 1 102 ? 6.478   0.830   -8.230  1.00 30.89 ? 102  ALA A CA  1 
ATOM   796  C C   . ALA A 1 102 ? 7.311   2.043   -7.836  1.00 30.57 ? 102  ALA A C   1 
ATOM   797  O O   . ALA A 1 102 ? 8.536   2.022   -7.946  1.00 30.67 ? 102  ALA A O   1 
ATOM   798  C CB  . ALA A 1 102 ? 6.032   0.067   -6.989  1.00 33.07 ? 102  ALA A CB  1 
ATOM   799  N N   . LYS A 1 103 ? 6.644   3.094   -7.377  1.00 27.61 ? 103  LYS A N   1 
ATOM   800  C CA  . LYS A 1 103 ? 7.322   4.321   -6.971  1.00 26.91 ? 103  LYS A CA  1 
ATOM   801  C C   . LYS A 1 103 ? 7.377   4.458   -5.456  1.00 26.54 ? 103  LYS A C   1 
ATOM   802  O O   . LYS A 1 103 ? 8.268   5.115   -4.915  1.00 24.51 ? 103  LYS A O   1 
ATOM   803  C CB  . LYS A 1 103 ? 6.592   5.539   -7.540  1.00 29.70 ? 103  LYS A CB  1 
ATOM   804  C CG  . LYS A 1 103 ? 6.530   5.603   -9.056  1.00 30.84 ? 103  LYS A CG  1 
ATOM   805  C CD  . LYS A 1 103 ? 7.898   5.870   -9.656  1.00 35.97 ? 103  LYS A CD  1 
ATOM   806  C CE  . LYS A 1 103 ? 7.803   6.060   -11.161 1.00 39.00 ? 103  LYS A CE  1 
ATOM   807  N NZ  . LYS A 1 103 ? 9.132   6.328   -11.775 1.00 45.92 ? 103  LYS A NZ  1 
ATOM   808  N N   . VAL A 1 104 ? 6.420   3.831   -4.778  1.00 22.44 ? 104  VAL A N   1 
ATOM   809  C CA  . VAL A 1 104 ? 6.337   3.914   -3.324  1.00 22.01 ? 104  VAL A CA  1 
ATOM   810  C C   . VAL A 1 104 ? 5.966   2.588   -2.671  1.00 23.38 ? 104  VAL A C   1 
ATOM   811  O O   . VAL A 1 104 ? 5.145   1.834   -3.193  1.00 23.24 ? 104  VAL A O   1 
ATOM   812  C CB  . VAL A 1 104 ? 5.263   4.955   -2.905  1.00 21.52 ? 104  VAL A CB  1 
ATOM   813  C CG1 . VAL A 1 104 ? 5.131   5.005   -1.388  1.00 20.82 ? 104  VAL A CG1 1 
ATOM   814  C CG2 . VAL A 1 104 ? 5.619   6.326   -3.456  1.00 25.55 ? 104  VAL A CG2 1 
ATOM   815  N N   . VAL A 1 105 ? 6.595   2.304   -1.536  1.00 23.63 ? 105  VAL A N   1 
ATOM   816  C CA  . VAL A 1 105 ? 6.279   1.112   -0.763  1.00 21.58 ? 105  VAL A CA  1 
ATOM   817  C C   . VAL A 1 105 ? 5.705   1.702   0.518   1.00 19.18 ? 105  VAL A C   1 
ATOM   818  O O   . VAL A 1 105 ? 6.354   2.504   1.187   1.00 19.66 ? 105  VAL A O   1 
ATOM   819  C CB  . VAL A 1 105 ? 7.528   0.272   -0.428  1.00 23.66 ? 105  VAL A CB  1 
ATOM   820  C CG1 . VAL A 1 105 ? 7.123   -0.943  0.404   1.00 23.13 ? 105  VAL A CG1 1 
ATOM   821  C CG2 . VAL A 1 105 ? 8.205   -0.180  -1.709  1.00 31.71 ? 105  VAL A CG2 1 
ATOM   822  N N   . TRP A 1 106 ? 4.478   1.322   0.840   1.00 18.47 ? 106  TRP A N   1 
ATOM   823  C CA  . TRP A 1 106 ? 3.816   1.844   2.022   1.00 17.00 ? 106  TRP A CA  1 
ATOM   824  C C   . TRP A 1 106 ? 3.570   0.749   3.053   1.00 16.21 ? 106  TRP A C   1 
ATOM   825  O O   . TRP A 1 106 ? 2.739   -0.132  2.843   1.00 18.68 ? 106  TRP A O   1 
ATOM   826  C CB  . TRP A 1 106 ? 2.489   2.491   1.610   1.00 17.02 ? 106  TRP A CB  1 
ATOM   827  C CG  . TRP A 1 106 ? 1.801   3.258   2.701   1.00 17.55 ? 106  TRP A CG  1 
ATOM   828  C CD1 . TRP A 1 106 ? 1.426   2.783   3.926   1.00 18.20 ? 106  TRP A CD1 1 
ATOM   829  C CD2 . TRP A 1 106 ? 1.376   4.627   2.655   1.00 15.10 ? 106  TRP A CD2 1 
ATOM   830  N NE1 . TRP A 1 106 ? 0.794   3.768   4.642   1.00 16.78 ? 106  TRP A NE1 1 
ATOM   831  C CE2 . TRP A 1 106 ? 0.746   4.909   3.887   1.00 15.78 ? 106  TRP A CE2 1 
ATOM   832  C CE3 . TRP A 1 106 ? 1.459   5.641   1.690   1.00 15.93 ? 106  TRP A CE3 1 
ATOM   833  C CZ2 . TRP A 1 106 ? 0.209   6.167   4.186   1.00 17.28 ? 106  TRP A CZ2 1 
ATOM   834  C CZ3 . TRP A 1 106 ? 0.922   6.893   1.986   1.00 18.03 ? 106  TRP A CZ3 1 
ATOM   835  C CH2 . TRP A 1 106 ? 0.304   7.142   3.225   1.00 17.12 ? 106  TRP A CH2 1 
ATOM   836  N N   . PHE A 1 107 ? 4.306   0.809   4.161   1.00 17.01 ? 107  PHE A N   1 
ATOM   837  C CA  . PHE A 1 107 ? 4.168   -0.160  5.243   1.00 17.71 ? 107  PHE A CA  1 
ATOM   838  C C   . PHE A 1 107 ? 3.085   0.300   6.215   1.00 20.48 ? 107  PHE A C   1 
ATOM   839  O O   . PHE A 1 107 ? 3.248   1.305   6.908   1.00 18.10 ? 107  PHE A O   1 
ATOM   840  C CB  . PHE A 1 107 ? 5.493   -0.299  6.000   1.00 17.94 ? 107  PHE A CB  1 
ATOM   841  C CG  . PHE A 1 107 ? 6.574   -1.009  5.226   1.00 16.72 ? 107  PHE A CG  1 
ATOM   842  C CD1 . PHE A 1 107 ? 6.711   -2.394  5.301   1.00 18.20 ? 107  PHE A CD1 1 
ATOM   843  C CD2 . PHE A 1 107 ? 7.464   -0.290  4.437   1.00 19.37 ? 107  PHE A CD2 1 
ATOM   844  C CE1 . PHE A 1 107 ? 7.726   -3.050  4.602   1.00 17.65 ? 107  PHE A CE1 1 
ATOM   845  C CE2 . PHE A 1 107 ? 8.484   -0.938  3.733   1.00 19.49 ? 107  PHE A CE2 1 
ATOM   846  C CZ  . PHE A 1 107 ? 8.612   -2.320  3.818   1.00 20.98 ? 107  PHE A CZ  1 
ATOM   847  N N   . GLN A 1 108 ? 1.977   -0.430  6.260   1.00 16.13 ? 108  GLN A N   1 
ATOM   848  C CA  . GLN A 1 108 ? 0.892   -0.095  7.173   1.00 18.07 ? 108  GLN A CA  1 
ATOM   849  C C   . GLN A 1 108 ? 1.341   -0.473  8.587   1.00 17.70 ? 108  GLN A C   1 
ATOM   850  O O   . GLN A 1 108 ? 2.409   -1.058  8.772   1.00 20.29 ? 108  GLN A O   1 
ATOM   851  C CB  . GLN A 1 108 ? -0.373  -0.867  6.791   1.00 15.95 ? 108  GLN A CB  1 
ATOM   852  C CG  . GLN A 1 108 ? -1.009  -0.450  5.466   1.00 15.99 ? 108  GLN A CG  1 
ATOM   853  C CD  . GLN A 1 108 ? -1.948  0.735   5.600   1.00 17.73 ? 108  GLN A CD  1 
ATOM   854  O OE1 . GLN A 1 108 ? -2.693  0.844   6.577   1.00 22.54 ? 108  GLN A OE1 1 
ATOM   855  N NE2 . GLN A 1 108 ? -1.939  1.614   4.606   1.00 13.56 ? 108  GLN A NE2 1 
ATOM   856  N N   . TYR A 1 109 ? 0.529   -0.141  9.582   1.00 19.62 ? 109  TYR A N   1 
ATOM   857  C CA  . TYR A 1 109 ? 0.866   -0.441  10.968  1.00 21.49 ? 109  TYR A CA  1 
ATOM   858  C C   . TYR A 1 109 ? 1.237   -1.905  11.213  1.00 23.28 ? 109  TYR A C   1 
ATOM   859  O O   . TYR A 1 109 ? 0.583   -2.820  10.711  1.00 24.42 ? 109  TYR A O   1 
ATOM   860  C CB  . TYR A 1 109 ? -0.296  -0.045  11.885  1.00 24.52 ? 109  TYR A CB  1 
ATOM   861  C CG  . TYR A 1 109 ? -0.583  1.442   11.897  1.00 25.05 ? 109  TYR A CG  1 
ATOM   862  C CD1 . TYR A 1 109 ? 0.423   2.359   12.194  1.00 30.52 ? 109  TYR A CD1 1 
ATOM   863  C CD2 . TYR A 1 109 ? -1.862  1.933   11.623  1.00 29.36 ? 109  TYR A CD2 1 
ATOM   864  C CE1 . TYR A 1 109 ? 0.168   3.727   12.218  1.00 30.31 ? 109  TYR A CE1 1 
ATOM   865  C CE2 . TYR A 1 109 ? -2.128  3.304   11.646  1.00 30.39 ? 109  TYR A CE2 1 
ATOM   866  C CZ  . TYR A 1 109 ? -1.106  4.192   11.946  1.00 33.26 ? 109  TYR A CZ  1 
ATOM   867  O OH  . TYR A 1 109 ? -1.355  5.547   11.988  1.00 37.98 ? 109  TYR A OH  1 
ATOM   868  N N   . ASN A 1 110 ? 2.302   -2.103  11.985  1.00 24.48 ? 110  ASN A N   1 
ATOM   869  C CA  . ASN A 1 110 ? 2.787   -3.429  12.354  1.00 26.27 ? 110  ASN A CA  1 
ATOM   870  C C   . ASN A 1 110 ? 3.159   -4.342  11.187  1.00 25.60 ? 110  ASN A C   1 
ATOM   871  O O   . ASN A 1 110 ? 2.919   -5.548  11.243  1.00 25.74 ? 110  ASN A O   1 
ATOM   872  C CB  . ASN A 1 110 ? 1.747   -4.133  13.232  1.00 33.84 ? 110  ASN A CB  1 
ATOM   873  C CG  . ASN A 1 110 ? 1.381   -3.328  14.465  1.00 41.25 ? 110  ASN A CG  1 
ATOM   874  O OD1 . ASN A 1 110 ? 0.839   -2.227  14.363  1.00 53.00 ? 110  ASN A OD1 1 
ATOM   875  N ND2 . ASN A 1 110 ? 1.679   -3.873  15.638  1.00 48.51 ? 110  ASN A ND2 1 
ATOM   876  N N   . THR A 1 111 ? 3.748   -3.775  10.140  1.00 21.20 ? 111  THR A N   1 
ATOM   877  C CA  . THR A 1 111 ? 4.157   -4.569  8.982   1.00 20.10 ? 111  THR A CA  1 
ATOM   878  C C   . THR A 1 111 ? 5.608   -4.288  8.597   1.00 20.74 ? 111  THR A C   1 
ATOM   879  O O   . THR A 1 111 ? 6.181   -4.981  7.757   1.00 22.62 ? 111  THR A O   1 
ATOM   880  C CB  . THR A 1 111 ? 3.298   -4.250  7.737   1.00 22.30 ? 111  THR A CB  1 
ATOM   881  O OG1 . THR A 1 111 ? 3.647   -2.952  7.238   1.00 18.95 ? 111  THR A OG1 1 
ATOM   882  C CG2 . THR A 1 111 ? 1.821   -4.261  8.082   1.00 19.82 ? 111  THR A CG2 1 
ATOM   883  N N   . TYR A 1 112 ? 6.207   -3.277  9.215   1.00 21.27 ? 112  TYR A N   1 
ATOM   884  C CA  . TYR A 1 112 ? 7.570   -2.894  8.866   1.00 21.78 ? 112  TYR A CA  1 
ATOM   885  C C   . TYR A 1 112 ? 8.683   -3.903  9.151   1.00 23.23 ? 112  TYR A C   1 
ATOM   886  O O   . TYR A 1 112 ? 8.763   -4.484  10.233  1.00 24.80 ? 112  TYR A O   1 
ATOM   887  C CB  . TYR A 1 112 ? 7.912   -1.555  9.521   1.00 16.84 ? 112  TYR A CB  1 
ATOM   888  C CG  . TYR A 1 112 ? 9.120   -0.887  8.919   1.00 21.91 ? 112  TYR A CG  1 
ATOM   889  C CD1 . TYR A 1 112 ? 10.390  -1.046  9.480   1.00 21.94 ? 112  TYR A CD1 1 
ATOM   890  C CD2 . TYR A 1 112 ? 8.997   -0.100  7.774   1.00 22.50 ? 112  TYR A CD2 1 
ATOM   891  C CE1 . TYR A 1 112 ? 11.508  -0.432  8.914   1.00 19.92 ? 112  TYR A CE1 1 
ATOM   892  C CE2 . TYR A 1 112 ? 10.102  0.515   7.201   1.00 17.95 ? 112  TYR A CE2 1 
ATOM   893  C CZ  . TYR A 1 112 ? 11.352  0.348   7.776   1.00 18.18 ? 112  TYR A CZ  1 
ATOM   894  O OH  . TYR A 1 112 ? 12.434  0.980   7.207   1.00 23.72 ? 112  TYR A OH  1 
ATOM   895  N N   . ASN A 1 113 ? 9.540   -4.092  8.151   1.00 21.84 ? 113  ASN A N   1 
ATOM   896  C CA  . ASN A 1 113 ? 10.695  -4.985  8.229   1.00 21.85 ? 113  ASN A CA  1 
ATOM   897  C C   . ASN A 1 113 ? 11.841  -4.167  7.643   1.00 22.89 ? 113  ASN A C   1 
ATOM   898  O O   . ASN A 1 113 ? 11.761  -3.725  6.497   1.00 23.74 ? 113  ASN A O   1 
ATOM   899  C CB  . ASN A 1 113 ? 10.471  -6.239  7.375   1.00 25.33 ? 113  ASN A CB  1 
ATOM   900  C CG  . ASN A 1 113 ? 11.679  -7.160  7.368   1.00 26.24 ? 113  ASN A CG  1 
ATOM   901  O OD1 . ASN A 1 113 ? 11.846  -7.997  8.255   1.00 36.52 ? 113  ASN A OD1 1 
ATOM   902  N ND2 . ASN A 1 113 ? 12.539  -6.996  6.374   1.00 26.18 ? 113  ASN A ND2 1 
ATOM   903  N N   . ARG A 1 114 ? 12.903  -3.955  8.415   1.00 22.24 ? 114  ARG A N   1 
ATOM   904  C CA  . ARG A 1 114 ? 14.012  -3.141  7.925   1.00 24.50 ? 114  ARG A CA  1 
ATOM   905  C C   . ARG A 1 114 ? 14.751  -3.712  6.720   1.00 25.07 ? 114  ARG A C   1 
ATOM   906  O O   . ARG A 1 114 ? 15.230  -2.959  5.875   1.00 25.24 ? 114  ARG A O   1 
ATOM   907  C CB  . ARG A 1 114 ? 15.014  -2.850  9.048   1.00 28.82 ? 114  ARG A CB  1 
ATOM   908  C CG  . ARG A 1 114 ? 15.798  -4.043  9.552   1.00 25.13 ? 114  ARG A CG  1 
ATOM   909  C CD  . ARG A 1 114 ? 16.909  -3.577  10.489  1.00 37.35 ? 114  ARG A CD  1 
ATOM   910  N NE  . ARG A 1 114 ? 17.904  -2.769  9.784   1.00 31.12 ? 114  ARG A NE  1 
ATOM   911  C CZ  . ARG A 1 114 ? 18.799  -3.266  8.936   1.00 37.80 ? 114  ARG A CZ  1 
ATOM   912  N NH1 . ARG A 1 114 ? 19.668  -2.467  8.330   1.00 39.13 ? 114  ARG A NH1 1 
ATOM   913  N NH2 . ARG A 1 114 ? 18.835  -4.569  8.702   1.00 40.51 ? 114  ARG A NH2 1 
ATOM   914  N N   . GLU A 1 115 ? 14.846  -5.033  6.631   1.00 27.64 ? 115  GLU A N   1 
ATOM   915  C CA  . GLU A 1 115 ? 15.540  -5.650  5.506   1.00 26.96 ? 115  GLU A CA  1 
ATOM   916  C C   . GLU A 1 115 ? 14.784  -5.408  4.200   1.00 28.04 ? 115  GLU A C   1 
ATOM   917  O O   . GLU A 1 115 ? 15.380  -5.046  3.185   1.00 28.66 ? 115  GLU A O   1 
ATOM   918  C CB  . GLU A 1 115 ? 15.705  -7.152  5.756   1.00 27.76 ? 115  GLU A CB  1 
ATOM   919  C CG  . GLU A 1 115 ? 16.642  -7.477  6.909   1.00 39.53 ? 115  GLU A CG  1 
ATOM   920  C CD  . GLU A 1 115 ? 18.099  -7.233  6.563   1.00 48.25 ? 115  GLU A CD  1 
ATOM   921  O OE1 . GLU A 1 115 ? 18.673  -8.032  5.795   1.00 55.50 ? 115  GLU A OE1 1 
ATOM   922  O OE2 . GLU A 1 115 ? 18.672  -6.239  7.052   1.00 56.68 ? 115  GLU A OE2 1 
ATOM   923  N N   . ALA A 1 116 ? 13.469  -5.604  4.232   1.00 25.95 ? 116  ALA A N   1 
ATOM   924  C CA  . ALA A 1 116 ? 12.635  -5.396  3.053   1.00 21.57 ? 116  ALA A CA  1 
ATOM   925  C C   . ALA A 1 116 ? 12.645  -3.922  2.655   1.00 26.05 ? 116  ALA A C   1 
ATOM   926  O O   . ALA A 1 116 ? 12.700  -3.584  1.472   1.00 26.12 ? 116  ALA A O   1 
ATOM   927  C CB  . ALA A 1 116 ? 11.212  -5.854  3.337   1.00 19.83 ? 116  ALA A CB  1 
ATOM   928  N N   . SER A 1 117 ? 12.592  -3.044  3.652   1.00 25.23 ? 117  SER A N   1 
ATOM   929  C CA  . SER A 1 117 ? 12.601  -1.608  3.406   1.00 23.25 ? 117  SER A CA  1 
ATOM   930  C C   . SER A 1 117 ? 13.929  -1.175  2.799   1.00 25.09 ? 117  SER A C   1 
ATOM   931  O O   . SER A 1 117 ? 13.967  -0.339  1.897   1.00 24.35 ? 117  SER A O   1 
ATOM   932  C CB  . SER A 1 117 ? 12.369  -0.848  4.714   1.00 22.43 ? 117  SER A CB  1 
ATOM   933  O OG  . SER A 1 117 ? 12.430  0.551   4.510   1.00 29.20 ? 117  SER A OG  1 
ATOM   934  N N   . LYS A 1 118 ? 15.019  -1.750  3.297   1.00 25.94 ? 118  LYS A N   1 
ATOM   935  C CA  . LYS A 1 118 ? 16.347  -1.413  2.802   1.00 24.03 ? 118  LYS A CA  1 
ATOM   936  C C   . LYS A 1 118 ? 16.477  -1.742  1.319   1.00 26.53 ? 118  LYS A C   1 
ATOM   937  O O   . LYS A 1 118 ? 16.975  -0.935  0.538   1.00 30.13 ? 118  LYS A O   1 
ATOM   938  C CB  . LYS A 1 118 ? 17.416  -2.167  3.593   1.00 28.32 ? 118  LYS A CB  1 
ATOM   939  C CG  . LYS A 1 118 ? 18.840  -1.850  3.169   1.00 30.69 ? 118  LYS A CG  1 
ATOM   940  C CD  . LYS A 1 118 ? 19.844  -2.587  4.041   1.00 32.80 ? 118  LYS A CD  1 
ATOM   941  C CE  . LYS A 1 118 ? 21.272  -2.274  3.627   1.00 36.15 ? 118  LYS A CE  1 
ATOM   942  N NZ  . LYS A 1 118 ? 22.270  -2.950  4.504   1.00 33.39 ? 118  LYS A NZ  1 
ATOM   943  N N   . LYS A 1 119 ? 16.020  -2.929  0.934   1.00 28.99 ? 119  LYS A N   1 
ATOM   944  C CA  . LYS A 1 119 ? 16.092  -3.338  -0.463  1.00 31.71 ? 119  LYS A CA  1 
ATOM   945  C C   . LYS A 1 119 ? 15.274  -2.378  -1.318  1.00 29.79 ? 119  LYS A C   1 
ATOM   946  O O   . LYS A 1 119 ? 15.713  -1.952  -2.388  1.00 31.51 ? 119  LYS A O   1 
ATOM   947  C CB  . LYS A 1 119 ? 15.570  -4.768  -0.626  1.00 32.16 ? 119  LYS A CB  1 
ATOM   948  C CG  . LYS A 1 119 ? 15.668  -5.310  -2.046  1.00 38.23 ? 119  LYS A CG  1 
ATOM   949  C CD  . LYS A 1 119 ? 15.312  -6.786  -2.106  1.00 43.18 ? 119  LYS A CD  1 
ATOM   950  C CE  . LYS A 1 119 ? 16.310  -7.628  -1.326  1.00 44.32 ? 119  LYS A CE  1 
ATOM   951  N NZ  . LYS A 1 119 ? 15.971  -9.078  -1.375  1.00 47.37 ? 119  LYS A NZ  1 
ATOM   952  N N   . ALA A 1 120 ? 14.087  -2.026  -0.836  1.00 29.25 ? 120  ALA A N   1 
ATOM   953  C CA  . ALA A 1 120 ? 13.222  -1.107  -1.561  1.00 29.35 ? 120  ALA A CA  1 
ATOM   954  C C   . ALA A 1 120 ? 13.916  0.240   -1.737  1.00 26.91 ? 120  ALA A C   1 
ATOM   955  O O   . ALA A 1 120 ? 13.889  0.828   -2.817  1.00 28.37 ? 120  ALA A O   1 
ATOM   956  C CB  . ALA A 1 120 ? 11.911  -0.924  -0.810  1.00 26.73 ? 120  ALA A CB  1 
ATOM   957  N N   . ASP A 1 121 ? 14.539  0.723   -0.666  1.00 26.97 ? 121  ASP A N   1 
ATOM   958  C CA  . ASP A 1 121 ? 15.234  2.005   -0.701  1.00 27.33 ? 121  ASP A CA  1 
ATOM   959  C C   . ASP A 1 121 ? 16.410  1.981   -1.667  1.00 29.38 ? 121  ASP A C   1 
ATOM   960  O O   . ASP A 1 121 ? 16.609  2.921   -2.432  1.00 35.32 ? 121  ASP A O   1 
ATOM   961  C CB  . ASP A 1 121 ? 15.723  2.385   0.701   1.00 34.06 ? 121  ASP A CB  1 
ATOM   962  C CG  . ASP A 1 121 ? 16.533  3.672   0.709   1.00 33.86 ? 121  ASP A CG  1 
ATOM   963  O OD1 . ASP A 1 121 ? 16.062  4.685   0.145   1.00 34.52 ? 121  ASP A OD1 1 
ATOM   964  O OD2 . ASP A 1 121 ? 17.641  3.673   1.284   1.00 37.30 ? 121  ASP A OD2 1 
ATOM   965  N N   . GLU A 1 122 ? 17.190  0.905   -1.630  1.00 32.33 ? 122  GLU A N   1 
ATOM   966  C CA  . GLU A 1 122 ? 18.341  0.783   -2.517  1.00 35.15 ? 122  GLU A CA  1 
ATOM   967  C C   . GLU A 1 122 ? 17.895  0.710   -3.975  1.00 37.26 ? 122  GLU A C   1 
ATOM   968  O O   . GLU A 1 122 ? 18.682  0.966   -4.887  1.00 37.08 ? 122  GLU A O   1 
ATOM   969  C CB  . GLU A 1 122 ? 19.155  -0.463  -2.161  1.00 34.94 ? 122  GLU A CB  1 
ATOM   970  C CG  . GLU A 1 122 ? 19.743  -0.434  -0.759  1.00 41.78 ? 122  GLU A CG  1 
ATOM   971  C CD  . GLU A 1 122 ? 20.637  -1.625  -0.475  1.00 45.65 ? 122  GLU A CD  1 
ATOM   972  O OE1 . GLU A 1 122 ? 20.169  -2.775  -0.617  1.00 48.62 ? 122  GLU A OE1 1 
ATOM   973  O OE2 . GLU A 1 122 ? 21.810  -1.409  -0.106  1.00 49.44 ? 122  GLU A OE2 1 
ATOM   974  N N   . ALA A 1 123 ? 16.630  0.365   -4.189  1.00 32.61 ? 123  ALA A N   1 
ATOM   975  C CA  . ALA A 1 123 ? 16.085  0.262   -5.538  1.00 33.57 ? 123  ALA A CA  1 
ATOM   976  C C   . ALA A 1 123 ? 15.474  1.581   -6.006  1.00 31.84 ? 123  ALA A C   1 
ATOM   977  O O   . ALA A 1 123 ? 14.956  1.671   -7.121  1.00 34.65 ? 123  ALA A O   1 
ATOM   978  C CB  . ALA A 1 123 ? 15.044  -0.848  -5.597  1.00 33.56 ? 123  ALA A CB  1 
ATOM   979  N N   . GLY A 1 124 ? 15.531  2.599   -5.152  1.00 28.94 ? 124  GLY A N   1 
ATOM   980  C CA  . GLY A 1 124 ? 14.989  3.898   -5.511  1.00 31.36 ? 124  GLY A CA  1 
ATOM   981  C C   . GLY A 1 124 ? 13.537  4.116   -5.130  1.00 32.11 ? 124  GLY A C   1 
ATOM   982  O O   . GLY A 1 124 ? 12.939  5.125   -5.501  1.00 34.67 ? 124  GLY A O   1 
ATOM   983  N N   . LEU A 1 125 ? 12.966  3.175   -4.387  1.00 30.41 ? 125  LEU A N   1 
ATOM   984  C CA  . LEU A 1 125 ? 11.575  3.277   -3.957  1.00 30.00 ? 125  LEU A CA  1 
ATOM   985  C C   . LEU A 1 125 ? 11.424  4.196   -2.757  1.00 27.38 ? 125  LEU A C   1 
ATOM   986  O O   . LEU A 1 125 ? 12.216  4.140   -1.817  1.00 28.62 ? 125  LEU A O   1 
ATOM   987  C CB  . LEU A 1 125 ? 11.031  1.894   -3.587  1.00 29.03 ? 125  LEU A CB  1 
ATOM   988  C CG  . LEU A 1 125 ? 10.720  0.922   -4.726  1.00 35.65 ? 125  LEU A CG  1 
ATOM   989  C CD1 . LEU A 1 125 ? 9.460   1.375   -5.430  1.00 40.04 ? 125  LEU A CD1 1 
ATOM   990  C CD2 . LEU A 1 125 ? 11.895  0.846   -5.690  1.00 32.86 ? 125  LEU A CD2 1 
ATOM   991  N N   . ILE A 1 126 ? 10.405  5.047   -2.798  1.00 25.71 ? 126  ILE A N   1 
ATOM   992  C CA  . ILE A 1 126 ? 10.127  5.956   -1.697  1.00 24.71 ? 126  ILE A CA  1 
ATOM   993  C C   . ILE A 1 126 ? 9.489   5.098   -0.611  1.00 23.19 ? 126  ILE A C   1 
ATOM   994  O O   . ILE A 1 126 ? 8.679   4.226   -0.913  1.00 21.49 ? 126  ILE A O   1 
ATOM   995  C CB  . ILE A 1 126 ? 9.134   7.040   -2.115  1.00 26.69 ? 126  ILE A CB  1 
ATOM   996  C CG1 . ILE A 1 126 ? 9.722   7.861   -3.264  1.00 29.76 ? 126  ILE A CG1 1 
ATOM   997  C CG2 . ILE A 1 126 ? 8.815   7.936   -0.933  1.00 26.12 ? 126  ILE A CG2 1 
ATOM   998  C CD1 . ILE A 1 126 ? 8.751   8.862   -3.848  1.00 31.41 ? 126  ILE A CD1 1 
ATOM   999  N N   . ILE A 1 127 ? 9.849   5.346   0.644   1.00 22.10 ? 127  ILE A N   1 
ATOM   1000 C CA  . ILE A 1 127 ? 9.316   4.556   1.745   1.00 22.23 ? 127  ILE A CA  1 
ATOM   1001 C C   . ILE A 1 127 ? 8.429   5.326   2.719   1.00 22.36 ? 127  ILE A C   1 
ATOM   1002 O O   . ILE A 1 127 ? 8.829   6.351   3.277   1.00 22.28 ? 127  ILE A O   1 
ATOM   1003 C CB  . ILE A 1 127 ? 10.469  3.907   2.542   1.00 23.56 ? 127  ILE A CB  1 
ATOM   1004 C CG1 . ILE A 1 127 ? 11.328  3.066   1.595   1.00 28.70 ? 127  ILE A CG1 1 
ATOM   1005 C CG2 . ILE A 1 127 ? 9.919   3.028   3.670   1.00 21.46 ? 127  ILE A CG2 1 
ATOM   1006 C CD1 . ILE A 1 127 ? 12.605  2.566   2.211   1.00 36.24 ? 127  ILE A CD1 1 
ATOM   1007 N N   . VAL A 1 128 ? 7.209   4.834   2.897   1.00 21.85 ? 128  VAL A N   1 
ATOM   1008 C CA  . VAL A 1 128 ? 6.281   5.414   3.856   1.00 19.59 ? 128  VAL A CA  1 
ATOM   1009 C C   . VAL A 1 128 ? 6.146   4.264   4.841   1.00 21.85 ? 128  VAL A C   1 
ATOM   1010 O O   . VAL A 1 128 ? 5.939   3.119   4.434   1.00 17.12 ? 128  VAL A O   1 
ATOM   1011 C CB  . VAL A 1 128 ? 4.910   5.745   3.226   1.00 17.24 ? 128  VAL A CB  1 
ATOM   1012 C CG1 . VAL A 1 128 ? 3.959   6.267   4.298   1.00 17.20 ? 128  VAL A CG1 1 
ATOM   1013 C CG2 . VAL A 1 128 ? 5.084   6.788   2.126   1.00 18.10 ? 128  VAL A CG2 1 
ATOM   1014 N N   . ALA A 1 129 ? 6.295   4.544   6.129   1.00 22.03 ? 129  ALA A N   1 
ATOM   1015 C CA  . ALA A 1 129 ? 6.226   3.461   7.100   1.00 20.07 ? 129  ALA A CA  1 
ATOM   1016 C C   . ALA A 1 129 ? 5.539   3.792   8.411   1.00 21.79 ? 129  ALA A C   1 
ATOM   1017 O O   . ALA A 1 129 ? 5.729   4.866   8.997   1.00 20.83 ? 129  ALA A O   1 
ATOM   1018 C CB  . ALA A 1 129 ? 7.629   2.929   7.368   1.00 21.33 ? 129  ALA A CB  1 
ATOM   1019 N N   . ASN A 1 130 ? 4.746   2.829   8.864   1.00 18.27 ? 130  ASN A N   1 
ATOM   1020 C CA  . ASN A 1 130 ? 3.980   2.929   10.094  1.00 19.79 ? 130  ASN A CA  1 
ATOM   1021 C C   . ASN A 1 130 ? 2.982   4.080   10.054  1.00 18.31 ? 130  ASN A C   1 
ATOM   1022 O O   . ASN A 1 130 ? 2.918   4.910   10.960  1.00 18.49 ? 130  ASN A O   1 
ATOM   1023 C CB  . ASN A 1 130 ? 4.908   3.060   11.301  1.00 23.40 ? 130  ASN A CB  1 
ATOM   1024 C CG  . ASN A 1 130 ? 4.313   2.438   12.544  1.00 28.88 ? 130  ASN A CG  1 
ATOM   1025 O OD1 . ASN A 1 130 ? 3.808   1.315   12.497  1.00 30.06 ? 130  ASN A OD1 1 
ATOM   1026 N ND2 . ASN A 1 130 ? 4.370   3.155   13.662  1.00 30.96 ? 130  ASN A ND2 1 
ATOM   1027 N N   . ARG A 1 131 ? 2.223   4.116   8.963   1.00 15.16 ? 131  ARG A N   1 
ATOM   1028 C CA  . ARG A 1 131 ? 1.170   5.096   8.738   1.00 15.33 ? 131  ARG A CA  1 
ATOM   1029 C C   . ARG A 1 131 ? 0.083   4.307   8.015   1.00 15.90 ? 131  ARG A C   1 
ATOM   1030 O O   . ARG A 1 131 ? 0.344   3.226   7.490   1.00 18.07 ? 131  ARG A O   1 
ATOM   1031 C CB  . ARG A 1 131 ? 1.626   6.232   7.811   1.00 16.59 ? 131  ARG A CB  1 
ATOM   1032 C CG  . ARG A 1 131 ? 2.837   7.029   8.258   1.00 18.54 ? 131  ARG A CG  1 
ATOM   1033 C CD  . ARG A 1 131 ? 2.990   8.225   7.324   1.00 17.74 ? 131  ARG A CD  1 
ATOM   1034 N NE  . ARG A 1 131 ? 4.280   8.900   7.444   1.00 21.60 ? 131  ARG A NE  1 
ATOM   1035 C CZ  . ARG A 1 131 ? 4.440   10.134  7.910   1.00 20.46 ? 131  ARG A CZ  1 
ATOM   1036 N NH1 . ARG A 1 131 ? 3.391   10.838  8.312   1.00 24.75 ? 131  ARG A NH1 1 
ATOM   1037 N NH2 . ARG A 1 131 ? 5.652   10.670  7.958   1.00 23.39 ? 131  ARG A NH2 1 
ATOM   1038 N N   . CYS A 1 132 ? -1.127  4.846   7.989   1.00 14.26 ? 132  CYS A N   1 
ATOM   1039 C CA  . CYS A 1 132 ? -2.234  4.199   7.303   1.00 14.52 ? 132  CYS A CA  1 
ATOM   1040 C C   . CYS A 1 132 ? -2.680  5.114   6.168   1.00 15.01 ? 132  CYS A C   1 
ATOM   1041 O O   . CYS A 1 132 ? -2.885  6.307   6.384   1.00 17.84 ? 132  CYS A O   1 
ATOM   1042 C CB  . CYS A 1 132 ? -3.393  3.969   8.270   1.00 17.33 ? 132  CYS A CB  1 
ATOM   1043 S SG  . CYS A 1 132 ? -4.890  3.360   7.473   1.00 18.96 ? 132  CYS A SG  1 
ATOM   1044 N N   . MET A 1 133 ? -2.830  4.571   4.963   1.00 16.29 ? 133  MET A N   1 
ATOM   1045 C CA  . MET A 1 133 ? -3.243  5.398   3.830   1.00 14.37 ? 133  MET A CA  1 
ATOM   1046 C C   . MET A 1 133 ? -4.554  6.132   4.087   1.00 14.37 ? 133  MET A C   1 
ATOM   1047 O O   . MET A 1 133 ? -4.711  7.284   3.690   1.00 17.45 ? 133  MET A O   1 
ATOM   1048 C CB  . MET A 1 133 ? -3.352  4.563   2.550   1.00 18.72 ? 133  MET A CB  1 
ATOM   1049 C CG  . MET A 1 133 ? -2.001  4.152   1.970   1.00 16.73 ? 133  MET A CG  1 
ATOM   1050 S SD  . MET A 1 133 ? -2.114  3.631   0.237   1.00 19.17 ? 133  MET A SD  1 
ATOM   1051 C CE  . MET A 1 133 ? -2.154  5.253   -0.600  1.00 16.28 ? 133  MET A CE  1 
ATOM   1052 N N   . MET A 1 134 ? -5.494  5.470   4.754   1.00 15.91 ? 134  MET A N   1 
ATOM   1053 C CA  . MET A 1 134 ? -6.773  6.093   5.056   1.00 18.96 ? 134  MET A CA  1 
ATOM   1054 C C   . MET A 1 134 ? -6.628  7.195   6.100   1.00 17.99 ? 134  MET A C   1 
ATOM   1055 O O   . MET A 1 134 ? -7.144  8.302   5.922   1.00 21.32 ? 134  MET A O   1 
ATOM   1056 C CB  . MET A 1 134 ? -7.769  5.054   5.568   1.00 17.82 ? 134  MET A CB  1 
ATOM   1057 C CG  . MET A 1 134 ? -9.061  5.668   6.056   1.00 16.29 ? 134  MET A CG  1 
ATOM   1058 S SD  . MET A 1 134 ? -10.260 4.418   6.537   1.00 21.48 ? 134  MET A SD  1 
ATOM   1059 C CE  . MET A 1 134 ? -9.653  3.976   8.142   1.00 25.49 ? 134  MET A CE  1 
ATOM   1060 N N   . ARG A 1 135 ? -5.939  6.881   7.195   1.00 15.90 ? 135  ARG A N   1 
ATOM   1061 C CA  . ARG A 1 135 ? -5.731  7.845   8.264   1.00 19.46 ? 135  ARG A CA  1 
ATOM   1062 C C   . ARG A 1 135 ? -5.034  9.094   7.734   1.00 19.44 ? 135  ARG A C   1 
ATOM   1063 O O   . ARG A 1 135 ? -5.442  10.219  8.033   1.00 19.75 ? 135  ARG A O   1 
ATOM   1064 C CB  . ARG A 1 135 ? -4.884  7.231   9.379   1.00 22.45 ? 135  ARG A CB  1 
ATOM   1065 C CG  . ARG A 1 135 ? -4.956  8.002   10.689  1.00 33.02 ? 135  ARG A CG  1 
ATOM   1066 C CD  . ARG A 1 135 ? -5.719  7.209   11.743  1.00 48.74 ? 135  ARG A CD  1 
ATOM   1067 N NE  . ARG A 1 135 ? -4.881  6.188   12.369  1.00 53.81 ? 135  ARG A NE  1 
ATOM   1068 C CZ  . ARG A 1 135 ? -5.340  5.225   13.163  1.00 59.45 ? 135  ARG A CZ  1 
ATOM   1069 N NH1 . ARG A 1 135 ? -4.502  4.346   13.693  1.00 60.71 ? 135  ARG A NH1 1 
ATOM   1070 N NH2 . ARG A 1 135 ? -6.639  5.132   13.416  1.00 61.14 ? 135  ARG A NH2 1 
ATOM   1071 N N   . GLU A 1 136 ? -3.976  8.890   6.956   1.00 16.81 ? 136  GLU A N   1 
ATOM   1072 C CA  . GLU A 1 136 ? -3.224  10.008  6.391   1.00 16.56 ? 136  GLU A CA  1 
ATOM   1073 C C   . GLU A 1 136 ? -4.092  10.822  5.438   1.00 17.63 ? 136  GLU A C   1 
ATOM   1074 O O   . GLU A 1 136 ? -4.068  12.058  5.457   1.00 18.12 ? 136  GLU A O   1 
ATOM   1075 C CB  . GLU A 1 136 ? -1.980  9.495   5.656   1.00 15.58 ? 136  GLU A CB  1 
ATOM   1076 C CG  . GLU A 1 136 ? -0.916  8.885   6.554   1.00 20.87 ? 136  GLU A CG  1 
ATOM   1077 C CD  . GLU A 1 136 ? -0.482  9.825   7.662   1.00 22.58 ? 136  GLU A CD  1 
ATOM   1078 O OE1 . GLU A 1 136 ? -1.087  9.782   8.752   1.00 23.94 ? 136  GLU A OE1 1 
ATOM   1079 O OE2 . GLU A 1 136 ? 0.459   10.615  7.437   1.00 22.98 ? 136  GLU A OE2 1 
ATOM   1080 N N   . HIS A 1 137 ? -4.866  10.138  4.604   1.00 14.54 ? 137  HIS A N   1 
ATOM   1081 C CA  . HIS A 1 137 ? -5.723  10.840  3.664   1.00 17.88 ? 137  HIS A CA  1 
ATOM   1082 C C   . HIS A 1 137 ? -6.740  11.689  4.417   1.00 21.84 ? 137  HIS A C   1 
ATOM   1083 O O   . HIS A 1 137 ? -6.927  12.869  4.119   1.00 19.76 ? 137  HIS A O   1 
ATOM   1084 C CB  . HIS A 1 137 ? -6.433  9.844   2.746   1.00 17.87 ? 137  HIS A CB  1 
ATOM   1085 C CG  . HIS A 1 137 ? -7.186  10.490  1.627   1.00 16.93 ? 137  HIS A CG  1 
ATOM   1086 N ND1 . HIS A 1 137 ? -8.427  11.062  1.797   1.00 19.40 ? 137  HIS A ND1 1 
ATOM   1087 C CD2 . HIS A 1 137 ? -6.862  10.672  0.325   1.00 16.09 ? 137  HIS A CD2 1 
ATOM   1088 C CE1 . HIS A 1 137 ? -8.837  11.567  0.648   1.00 19.00 ? 137  HIS A CE1 1 
ATOM   1089 N NE2 . HIS A 1 137 ? -7.907  11.345  -0.262  1.00 19.35 ? 137  HIS A NE2 1 
ATOM   1090 N N   . GLU A 1 138 ? -7.386  11.090  5.410   1.00 18.51 ? 138  GLU A N   1 
ATOM   1091 C CA  . GLU A 1 138 ? -8.376  11.806  6.201   1.00 20.17 ? 138  GLU A CA  1 
ATOM   1092 C C   . GLU A 1 138 ? -7.826  13.062  6.867   1.00 22.68 ? 138  GLU A C   1 
ATOM   1093 O O   . GLU A 1 138 ? -8.426  14.133  6.770   1.00 23.50 ? 138  GLU A O   1 
ATOM   1094 C CB  . GLU A 1 138 ? -8.956  10.889  7.284   1.00 22.38 ? 138  GLU A CB  1 
ATOM   1095 C CG  . GLU A 1 138 ? -9.974  9.884   6.776   1.00 32.22 ? 138  GLU A CG  1 
ATOM   1096 C CD  . GLU A 1 138 ? -10.472 8.957   7.872   1.00 39.28 ? 138  GLU A CD  1 
ATOM   1097 O OE1 . GLU A 1 138 ? -11.473 8.246   7.642   1.00 43.64 ? 138  GLU A OE1 1 
ATOM   1098 O OE2 . GLU A 1 138 ? -9.859  8.936   8.960   1.00 46.10 ? 138  GLU A OE2 1 
ATOM   1099 N N   . ARG A 1 139 ? -6.686  12.936  7.539   1.00 21.00 ? 139  ARG A N   1 
ATOM   1100 C CA  . ARG A 1 139 ? -6.116  14.081  8.246   1.00 19.62 ? 139  ARG A CA  1 
ATOM   1101 C C   . ARG A 1 139 ? -5.380  15.098  7.379   1.00 24.85 ? 139  ARG A C   1 
ATOM   1102 O O   . ARG A 1 139 ? -5.297  16.272  7.739   1.00 24.83 ? 139  ARG A O   1 
ATOM   1103 C CB  . ARG A 1 139 ? -5.192  13.599  9.371   1.00 23.87 ? 139  ARG A CB  1 
ATOM   1104 C CG  . ARG A 1 139 ? -3.822  13.143  8.920   1.00 22.85 ? 139  ARG A CG  1 
ATOM   1105 C CD  . ARG A 1 139 ? -2.990  12.626  10.095  1.00 28.93 ? 139  ARG A CD  1 
ATOM   1106 N NE  . ARG A 1 139 ? -1.622  12.339  9.677   1.00 27.22 ? 139  ARG A NE  1 
ATOM   1107 C CZ  . ARG A 1 139 ? -0.679  13.262  9.513   1.00 19.51 ? 139  ARG A CZ  1 
ATOM   1108 N NH1 . ARG A 1 139 ? 0.535   12.907  9.114   1.00 24.04 ? 139  ARG A NH1 1 
ATOM   1109 N NH2 . ARG A 1 139 ? -0.938  14.536  9.778   1.00 29.25 ? 139  ARG A NH2 1 
ATOM   1110 N N   . LEU A 1 140 ? -4.860  14.666  6.236   1.00 21.06 ? 140  LEU A N   1 
ATOM   1111 C CA  . LEU A 1 140 ? -4.121  15.579  5.367   1.00 22.49 ? 140  LEU A CA  1 
ATOM   1112 C C   . LEU A 1 140 ? -4.926  16.169  4.219   1.00 22.88 ? 140  LEU A C   1 
ATOM   1113 O O   . LEU A 1 140 ? -4.652  17.288  3.779   1.00 24.43 ? 140  LEU A O   1 
ATOM   1114 C CB  . LEU A 1 140 ? -2.883  14.879  4.804   1.00 20.39 ? 140  LEU A CB  1 
ATOM   1115 C CG  . LEU A 1 140 ? -1.850  14.421  5.837   1.00 22.35 ? 140  LEU A CG  1 
ATOM   1116 C CD1 . LEU A 1 140 ? -0.780  13.578  5.156   1.00 20.79 ? 140  LEU A CD1 1 
ATOM   1117 C CD2 . LEU A 1 140 ? -1.228  15.633  6.512   1.00 27.67 ? 140  LEU A CD2 1 
ATOM   1118 N N   . LEU A 1 141 ? -5.917  15.430  3.731   1.00 22.00 ? 141  LEU A N   1 
ATOM   1119 C CA  . LEU A 1 141 ? -6.726  15.900  2.612   1.00 21.76 ? 141  LEU A CA  1 
ATOM   1120 C C   . LEU A 1 141 ? -8.221  15.972  2.918   1.00 27.97 ? 141  LEU A C   1 
ATOM   1121 O O   . LEU A 1 141 ? -8.993  16.527  2.134   1.00 28.70 ? 141  LEU A O   1 
ATOM   1122 C CB  . LEU A 1 141 ? -6.489  14.997  1.399   1.00 20.03 ? 141  LEU A CB  1 
ATOM   1123 C CG  . LEU A 1 141 ? -5.060  14.951  0.841   1.00 19.69 ? 141  LEU A CG  1 
ATOM   1124 C CD1 . LEU A 1 141 ? -4.918  13.812  -0.156  1.00 27.78 ? 141  LEU A CD1 1 
ATOM   1125 C CD2 . LEU A 1 141 ? -4.732  16.287  0.179   1.00 22.27 ? 141  LEU A CD2 1 
ATOM   1126 N N   . GLY A 1 142 ? -8.624  15.411  4.054   1.00 25.74 ? 142  GLY A N   1 
ATOM   1127 C CA  . GLY A 1 142 ? -10.025 15.419  4.434   1.00 29.39 ? 142  GLY A CA  1 
ATOM   1128 C C   . GLY A 1 142 ? -10.479 16.727  5.054   1.00 32.30 ? 142  GLY A C   1 
ATOM   1129 O O   . GLY A 1 142 ? -9.696  17.666  5.190   1.00 33.64 ? 142  GLY A O   1 
ATOM   1130 N N   . GLU A 1 143 ? -11.753 16.787  5.434   1.00 34.95 ? 143  GLU A N   1 
ATOM   1131 C CA  . GLU A 1 143 ? -12.323 17.985  6.039   1.00 34.20 ? 143  GLU A CA  1 
ATOM   1132 C C   . GLU A 1 143 ? -12.212 17.992  7.563   1.00 37.99 ? 143  GLU A C   1 
ATOM   1133 O O   . GLU A 1 143 ? -11.722 17.033  8.164   1.00 36.38 ? 143  GLU A O   1 
ATOM   1134 C CB  . GLU A 1 143 ? -13.791 18.124  5.623   1.00 39.32 ? 143  GLU A CB  1 
ATOM   1135 C CG  . GLU A 1 143 ? -13.988 18.308  4.125   1.00 43.42 ? 143  GLU A CG  1 
ATOM   1136 C CD  . GLU A 1 143 ? -15.450 18.286  3.720   1.00 48.80 ? 143  GLU A CD  1 
ATOM   1137 O OE1 . GLU A 1 143 ? -16.240 19.067  4.289   1.00 48.13 ? 143  GLU A OE1 1 
ATOM   1138 O OE2 . GLU A 1 143 ? -15.806 17.489  2.826   1.00 47.45 ? 143  GLU A OE2 1 
ATOM   1139 N N   . LYS A 1 144 ? -12.669 19.087  8.168   1.00 41.57 ? 144  LYS A N   1 
ATOM   1140 C CA  . LYS A 1 144 ? -12.654 19.291  9.618   1.00 48.00 ? 144  LYS A CA  1 
ATOM   1141 C C   . LYS A 1 144 ? -12.452 18.012  10.424  1.00 51.94 ? 144  LYS A C   1 
ATOM   1142 O O   . LYS A 1 144 ? -11.444 17.930  11.163  1.00 59.55 ? 144  LYS A O   1 
ATOM   1143 C CB  . LYS A 1 144 ? -13.960 19.956  10.062  1.00 51.69 ? 144  LYS A CB  1 
ATOM   1144 C CG  . LYS A 1 144 ? -14.219 21.322  9.442   1.00 52.45 ? 144  LYS A CG  1 
ATOM   1145 C CD  . LYS A 1 144 ? -13.258 22.375  9.974   1.00 53.36 ? 144  LYS A CD  1 
ATOM   1146 C CE  . LYS A 1 144 ? -13.476 22.626  11.457  1.00 56.92 ? 144  LYS A CE  1 
ATOM   1147 N NZ  . LYS A 1 144 ? -12.554 23.669  11.986  1.00 63.07 ? 144  LYS A NZ  1 
ATOM   1148 O OXT . LYS A 1 144 ? -13.309 17.109  10.314  1.00 56.74 ? 144  LYS A OXT 1 
HETATM 1149 O O   . HOH B 2 .   ? -12.078 4.382   -6.998  1.00 21.22 ? 1001 HOH A O   1 
HETATM 1150 O O   . HOH B 2 .   ? -13.873 2.158   5.202   1.00 24.09 ? 1002 HOH A O   1 
HETATM 1151 O O   . HOH B 2 .   ? -1.500  7.092   9.579   1.00 19.71 ? 1003 HOH A O   1 
HETATM 1152 O O   . HOH B 2 .   ? -10.311 0.992   -8.335  1.00 22.27 ? 1004 HOH A O   1 
HETATM 1153 O O   . HOH B 2 .   ? -10.930 -5.131  -10.801 1.00 22.21 ? 1005 HOH A O   1 
HETATM 1154 O O   . HOH B 2 .   ? 8.322   11.676  9.769   1.00 23.64 ? 1006 HOH A O   1 
HETATM 1155 O O   . HOH B 2 .   ? -10.154 1.759   -11.004 0.50 19.96 ? 1007 HOH A O   1 
HETATM 1156 O O   . HOH B 2 .   ? -8.320  12.390  -2.810  1.00 27.05 ? 1008 HOH A O   1 
HETATM 1157 O O   . HOH B 2 .   ? -15.786 -7.124  1.642   1.00 20.90 ? 1009 HOH A O   1 
HETATM 1158 O O   . HOH B 2 .   ? -15.509 -2.173  -6.883  1.00 25.52 ? 1010 HOH A O   1 
HETATM 1159 O O   . HOH B 2 .   ? -14.887 -2.338  5.990   1.00 25.43 ? 1011 HOH A O   1 
HETATM 1160 O O   . HOH B 2 .   ? -16.381 -8.547  -4.144  1.00 22.02 ? 1012 HOH A O   1 
HETATM 1161 O O   . HOH B 2 .   ? -8.337  -5.034  -9.805  1.00 23.36 ? 1013 HOH A O   1 
HETATM 1162 O O   . HOH B 2 .   ? -5.837  -6.346  7.449   1.00 20.97 ? 1014 HOH A O   1 
HETATM 1163 O O   . HOH B 2 .   ? -7.461  -5.189  -12.541 1.00 29.49 ? 1015 HOH A O   1 
HETATM 1164 O O   . HOH B 2 .   ? 7.441   -4.828  12.644  1.00 25.49 ? 1016 HOH A O   1 
HETATM 1165 O O   . HOH B 2 .   ? -15.265 -10.516 -2.527  1.00 29.28 ? 1017 HOH A O   1 
HETATM 1166 O O   . HOH B 2 .   ? 12.045  7.217   1.039   1.00 26.28 ? 1018 HOH A O   1 
HETATM 1167 O O   . HOH B 2 .   ? -2.771  -0.513  9.174   1.00 22.51 ? 1019 HOH A O   1 
HETATM 1168 O O   . HOH B 2 .   ? 4.486   19.678  6.123   1.00 26.00 ? 1020 HOH A O   1 
HETATM 1169 O O   . HOH B 2 .   ? -14.952 -8.446  -0.747  1.00 24.96 ? 1021 HOH A O   1 
HETATM 1170 O O   . HOH B 2 .   ? 1.715   7.124   12.012  1.00 30.19 ? 1022 HOH A O   1 
HETATM 1171 O O   . HOH B 2 .   ? -5.128  15.564  -3.455  1.00 25.89 ? 1023 HOH A O   1 
HETATM 1172 O O   . HOH B 2 .   ? 11.171  7.546   3.458   1.00 30.44 ? 1024 HOH A O   1 
HETATM 1173 O O   . HOH B 2 .   ? 5.031   -0.743  10.478  1.00 35.08 ? 1025 HOH A O   1 
HETATM 1174 O O   . HOH B 2 .   ? 5.357   17.494  8.760   1.00 27.46 ? 1026 HOH A O   1 
HETATM 1175 O O   . HOH B 2 .   ? -1.991  -3.110  9.474   1.00 33.19 ? 1027 HOH A O   1 
HETATM 1176 O O   . HOH B 2 .   ? -18.326 1.648   -1.416  1.00 41.05 ? 1028 HOH A O   1 
HETATM 1177 O O   . HOH B 2 .   ? -7.124  -5.956  10.769  1.00 32.66 ? 1029 HOH A O   1 
HETATM 1178 O O   . HOH B 2 .   ? -7.089  -13.683 -9.857  1.00 39.61 ? 1030 HOH A O   1 
HETATM 1179 O O   . HOH B 2 .   ? -12.167 11.732  4.547   1.00 31.66 ? 1031 HOH A O   1 
HETATM 1180 O O   . HOH B 2 .   ? 8.924   -12.482 2.461   1.00 31.55 ? 1032 HOH A O   1 
HETATM 1181 O O   . HOH B 2 .   ? 12.381  8.397   5.711   1.00 29.57 ? 1033 HOH A O   1 
HETATM 1182 O O   . HOH B 2 .   ? -9.680  -3.926  -13.757 1.00 30.65 ? 1034 HOH A O   1 
HETATM 1183 O O   . HOH B 2 .   ? 1.780   11.643  12.217  1.00 33.45 ? 1035 HOH A O   1 
HETATM 1184 O O   . HOH B 2 .   ? -8.081  0.704   9.739   1.00 44.72 ? 1036 HOH A O   1 
HETATM 1185 O O   . HOH B 2 .   ? -4.773  -8.335  5.764   1.00 37.27 ? 1037 HOH A O   1 
HETATM 1186 O O   . HOH B 2 .   ? 17.883  -6.124  2.816   1.00 37.03 ? 1038 HOH A O   1 
HETATM 1187 O O   . HOH B 2 .   ? -17.901 -2.400  5.529   1.00 34.77 ? 1039 HOH A O   1 
HETATM 1188 O O   . HOH B 2 .   ? -0.840  7.450   -2.987  1.00 25.21 ? 1040 HOH A O   1 
HETATM 1189 O O   . HOH B 2 .   ? 6.468   -11.487 10.545  1.00 45.18 ? 1041 HOH A O   1 
HETATM 1190 O O   . HOH B 2 .   ? 7.933   -13.210 -6.910  1.00 52.75 ? 1042 HOH A O   1 
HETATM 1191 O O   . HOH B 2 .   ? 1.630   18.343  -0.635  1.00 33.53 ? 1043 HOH A O   1 
HETATM 1192 O O   . HOH B 2 .   ? -7.176  10.563  10.392  1.00 39.73 ? 1044 HOH A O   1 
HETATM 1193 O O   . HOH B 2 .   ? -7.241  19.445  7.288   1.00 51.85 ? 1045 HOH A O   1 
HETATM 1194 O O   . HOH B 2 .   ? 8.104   9.831   13.983  1.00 32.44 ? 1046 HOH A O   1 
HETATM 1195 O O   . HOH B 2 .   ? -8.757  6.008   10.830  1.00 56.09 ? 1047 HOH A O   1 
HETATM 1196 O O   . HOH B 2 .   ? -19.525 4.722   2.574   1.00 39.96 ? 1048 HOH A O   1 
HETATM 1197 O O   . HOH B 2 .   ? 10.729  7.882   -10.115 1.00 55.76 ? 1049 HOH A O   1 
HETATM 1198 O O   . HOH B 2 .   ? 10.311  6.143   -6.513  1.00 33.61 ? 1050 HOH A O   1 
HETATM 1199 O O   . HOH B 2 .   ? -6.625  -9.304  -15.179 1.00 45.25 ? 1051 HOH A O   1 
HETATM 1200 O O   . HOH B 2 .   ? -10.661 -10.916 11.603  1.00 48.61 ? 1052 HOH A O   1 
HETATM 1201 O O   . HOH B 2 .   ? 3.781   -0.414  -13.002 1.00 43.53 ? 1053 HOH A O   1 
HETATM 1202 O O   . HOH B 2 .   ? -5.694  6.701   -11.498 1.00 51.80 ? 1054 HOH A O   1 
HETATM 1203 O O   . HOH B 2 .   ? 11.056  -7.433  -13.459 1.00 40.46 ? 1055 HOH A O   1 
HETATM 1204 O O   . HOH B 2 .   ? -15.152 3.982   3.878   1.00 45.19 ? 1056 HOH A O   1 
HETATM 1205 O O   . HOH B 2 .   ? 5.350   -12.752 -8.648  1.00 33.23 ? 1057 HOH A O   1 
HETATM 1206 O O   . HOH B 2 .   ? -5.368  -13.909 -6.300  1.00 31.98 ? 1058 HOH A O   1 
HETATM 1207 O O   . HOH B 2 .   ? 14.697  2.038   4.313   1.00 34.80 ? 1059 HOH A O   1 
HETATM 1208 O O   . HOH B 2 .   ? -11.656 12.570  -2.368  1.00 39.15 ? 1060 HOH A O   1 
HETATM 1209 O O   . HOH B 2 .   ? 1.945   16.716  11.814  1.00 49.84 ? 1061 HOH A O   1 
HETATM 1210 O O   . HOH B 2 .   ? 3.936   -0.991  14.011  1.00 56.28 ? 1062 HOH A O   1 
HETATM 1211 O O   . HOH B 2 .   ? -1.301  -11.363 0.143   1.00 38.78 ? 1063 HOH A O   1 
HETATM 1212 O O   . HOH B 2 .   ? 1.036   9.531   10.582  1.00 31.32 ? 1064 HOH A O   1 
HETATM 1213 O O   . HOH B 2 .   ? -21.327 1.654   3.556   1.00 56.72 ? 1065 HOH A O   1 
HETATM 1214 O O   . HOH B 2 .   ? -8.924  -5.437  1.053   1.00 22.65 ? 1066 HOH A O   1 
HETATM 1215 O O   . HOH B 2 .   ? -15.271 -7.736  -9.940  1.00 27.02 ? 1067 HOH A O   1 
HETATM 1216 O O   . HOH B 2 .   ? -8.508  -12.316 5.185   1.00 29.78 ? 1068 HOH A O   1 
HETATM 1217 O O   . HOH B 2 .   ? -5.242  -3.918  -14.055 1.00 36.99 ? 1069 HOH A O   1 
HETATM 1218 O O   . HOH B 2 .   ? -5.476  0.937   9.194   1.00 34.28 ? 1070 HOH A O   1 
HETATM 1219 O O   . HOH B 2 .   ? -7.702  15.043  -2.469  1.00 36.85 ? 1071 HOH A O   1 
HETATM 1220 O O   . HOH B 2 .   ? 8.282   18.829  2.928   1.00 35.24 ? 1072 HOH A O   1 
HETATM 1221 O O   . HOH B 2 .   ? -13.134 1.461   -8.596  0.50 31.24 ? 1073 HOH A O   1 
HETATM 1222 O O   . HOH B 2 .   ? -16.756 -4.161  3.427   1.00 31.33 ? 1074 HOH A O   1 
HETATM 1223 O O   . HOH B 2 .   ? 18.879  1.848   2.852   1.00 37.71 ? 1075 HOH A O   1 
HETATM 1224 O O   . HOH B 2 .   ? 3.755   13.388  11.789  1.00 48.16 ? 1076 HOH A O   1 
HETATM 1225 O O   . HOH B 2 .   ? -9.999  -6.749  -14.173 1.00 48.90 ? 1077 HOH A O   1 
HETATM 1226 O O   . HOH B 2 .   ? -15.580 -2.429  9.728   1.00 39.76 ? 1078 HOH A O   1 
HETATM 1227 O O   . HOH B 2 .   ? -12.666 -11.412 -10.231 1.00 40.15 ? 1079 HOH A O   1 
HETATM 1228 O O   . HOH B 2 .   ? 18.147  1.624   5.915   1.00 59.27 ? 1080 HOH A O   1 
HETATM 1229 O O   . HOH B 2 .   ? -3.267  12.663  -9.982  1.00 45.02 ? 1081 HOH A O   1 
HETATM 1230 O O   . HOH B 2 .   ? -5.300  9.212   -12.454 1.00 46.57 ? 1082 HOH A O   1 
HETATM 1231 O O   . HOH B 2 .   ? -7.992  -7.389  -16.522 1.00 45.55 ? 1083 HOH A O   1 
HETATM 1232 O O   . HOH B 2 .   ? 5.207   3.154   -11.035 1.00 43.02 ? 1084 HOH A O   1 
HETATM 1233 O O   . HOH B 2 .   ? 7.376   15.206  10.087  1.00 52.39 ? 1085 HOH A O   1 
HETATM 1234 O O   . HOH B 2 .   ? 6.174   -2.069  13.097  1.00 48.31 ? 1086 HOH A O   1 
HETATM 1235 O O   . HOH B 2 .   ? -17.082 -1.144  -2.472  1.00 55.00 ? 1087 HOH A O   1 
HETATM 1236 O O   . HOH B 2 .   ? 6.559   -15.040 9.730   1.00 52.21 ? 1088 HOH A O   1 
HETATM 1237 O O   . HOH B 2 .   ? -0.580  18.935  8.463   1.00 44.17 ? 1089 HOH A O   1 
HETATM 1238 O O   . HOH B 2 .   ? 2.498   -13.507 -3.646  1.00 50.61 ? 1090 HOH A O   1 
HETATM 1239 O O   . HOH B 2 .   ? -1.312  -12.513 2.475   1.00 47.50 ? 1091 HOH A O   1 
HETATM 1240 O O   . HOH B 2 .   ? 12.660  -12.378 10.410  1.00 41.92 ? 1092 HOH A O   1 
HETATM 1241 O O   . HOH B 2 .   ? 11.871  -12.726 5.380   1.00 48.26 ? 1093 HOH A O   1 
HETATM 1242 O O   . HOH B 2 .   ? -18.460 16.389  2.364   1.00 56.38 ? 1094 HOH A O   1 
HETATM 1243 O O   . HOH B 2 .   ? 4.324   12.502  -8.621  1.00 59.07 ? 1095 HOH A O   1 
HETATM 1244 O O   . HOH B 2 .   ? -0.488  -9.306  -16.777 1.00 45.27 ? 1096 HOH A O   1 
HETATM 1245 O O   . HOH B 2 .   ? 13.305  10.911  5.068   1.00 48.20 ? 1097 HOH A O   1 
HETATM 1246 O O   . HOH B 2 .   ? 10.788  2.180   -9.330  1.00 44.16 ? 1098 HOH A O   1 
HETATM 1247 O O   . HOH B 2 .   ? -13.087 -3.140  12.786  1.00 49.25 ? 1099 HOH A O   1 
HETATM 1248 O O   . HOH B 2 .   ? 7.176   9.460   -10.436 1.00 47.58 ? 1100 HOH A O   1 
HETATM 1249 O O   . HOH B 2 .   ? 4.571   13.454  8.900   1.00 30.44 ? 1101 HOH A O   1 
HETATM 1250 O O   . HOH B 2 .   ? 11.219  15.353  3.006   1.00 33.24 ? 1102 HOH A O   1 
HETATM 1251 O O   . HOH B 2 .   ? -18.929 -9.025  -8.703  1.00 40.28 ? 1103 HOH A O   1 
HETATM 1252 O O   . HOH B 2 .   ? -12.312 -8.147  -13.658 1.00 34.62 ? 1104 HOH A O   1 
HETATM 1253 O O   . HOH B 2 .   ? -13.352 -9.168  -11.353 1.00 36.59 ? 1105 HOH A O   1 
HETATM 1254 O O   . HOH B 2 .   ? -19.886 -4.126  5.836   1.00 36.67 ? 1106 HOH A O   1 
HETATM 1255 O O   . HOH B 2 .   ? -15.252 0.242   6.443   1.00 25.47 ? 1107 HOH A O   1 
HETATM 1256 O O   . HOH B 2 .   ? -15.219 6.011   5.669   1.00 44.85 ? 1108 HOH A O   1 
HETATM 1257 O O   . HOH B 2 .   ? -21.975 -2.333  4.626   1.00 47.88 ? 1109 HOH A O   1 
HETATM 1258 O O   . HOH B 2 .   ? -15.111 2.018   -6.509  1.00 45.83 ? 1110 HOH A O   1 
HETATM 1259 O O   . HOH B 2 .   ? -5.971  13.970  -5.438  1.00 31.77 ? 1111 HOH A O   1 
HETATM 1260 O O   . HOH B 2 .   ? -3.412  4.325   -17.494 1.00 68.36 ? 1112 HOH A O   1 
HETATM 1261 O O   . HOH B 2 .   ? -8.013  10.358  -5.215  1.00 31.43 ? 1113 HOH A O   1 
HETATM 1262 O O   . HOH B 2 .   ? -19.281 -6.588  -6.517  1.00 47.19 ? 1114 HOH A O   1 
HETATM 1263 O O   . HOH B 2 .   ? 13.605  5.603   -0.239  1.00 36.66 ? 1115 HOH A O   1 
HETATM 1264 O O   . HOH B 2 .   ? 2.916   2.237   16.168  1.00 53.22 ? 1116 HOH A O   1 
HETATM 1265 O O   . HOH B 2 .   ? -18.222 -5.904  2.042   1.00 29.67 ? 1117 HOH A O   1 
HETATM 1266 O O   . HOH B 2 .   ? -2.712  -14.666 2.350   1.00 44.01 ? 1118 HOH A O   1 
HETATM 1267 O O   . HOH B 2 .   ? -4.618  3.429   -15.511 1.00 40.05 ? 1119 HOH A O   1 
HETATM 1268 O O   . HOH B 2 .   ? 14.722  0.784   8.324   0.50 21.10 ? 1120 HOH A O   1 
HETATM 1269 O O   . HOH B 2 .   ? 2.062   20.288  5.315   1.00 48.51 ? 1121 HOH A O   1 
HETATM 1270 O O   . HOH B 2 .   ? 17.060  1.865   8.244   1.00 46.42 ? 1122 HOH A O   1 
HETATM 1271 O O   . HOH B 2 .   ? -11.342 17.809  1.756   1.00 36.27 ? 1123 HOH A O   1 
# 
